data_5GSE
#
_entry.id   5GSE
#
_cell.length_a   90.582
_cell.length_b   101.804
_cell.length_c   102.427
_cell.angle_alpha   119.300
_cell.angle_beta   106.510
_cell.angle_gamma   91.360
#
_symmetry.space_group_name_H-M   'P 1'
#
loop_
_entity.id
_entity.type
_entity.pdbx_description
1 polymer 'Histone H3.1'
2 polymer 'Histone H4'
3 polymer 'Histone H2A type 1-B/E'
4 polymer 'Histone H2B type 1-J'
5 polymer 'DNA (250-MER)'
6 polymer 'DNA (250-MER)'
#
loop_
_entity_poly.entity_id
_entity_poly.type
_entity_poly.pdbx_seq_one_letter_code
_entity_poly.pdbx_strand_id
1 'polypeptide(L)'
;GSHMARTKQTARKSTGGKAPRKQLATKAARKSAPATGGVKKPHRYRPGTVALREIRRYQKSTELLIRKLPFQRLVREIAQ
DFKTDLRFQSSAVMALQEACEAYLVGLFEDTNLCAIHAKRVTIMPKDIQLARRIRGERA
;
A,E,K,O
2 'polypeptide(L)'
;GSHMSGRGKGGKGLGKGGAKRHRKVLRDNIQGITKPAIRRLARRGGVKRISGLIYEETRGVLKVFLENVIRDAVTYTEHA
KRKTVTAMDVVYALKRQGRTLYGFGG
;
B,F,L,P
3 'polypeptide(L)'
;GSHMSGRGKQGGKARAKAKTRSSRAGLQFPVGRVHRLLRKGNYSERVGAGAPVYLAAVLEYLTAEILELAGNAARDNKKT
RIIPRHLQLAIRNDEELNKLLGRVTIAQGGVLPNIQAVLLPKKTESHHKAKGK
;
C,G,M
4 'polypeptide(L)'
;GSHMPEPAKSAPAPKKGSKKAVTKAQKKDGKKRKRSRKESYSIYVYKVLKQVHPDTGISSKAMGIMNSFVNDIFERIAGE
ASRLAHYNKRSTITSREIQTAVRLLLPGELAKHAVSEGTKAVTKYTSAK
;
D,H,N
5 'polydeoxyribonucleotide'
;(DA)(DT)(DC)(DG)(DG)(DA)(DT)(DG)(DT)(DA)(DT)(DA)(DT)(DA)(DT)(DC)(DT)(DG)(DA)(DC)
(DA)(DC)(DG)(DT)(DG)(DC)(5CM)(DT)(DG)(DG)(DA)(DG)(DA)(DC)(DT)(DA)(DG)(DG)(DG)
(DA)(DG)(DT)(DA)(DA)(DT)(DC)(DC)(DC)(DC)(DT)(DT)(DG)(DG)(DC)(DG)(DG)(DT)(DT)(DA)
(DA)(DA)(DA)(DC)(DG)(DC)(DG)(DG)(DG)(DG)(DG)(DA)(DC)(DA)(DG)(DC)(DG)(DC)(DG)(DT)
(DA)(DC)(DG)(DT)(DG)(DC)(DG)(DT)(DT)(DT)(DA)(DA)(DG)(DC)(DG)(DG)(DT)(DG)(DC)(DT)
(DA)(DG)(DA)(DG)(DC)(DT)(DG)(DT)(DC)(DT)(DA)(DC)(DG)(DA)(DC)(DC)(DA)(DA)(DT)(DT)
(DG)(DA)(DG)(DC)(DT)(DC)(DG)(DA)(DG)(DC)(5CM)(DT)(DG)(DG)(DA)(DG)(DA)(DC)(DT)
(DA)(DG)(DG)(DG)(DA)(DG)(DT)(DA)(DA)(DT)(DC)(DC)(DC)(DC)(DT)(DT)(DG)(DG)(DC)(DG)
(DG)(DT)(DT)(DA)(DA)(DA)(DA)(DC)(DG)(DC)(DG)(DG)(DG)(DG)(DG)(DA)(DC)(DA)(DG)(DC)
(DG)(DC)(DG)(DT)(DA)(DC)(DG)(DT)(DG)(DC)(DG)(DT)(DT)(DT)(DA)(DA)(DG)(DC)(DG)(DG)
(DT)(DG)(DC)(DT)(DA)(DG)(DA)(DG)(DC)(DT)(DG)(DT)(DC)(DT)(DA)(DC)(DG)(DA)(DC)(DC)
(DA)(DA)(DT)(DT)(DG)(DA)(DG)(DC)(DG)(DG)(DC)(DC)(DT)(DC)(DG)(DG)(DC)(DA)(DC)(DC)
(DG)(DG)(DG)(DA)(DT)(DT)(DC)(DT)(DC)(DG)(DA)(DT)
;
I
6 'polydeoxyribonucleotide'
;(DA)(DT)(DC)(DG)(DA)(DG)(DA)(DA)(DT)(DC)(DC)(DC)(DG)(DG)(DT)(DG)(DC)(DC)(DG)(DA)
(DG)(DG)(DC)(DC)(DG)(DC)(DT)(DC)(DA)(DA)(DT)(DT)(DG)(DG)(DT)(DC)(DG)(DT)(DA)(DG)
(DA)(DC)(DA)(DG)(DC)(DT)(DC)(DT)(DA)(DG)(DC)(DA)(DC)(DC)(DG)(DC)(DT)(DT)(DA)(DA)
(DA)(DC)(DG)(DC)(DA)(DC)(DG)(DT)(DA)(DC)(DG)(DC)(DG)(DC)(DT)(DG)(DT)(DC)(DC)(DC)
(DC)(DC)(DG)(DC)(DG)(DT)(DT)(DT)(DT)(DA)(DA)(DC)(DC)(DG)(DC)(DC)(DA)(DA)(DG)(DG)
(DG)(DG)(DA)(DT)(DT)(DA)(DC)(DT)(DC)(DC)(DC)(DT)(DA)(DG)(DT)(DC)(DT)(DC)(5CM)
(DA)(DG)(DG)(DC)(DT)(DC)(DG)(DA)(DG)(DC)(DT)(DC)(DA)(DA)(DT)(DT)(DG)(DG)(DT)(DC)
(DG)(DT)(DA)(DG)(DA)(DC)(DA)(DG)(DC)(DT)(DC)(DT)(DA)(DG)(DC)(DA)(DC)(DC)(DG)(DC)
(DT)(DT)(DA)(DA)(DA)(DC)(DG)(DC)(DA)(DC)(DG)(DT)(DA)(DC)(DG)(DC)(DG)(DC)(DT)(DG)
(DT)(DC)(DC)(DC)(DC)(DC)(DG)(DC)(DG)(DT)(DT)(DT)(DT)(DA)(DA)(DC)(DC)(DG)(DC)(DC)
(DA)(DA)(DG)(DG)(DG)(DG)(DA)(DT)(DT)(DA)(DC)(DT)(DC)(DC)(DC)(DT)(DA)(DG)(DT)(DC)
(DT)(DC)(5CM)(DA)(DG)(DG)(DC)(DA)(DC)(DG)(DT)(DG)(DT)(DC)(DA)(DG)(DA)(DT)(DA)
(DT)(DA)(DT)(DA)(DC)(DA)(DT)(DC)(DC)(DG)(DA)(DT)
;
J
#
loop_
_chem_comp.id
_chem_comp.type
_chem_comp.name
_chem_comp.formula
5CM DNA linking 5-METHYL-2'-DEOXY-CYTIDINE-5'-MONOPHOSPHATE 'C10 H16 N3 O7 P'
DA DNA linking 2'-DEOXYADENOSINE-5'-MONOPHOSPHATE 'C10 H14 N5 O6 P'
DC DNA linking 2'-DEOXYCYTIDINE-5'-MONOPHOSPHATE 'C9 H14 N3 O7 P'
DG DNA linking 2'-DEOXYGUANOSINE-5'-MONOPHOSPHATE 'C10 H14 N5 O7 P'
DT DNA linking THYMIDINE-5'-MONOPHOSPHATE 'C10 H15 N2 O8 P'
#
# COMPACT_ATOMS: atom_id res chain seq x y z
N HIS A 43 2.08 37.87 -27.11
CA HIS A 43 2.57 37.30 -25.86
C HIS A 43 3.45 36.08 -26.09
N ARG A 44 4.27 35.75 -25.09
CA ARG A 44 5.30 34.73 -25.24
C ARG A 44 5.27 33.84 -24.02
N TYR A 45 5.64 32.57 -24.21
CA TYR A 45 5.40 31.53 -23.23
C TYR A 45 6.42 31.60 -22.10
N ARG A 46 5.94 31.49 -20.85
CA ARG A 46 6.82 31.43 -19.71
C ARG A 46 7.72 30.21 -19.80
N PRO A 47 8.94 30.29 -19.27
CA PRO A 47 9.81 29.11 -19.25
C PRO A 47 9.14 27.96 -18.52
N GLY A 48 9.19 26.77 -19.12
CA GLY A 48 8.64 25.60 -18.48
C GLY A 48 7.19 25.32 -18.80
N THR A 49 6.62 25.98 -19.81
CA THR A 49 5.28 25.71 -20.26
C THR A 49 5.27 24.78 -21.48
N VAL A 50 6.05 25.12 -22.50
CA VAL A 50 6.20 24.21 -23.63
C VAL A 50 6.77 22.88 -23.16
N ALA A 51 7.48 22.86 -22.03
CA ALA A 51 7.97 21.60 -21.48
C ALA A 51 6.82 20.71 -21.04
N LEU A 52 5.85 21.28 -20.33
CA LEU A 52 4.70 20.50 -19.89
C LEU A 52 3.76 20.18 -21.05
N ARG A 53 3.69 21.07 -22.04
CA ARG A 53 2.99 20.73 -23.28
C ARG A 53 3.63 19.51 -23.94
N GLU A 54 4.95 19.45 -23.98
CA GLU A 54 5.63 18.29 -24.55
C GLU A 54 5.42 17.05 -23.70
N ILE A 55 5.33 17.22 -22.38
CA ILE A 55 5.09 16.07 -21.50
C ILE A 55 3.72 15.48 -21.79
N ARG A 56 2.67 16.31 -21.77
CA ARG A 56 1.32 15.83 -22.12
C ARG A 56 1.33 15.19 -23.50
N ARG A 57 1.97 15.85 -24.46
CA ARG A 57 1.96 15.38 -25.84
C ARG A 57 2.62 14.01 -25.98
N TYR A 58 3.78 13.82 -25.35
CA TYR A 58 4.53 12.59 -25.54
C TYR A 58 4.05 11.47 -24.63
N GLN A 59 3.45 11.80 -23.49
CA GLN A 59 2.82 10.76 -22.68
C GLN A 59 1.55 10.27 -23.35
N LYS A 60 0.83 11.17 -24.02
CA LYS A 60 -0.31 10.74 -24.82
C LYS A 60 0.14 10.04 -26.09
N SER A 61 1.32 10.40 -26.60
CA SER A 61 1.85 9.78 -27.82
C SER A 61 2.24 8.32 -27.55
N THR A 62 2.50 7.59 -28.64
CA THR A 62 2.87 6.17 -28.51
C THR A 62 3.87 5.73 -29.57
N GLU A 63 4.69 6.63 -30.08
CA GLU A 63 5.63 6.30 -31.16
C GLU A 63 7.07 6.34 -30.66
N LEU A 64 7.96 5.81 -31.50
CA LEU A 64 9.38 5.81 -31.16
C LEU A 64 9.94 7.21 -31.25
N LEU A 65 10.81 7.56 -30.29
CA LEU A 65 11.30 8.92 -30.14
C LEU A 65 12.75 9.09 -30.55
N ILE A 66 13.43 8.02 -30.93
CA ILE A 66 14.80 8.07 -31.43
C ILE A 66 14.77 7.90 -32.93
N ARG A 67 15.51 8.75 -33.64
CA ARG A 67 15.54 8.68 -35.10
C ARG A 67 15.99 7.31 -35.55
N LYS A 68 15.33 6.77 -36.59
CA LYS A 68 15.43 5.34 -36.89
C LYS A 68 16.83 4.95 -37.34
N LEU A 69 17.40 5.69 -38.29
CA LEU A 69 18.63 5.22 -38.90
C LEU A 69 19.86 5.42 -38.00
N PRO A 70 20.00 6.56 -37.30
CA PRO A 70 21.10 6.64 -36.31
C PRO A 70 21.05 5.51 -35.28
N PHE A 71 19.86 5.19 -34.76
CA PHE A 71 19.77 4.08 -33.83
C PHE A 71 20.14 2.77 -34.51
N GLN A 72 19.73 2.60 -35.76
CA GLN A 72 20.05 1.38 -36.49
C GLN A 72 21.56 1.18 -36.58
N ARG A 73 22.31 2.21 -37.03
CA ARG A 73 23.75 2.01 -37.11
C ARG A 73 24.39 1.94 -35.73
N LEU A 74 23.81 2.58 -34.72
CA LEU A 74 24.31 2.38 -33.37
C LEU A 74 24.27 0.90 -33.01
N VAL A 75 23.10 0.27 -33.22
CA VAL A 75 22.95 -1.16 -32.93
C VAL A 75 23.94 -1.98 -33.74
N ARG A 76 24.14 -1.61 -35.00
CA ARG A 76 25.05 -2.41 -35.82
C ARG A 76 26.49 -2.27 -35.34
N GLU A 77 26.90 -1.04 -35.04
CA GLU A 77 28.25 -0.78 -34.54
C GLU A 77 28.52 -1.52 -33.24
N ILE A 78 27.57 -1.46 -32.31
CA ILE A 78 27.72 -2.19 -31.04
C ILE A 78 27.82 -3.68 -31.29
N ALA A 79 26.99 -4.19 -32.20
CA ALA A 79 27.00 -5.62 -32.46
C ALA A 79 28.30 -6.10 -33.12
N GLN A 80 28.95 -5.22 -33.90
CA GLN A 80 30.18 -5.64 -34.57
C GLN A 80 31.29 -5.99 -33.58
N ASP A 81 31.22 -5.47 -32.34
CA ASP A 81 32.24 -5.79 -31.36
C ASP A 81 32.15 -7.25 -30.94
N PHE A 82 30.94 -7.78 -30.77
CA PHE A 82 30.77 -9.13 -30.27
C PHE A 82 30.89 -10.16 -31.39
N LYS A 83 30.51 -9.80 -32.61
CA LYS A 83 30.73 -10.67 -33.76
C LYS A 83 30.65 -9.83 -35.03
N THR A 84 31.53 -10.16 -35.98
CA THR A 84 31.67 -9.41 -37.21
C THR A 84 30.82 -10.03 -38.31
N ASP A 85 30.58 -9.23 -39.34
CA ASP A 85 29.88 -9.67 -40.56
C ASP A 85 28.46 -10.14 -40.25
N LEU A 86 27.71 -9.32 -39.52
CA LEU A 86 26.36 -9.65 -39.09
C LEU A 86 25.32 -8.95 -39.95
N ARG A 87 24.24 -9.67 -40.26
CA ARG A 87 23.02 -9.09 -40.78
C ARG A 87 21.97 -9.02 -39.68
N PHE A 88 21.00 -8.14 -39.88
CA PHE A 88 19.88 -7.96 -38.96
C PHE A 88 18.59 -7.97 -39.74
N GLN A 89 17.65 -8.84 -39.37
CA GLN A 89 16.29 -8.64 -39.85
C GLN A 89 15.73 -7.40 -39.18
N SER A 90 14.92 -6.63 -39.93
CA SER A 90 14.45 -5.33 -39.44
C SER A 90 13.69 -5.48 -38.13
N SER A 91 12.88 -6.54 -38.02
CA SER A 91 12.19 -6.86 -36.77
C SER A 91 13.14 -6.83 -35.58
N ALA A 92 14.39 -7.27 -35.77
CA ALA A 92 15.33 -7.35 -34.66
C ALA A 92 15.75 -5.95 -34.19
N VAL A 93 16.19 -5.09 -35.11
CA VAL A 93 16.60 -3.74 -34.72
C VAL A 93 15.43 -2.97 -34.15
N MET A 94 14.21 -3.23 -34.63
CA MET A 94 13.07 -2.52 -34.08
C MET A 94 12.67 -3.05 -32.71
N ALA A 95 12.82 -4.35 -32.47
CA ALA A 95 12.71 -4.88 -31.12
C ALA A 95 13.72 -4.21 -30.19
N LEU A 96 14.96 -4.05 -30.65
CA LEU A 96 15.98 -3.44 -29.83
C LEU A 96 15.68 -1.96 -29.54
N GLN A 97 15.03 -1.28 -30.49
CA GLN A 97 14.68 0.12 -30.26
C GLN A 97 13.50 0.25 -29.30
N GLU A 98 12.50 -0.62 -29.42
CA GLU A 98 11.39 -0.61 -28.47
C GLU A 98 11.89 -0.88 -27.06
N ALA A 99 12.78 -1.87 -26.92
CA ALA A 99 13.38 -2.15 -25.62
C ALA A 99 14.15 -0.95 -25.09
N CYS A 100 15.08 -0.43 -25.91
CA CYS A 100 15.90 0.70 -25.49
C CYS A 100 15.03 1.87 -25.02
N GLU A 101 14.09 2.31 -25.85
CA GLU A 101 13.29 3.48 -25.49
C GLU A 101 12.43 3.23 -24.26
N ALA A 102 11.81 2.05 -24.15
CA ALA A 102 11.04 1.74 -22.95
C ALA A 102 11.93 1.82 -21.70
N TYR A 103 13.08 1.16 -21.75
CA TYR A 103 14.03 1.21 -20.64
C TYR A 103 14.39 2.65 -20.28
N LEU A 104 14.63 3.49 -21.29
CA LEU A 104 15.05 4.87 -21.02
C LEU A 104 13.92 5.71 -20.43
N VAL A 105 12.67 5.50 -20.84
CA VAL A 105 11.61 6.29 -20.25
C VAL A 105 11.36 5.87 -18.81
N GLY A 106 11.47 4.57 -18.51
CA GLY A 106 11.32 4.14 -17.13
C GLY A 106 12.43 4.68 -16.23
N LEU A 107 13.67 4.57 -16.71
CA LEU A 107 14.80 5.17 -15.99
C LEU A 107 14.58 6.66 -15.78
N PHE A 108 14.02 7.34 -16.78
CA PHE A 108 13.83 8.78 -16.65
C PHE A 108 12.75 9.11 -15.62
N GLU A 109 11.73 8.25 -15.48
CA GLU A 109 10.77 8.49 -14.41
C GLU A 109 11.41 8.29 -13.04
N ASP A 110 12.21 7.24 -12.88
CA ASP A 110 12.90 7.04 -11.60
C ASP A 110 13.84 8.20 -11.30
N THR A 111 14.62 8.64 -12.29
CA THR A 111 15.50 9.78 -12.13
C THR A 111 14.74 11.03 -11.73
N ASN A 112 13.56 11.25 -12.34
CA ASN A 112 12.73 12.39 -11.96
C ASN A 112 12.29 12.28 -10.50
N LEU A 113 11.99 11.05 -10.05
CA LEU A 113 11.64 10.87 -8.65
C LEU A 113 12.79 11.21 -7.72
N CYS A 114 14.02 10.81 -8.08
CA CYS A 114 15.17 11.19 -7.25
C CYS A 114 15.32 12.70 -7.19
N ALA A 115 15.25 13.35 -8.36
CA ALA A 115 15.36 14.81 -8.41
C ALA A 115 14.33 15.48 -7.51
N ILE A 116 13.07 15.08 -7.64
CA ILE A 116 12.01 15.65 -6.80
C ILE A 116 12.27 15.34 -5.33
N HIS A 117 12.84 14.17 -5.04
CA HIS A 117 13.12 13.80 -3.66
C HIS A 117 14.16 14.71 -3.04
N ALA A 118 15.08 15.23 -3.85
CA ALA A 118 16.04 16.21 -3.36
C ALA A 118 15.47 17.63 -3.36
N LYS A 119 14.16 17.80 -3.53
CA LYS A 119 13.50 19.10 -3.59
C LYS A 119 14.05 19.94 -4.74
N ARG A 120 13.98 19.36 -5.94
CA ARG A 120 14.43 20.02 -7.16
C ARG A 120 13.45 19.69 -8.27
N VAL A 121 13.67 20.26 -9.45
CA VAL A 121 12.82 20.01 -10.61
C VAL A 121 13.69 19.63 -11.80
N THR A 122 15.00 19.78 -11.65
CA THR A 122 15.95 19.48 -12.72
C THR A 122 16.62 18.14 -12.47
N ILE A 123 16.54 17.25 -13.45
CA ILE A 123 17.22 15.96 -13.38
C ILE A 123 18.70 16.17 -13.69
N MET A 124 19.56 15.48 -12.94
CA MET A 124 21.00 15.61 -13.08
C MET A 124 21.64 14.22 -12.88
N PRO A 125 22.87 14.04 -13.35
CA PRO A 125 23.47 12.69 -13.26
C PRO A 125 23.51 12.12 -11.85
N LYS A 126 23.54 12.97 -10.82
CA LYS A 126 23.28 12.51 -9.46
C LYS A 126 22.04 11.64 -9.41
N ASP A 127 20.98 12.08 -10.09
CA ASP A 127 19.70 11.39 -10.03
C ASP A 127 19.74 10.08 -10.82
N ILE A 128 20.32 10.10 -12.02
CA ILE A 128 20.39 8.89 -12.83
C ILE A 128 21.23 7.83 -12.13
N GLN A 129 22.38 8.24 -11.58
CA GLN A 129 23.26 7.29 -10.92
C GLN A 129 22.64 6.74 -9.65
N LEU A 130 21.96 7.60 -8.88
CA LEU A 130 21.25 7.11 -7.70
C LEU A 130 20.16 6.11 -8.10
N ALA A 131 19.40 6.44 -9.14
CA ALA A 131 18.28 5.60 -9.55
C ALA A 131 18.76 4.23 -10.02
N ARG A 132 19.71 4.19 -10.96
CA ARG A 132 20.16 2.87 -11.36
C ARG A 132 21.15 2.27 -10.38
N ARG A 133 21.43 2.93 -9.25
CA ARG A 133 22.12 2.22 -8.17
C ARG A 133 21.15 1.50 -7.24
N ILE A 134 20.03 2.14 -6.89
CA ILE A 134 19.00 1.42 -6.14
C ILE A 134 18.44 0.28 -6.97
N ARG A 135 18.31 0.49 -8.29
CA ARG A 135 17.86 -0.58 -9.17
C ARG A 135 18.82 -1.76 -9.24
N GLY A 136 20.06 -1.60 -8.81
CA GLY A 136 21.02 -2.69 -8.88
C GLY A 136 21.66 -2.87 -10.23
N GLU A 137 21.73 -1.81 -11.04
CA GLU A 137 22.24 -1.90 -12.40
C GLU A 137 23.74 -1.66 -12.50
N ARG A 138 24.48 -1.88 -11.41
CA ARG A 138 25.94 -1.78 -11.39
C ARG A 138 26.43 -0.45 -11.93
N VAL B 25 30.70 5.88 -42.05
CA VAL B 25 29.62 6.50 -41.29
C VAL B 25 29.07 5.46 -40.31
N LEU B 26 29.96 4.63 -39.77
CA LEU B 26 29.54 3.64 -38.79
C LEU B 26 30.17 3.84 -37.41
N ARG B 27 31.15 4.73 -37.27
CA ARG B 27 31.80 4.91 -35.98
C ARG B 27 31.32 6.20 -35.32
N ASP B 28 31.26 6.16 -33.98
CA ASP B 28 30.81 7.26 -33.13
C ASP B 28 29.30 7.46 -33.21
N ASN B 29 28.54 6.40 -33.47
CA ASN B 29 27.09 6.56 -33.64
C ASN B 29 26.36 6.82 -32.34
N ILE B 30 27.00 6.65 -31.19
CA ILE B 30 26.34 7.01 -29.94
C ILE B 30 26.07 8.51 -29.92
N GLN B 31 26.90 9.29 -30.62
CA GLN B 31 26.64 10.72 -30.74
C GLN B 31 25.45 11.01 -31.63
N GLY B 32 25.14 10.10 -32.56
CA GLY B 32 23.98 10.25 -33.40
C GLY B 32 22.67 10.34 -32.65
N ILE B 33 22.66 9.92 -31.38
CA ILE B 33 21.49 10.07 -30.52
C ILE B 33 21.39 11.53 -30.08
N THR B 34 20.66 12.32 -30.86
CA THR B 34 20.60 13.77 -30.70
C THR B 34 20.12 14.15 -29.30
N LYS B 35 20.50 15.37 -28.88
CA LYS B 35 19.97 15.92 -27.65
C LYS B 35 18.45 16.07 -27.68
N PRO B 36 17.81 16.49 -28.79
CA PRO B 36 16.34 16.50 -28.82
C PRO B 36 15.70 15.13 -28.60
N ALA B 37 16.26 14.07 -29.18
CA ALA B 37 15.71 12.72 -28.99
C ALA B 37 15.67 12.35 -27.51
N ILE B 38 16.83 12.42 -26.85
CA ILE B 38 16.92 12.18 -25.42
C ILE B 38 15.93 13.06 -24.67
N ARG B 39 15.87 14.33 -25.07
CA ARG B 39 14.93 15.27 -24.47
C ARG B 39 13.50 14.75 -24.55
N ARG B 40 13.11 14.23 -25.72
CA ARG B 40 11.77 13.66 -25.89
C ARG B 40 11.55 12.48 -24.96
N LEU B 41 12.46 11.50 -25.01
CA LEU B 41 12.39 10.35 -24.11
C LEU B 41 12.17 10.79 -22.67
N ALA B 42 12.95 11.78 -22.23
CA ALA B 42 12.82 12.33 -20.89
C ALA B 42 11.44 12.95 -20.67
N ARG B 43 10.91 13.65 -21.68
CA ARG B 43 9.58 14.25 -21.55
C ARG B 43 8.52 13.19 -21.38
N ARG B 44 8.64 12.08 -22.11
CA ARG B 44 7.73 10.96 -21.94
C ARG B 44 7.80 10.43 -20.51
N GLY B 45 9.01 10.40 -19.94
CA GLY B 45 9.18 10.05 -18.54
C GLY B 45 8.72 11.12 -17.57
N GLY B 46 8.23 12.26 -18.06
CA GLY B 46 7.61 13.25 -17.20
C GLY B 46 8.51 14.31 -16.61
N VAL B 47 9.76 14.47 -17.11
CA VAL B 47 10.67 15.45 -16.55
C VAL B 47 10.43 16.80 -17.21
N LYS B 48 10.49 17.85 -16.41
CA LYS B 48 10.19 19.21 -16.82
C LYS B 48 11.45 19.98 -17.21
N ARG B 49 12.45 20.00 -16.33
CA ARG B 49 13.71 20.70 -16.55
C ARG B 49 14.85 19.70 -16.59
N ILE B 50 15.74 19.84 -17.56
CA ILE B 50 16.79 18.85 -17.84
C ILE B 50 18.14 19.54 -17.85
N SER B 51 19.04 19.10 -16.97
CA SER B 51 20.40 19.63 -16.97
C SER B 51 21.16 19.15 -18.21
N GLY B 52 22.19 19.89 -18.58
CA GLY B 52 22.90 19.59 -19.83
C GLY B 52 23.82 18.39 -19.73
N LEU B 53 24.42 18.17 -18.56
CA LEU B 53 25.35 17.05 -18.47
C LEU B 53 24.64 15.71 -18.47
N ILE B 54 23.30 15.71 -18.49
CA ILE B 54 22.56 14.47 -18.69
C ILE B 54 22.69 13.99 -20.12
N TYR B 55 22.73 14.91 -21.10
CA TYR B 55 22.70 14.45 -22.48
C TYR B 55 23.84 13.48 -22.76
N GLU B 56 25.02 13.73 -22.18
CA GLU B 56 26.09 12.74 -22.28
C GLU B 56 25.81 11.54 -21.38
N GLU B 57 25.47 11.81 -20.11
CA GLU B 57 25.24 10.75 -19.14
C GLU B 57 24.28 9.68 -19.66
N THR B 58 23.08 10.10 -20.08
CA THR B 58 22.12 9.15 -20.61
C THR B 58 22.70 8.36 -21.77
N ARG B 59 23.40 9.03 -22.69
CA ARG B 59 24.04 8.32 -23.78
C ARG B 59 24.83 7.14 -23.24
N GLY B 60 25.68 7.42 -22.25
CA GLY B 60 26.46 6.39 -21.62
C GLY B 60 25.61 5.23 -21.15
N VAL B 61 24.60 5.51 -20.33
CA VAL B 61 23.79 4.41 -19.80
C VAL B 61 23.21 3.62 -20.95
N LEU B 62 22.71 4.30 -21.98
CA LEU B 62 22.11 3.59 -23.10
C LEU B 62 23.14 2.70 -23.75
N LYS B 63 24.32 3.26 -24.04
CA LYS B 63 25.40 2.49 -24.64
C LYS B 63 25.64 1.19 -23.88
N VAL B 64 25.52 1.22 -22.55
CA VAL B 64 25.82 0.00 -21.82
C VAL B 64 24.62 -0.93 -21.81
N PHE B 65 23.41 -0.39 -21.59
CA PHE B 65 22.21 -1.22 -21.67
C PHE B 65 22.21 -1.98 -22.98
N LEU B 66 22.31 -1.25 -24.08
CA LEU B 66 22.30 -1.87 -25.38
C LEU B 66 23.46 -2.85 -25.50
N GLU B 67 24.66 -2.47 -25.03
CA GLU B 67 25.82 -3.35 -25.12
C GLU B 67 25.55 -4.71 -24.51
N ASN B 68 24.71 -4.76 -23.46
CA ASN B 68 24.44 -6.04 -22.85
C ASN B 68 23.49 -6.86 -23.71
N VAL B 69 22.36 -6.25 -24.12
CA VAL B 69 21.32 -7.05 -24.79
C VAL B 69 21.86 -7.67 -26.07
N ILE B 70 22.52 -6.86 -26.91
CA ILE B 70 23.10 -7.37 -28.15
C ILE B 70 24.05 -8.51 -27.85
N ARG B 71 24.89 -8.35 -26.81
CA ARG B 71 25.84 -9.41 -26.51
C ARG B 71 25.10 -10.73 -26.32
N ASP B 72 24.09 -10.72 -25.44
CA ASP B 72 23.28 -11.92 -25.27
C ASP B 72 22.71 -12.36 -26.61
N ALA B 73 22.05 -11.43 -27.32
CA ALA B 73 21.45 -11.75 -28.60
C ALA B 73 22.47 -12.40 -29.51
N VAL B 74 23.67 -11.81 -29.60
CA VAL B 74 24.61 -12.30 -30.59
C VAL B 74 25.02 -13.74 -30.25
N THR B 75 25.21 -14.04 -28.96
CA THR B 75 25.59 -15.39 -28.61
C THR B 75 24.51 -16.37 -29.03
N TYR B 76 23.24 -15.99 -28.88
CA TYR B 76 22.16 -16.83 -29.35
C TYR B 76 22.29 -17.08 -30.85
N THR B 77 22.44 -16.02 -31.64
CA THR B 77 22.60 -16.26 -33.07
C THR B 77 23.94 -16.92 -33.38
N GLU B 78 24.93 -16.76 -32.49
CA GLU B 78 26.17 -17.49 -32.73
C GLU B 78 26.01 -18.96 -32.42
N HIS B 79 25.05 -19.31 -31.56
CA HIS B 79 24.84 -20.72 -31.22
C HIS B 79 24.04 -21.44 -32.28
N ALA B 80 23.08 -20.76 -32.89
CA ALA B 80 22.29 -21.31 -33.98
C ALA B 80 23.06 -21.35 -35.29
N LYS B 81 24.35 -20.97 -35.26
CA LYS B 81 25.25 -21.08 -36.40
C LYS B 81 24.70 -20.33 -37.62
N ARG B 82 24.08 -19.18 -37.37
CA ARG B 82 23.62 -18.30 -38.44
C ARG B 82 24.42 -17.01 -38.42
N LYS B 83 24.06 -16.08 -39.31
CA LYS B 83 24.77 -14.83 -39.44
C LYS B 83 23.89 -13.60 -39.34
N THR B 84 22.58 -13.76 -39.24
CA THR B 84 21.68 -12.65 -39.00
C THR B 84 21.16 -12.71 -37.56
N VAL B 85 21.18 -11.57 -36.88
CA VAL B 85 20.53 -11.50 -35.58
C VAL B 85 19.03 -11.44 -35.82
N THR B 86 18.31 -12.44 -35.32
CA THR B 86 16.87 -12.49 -35.52
C THR B 86 16.16 -11.81 -34.37
N ALA B 87 14.87 -11.53 -34.56
CA ALA B 87 14.10 -10.89 -33.51
C ALA B 87 13.97 -11.78 -32.29
N MET B 88 13.97 -13.09 -32.50
CA MET B 88 13.88 -14.00 -31.37
C MET B 88 15.12 -13.94 -30.51
N ASP B 89 16.28 -13.65 -31.10
CA ASP B 89 17.49 -13.47 -30.29
C ASP B 89 17.36 -12.26 -29.39
N VAL B 90 16.80 -11.17 -29.90
CA VAL B 90 16.59 -9.99 -29.08
C VAL B 90 15.60 -10.28 -27.96
N VAL B 91 14.46 -10.88 -28.29
CA VAL B 91 13.43 -11.07 -27.27
C VAL B 91 13.89 -12.07 -26.21
N TYR B 92 14.64 -13.10 -26.63
CA TYR B 92 15.22 -14.03 -25.67
C TYR B 92 16.25 -13.34 -24.79
N ALA B 93 17.11 -12.53 -25.40
CA ALA B 93 18.10 -11.78 -24.63
C ALA B 93 17.43 -10.89 -23.59
N LEU B 94 16.35 -10.19 -23.99
CA LEU B 94 15.65 -9.30 -23.08
C LEU B 94 15.02 -10.07 -21.92
N LYS B 95 14.44 -11.23 -22.21
CA LYS B 95 13.90 -12.05 -21.12
C LYS B 95 15.00 -12.54 -20.19
N ARG B 96 15.99 -13.22 -20.76
CA ARG B 96 17.22 -13.65 -20.08
C ARG B 96 17.74 -12.62 -19.08
N GLN B 97 17.74 -11.34 -19.47
CA GLN B 97 18.20 -10.27 -18.60
C GLN B 97 17.05 -9.58 -17.85
N GLY B 98 15.92 -10.27 -17.74
CA GLY B 98 14.81 -9.81 -16.91
C GLY B 98 13.92 -8.70 -17.44
N ARG B 99 13.83 -8.51 -18.76
CA ARG B 99 13.00 -7.46 -19.35
C ARG B 99 12.19 -8.06 -20.51
N THR B 100 11.16 -8.82 -20.18
CA THR B 100 10.36 -9.51 -21.19
C THR B 100 9.66 -8.51 -22.11
N LEU B 101 9.61 -8.83 -23.41
CA LEU B 101 9.10 -7.92 -24.42
C LEU B 101 7.99 -8.62 -25.20
N TYR B 102 6.83 -7.99 -25.29
CA TYR B 102 5.70 -8.54 -26.02
C TYR B 102 5.60 -7.88 -27.38
N GLY B 103 5.32 -8.68 -28.41
CA GLY B 103 4.99 -8.16 -29.73
C GLY B 103 5.89 -8.59 -30.86
N PHE B 104 6.95 -9.35 -30.63
CA PHE B 104 7.87 -9.75 -31.69
C PHE B 104 8.06 -11.26 -31.63
N GLY B 105 7.43 -11.97 -32.55
CA GLY B 105 7.53 -13.42 -32.61
C GLY B 105 7.21 -14.11 -31.30
N GLY B 106 6.14 -13.66 -30.63
CA GLY B 106 5.70 -14.30 -29.41
C GLY B 106 6.76 -14.39 -28.32
N THR C 20 35.93 -44.75 -13.07
CA THR C 20 34.96 -43.66 -13.08
C THR C 20 35.26 -42.68 -14.21
N ARG C 21 34.21 -42.16 -14.85
CA ARG C 21 34.40 -41.21 -15.94
C ARG C 21 35.12 -39.95 -15.46
N SER C 22 34.82 -39.51 -14.23
CA SER C 22 35.46 -38.32 -13.66
C SER C 22 36.98 -38.42 -13.68
N SER C 23 37.53 -39.62 -13.55
CA SER C 23 38.98 -39.76 -13.62
C SER C 23 39.48 -39.66 -15.06
N ARG C 24 38.76 -40.24 -16.01
CA ARG C 24 39.12 -40.07 -17.40
C ARG C 24 39.12 -38.60 -17.80
N ALA C 25 38.17 -37.82 -17.24
CA ALA C 25 38.11 -36.39 -17.53
C ALA C 25 39.13 -35.59 -16.73
N GLY C 26 39.53 -36.09 -15.57
CA GLY C 26 40.52 -35.42 -14.74
C GLY C 26 39.96 -34.39 -13.79
N LEU C 27 38.80 -34.69 -13.19
CA LEU C 27 38.08 -33.76 -12.34
C LEU C 27 37.60 -34.48 -11.08
N GLN C 28 37.43 -33.72 -9.99
CA GLN C 28 36.93 -34.27 -8.74
C GLN C 28 35.41 -34.43 -8.73
N PHE C 29 34.69 -33.51 -9.34
CA PHE C 29 33.24 -33.56 -9.29
C PHE C 29 32.71 -34.79 -10.04
N PRO C 30 31.51 -35.28 -9.67
CA PRO C 30 31.04 -36.57 -10.21
C PRO C 30 30.33 -36.46 -11.55
N VAL C 31 31.04 -36.77 -12.64
CA VAL C 31 30.42 -36.77 -13.97
C VAL C 31 29.17 -37.64 -13.99
N GLY C 32 29.21 -38.78 -13.29
CA GLY C 32 28.07 -39.68 -13.30
C GLY C 32 26.84 -39.07 -12.65
N ARG C 33 27.02 -38.46 -11.46
CA ARG C 33 25.88 -37.84 -10.79
C ARG C 33 25.26 -36.75 -11.65
N VAL C 34 26.07 -35.78 -12.11
CA VAL C 34 25.53 -34.70 -12.93
C VAL C 34 24.83 -35.25 -14.17
N HIS C 35 25.40 -36.28 -14.80
CA HIS C 35 24.73 -36.89 -15.94
C HIS C 35 23.33 -37.38 -15.56
N ARG C 36 23.26 -38.13 -14.45
CA ARG C 36 21.96 -38.60 -13.97
C ARG C 36 21.00 -37.44 -13.75
N LEU C 37 21.49 -36.37 -13.13
CA LEU C 37 20.65 -35.21 -12.86
C LEU C 37 20.12 -34.59 -14.15
N LEU C 38 20.98 -34.44 -15.16
CA LEU C 38 20.54 -33.92 -16.44
C LEU C 38 19.43 -34.78 -17.03
N ARG C 39 19.62 -36.09 -17.08
CA ARG C 39 18.61 -36.96 -17.67
C ARG C 39 17.31 -36.89 -16.88
N LYS C 40 17.39 -37.12 -15.56
CA LYS C 40 16.23 -37.23 -14.68
C LYS C 40 15.58 -35.88 -14.39
N GLY C 41 16.20 -34.78 -14.80
CA GLY C 41 15.93 -33.45 -14.29
C GLY C 41 14.94 -32.57 -15.02
N ASN C 42 14.20 -33.10 -16.00
CA ASN C 42 13.25 -32.30 -16.80
C ASN C 42 13.96 -31.18 -17.56
N TYR C 43 15.13 -31.47 -18.13
CA TYR C 43 15.77 -30.51 -19.02
C TYR C 43 15.59 -30.88 -20.50
N SER C 44 15.86 -32.13 -20.86
CA SER C 44 15.65 -32.59 -22.22
C SER C 44 15.25 -34.07 -22.19
N GLU C 45 15.05 -34.65 -23.37
CA GLU C 45 14.86 -36.09 -23.47
C GLU C 45 16.20 -36.80 -23.59
N ARG C 46 16.94 -36.53 -24.66
CA ARG C 46 18.28 -37.07 -24.85
C ARG C 46 19.32 -36.10 -24.28
N VAL C 47 20.29 -36.65 -23.57
CA VAL C 47 21.41 -35.88 -23.02
C VAL C 47 22.68 -36.35 -23.71
N GLY C 48 23.38 -35.42 -24.37
CA GLY C 48 24.62 -35.77 -25.04
C GLY C 48 25.67 -36.29 -24.09
N ALA C 49 26.68 -36.94 -24.69
CA ALA C 49 27.70 -37.64 -23.93
C ALA C 49 28.77 -36.70 -23.40
N GLY C 50 28.99 -35.58 -24.08
CA GLY C 50 29.98 -34.61 -23.62
C GLY C 50 29.44 -33.56 -22.69
N ALA C 51 28.11 -33.42 -22.59
CA ALA C 51 27.52 -32.43 -21.72
C ALA C 51 27.91 -32.60 -20.23
N PRO C 52 27.68 -33.77 -19.61
CA PRO C 52 27.91 -33.84 -18.15
C PRO C 52 29.35 -33.61 -17.72
N VAL C 53 30.33 -33.97 -18.55
CA VAL C 53 31.73 -33.71 -18.20
C VAL C 53 32.05 -32.22 -18.33
N TYR C 54 31.47 -31.55 -19.32
CA TYR C 54 31.61 -30.10 -19.41
C TYR C 54 31.02 -29.43 -18.17
N LEU C 55 29.76 -29.76 -17.86
CA LEU C 55 29.06 -29.16 -16.73
C LEU C 55 29.80 -29.42 -15.42
N ALA C 56 30.22 -30.67 -15.19
CA ALA C 56 31.04 -30.99 -14.03
C ALA C 56 32.29 -30.13 -13.98
N ALA C 57 32.96 -29.96 -15.13
CA ALA C 57 34.16 -29.15 -15.17
C ALA C 57 33.90 -27.71 -14.75
N VAL C 58 32.78 -27.13 -15.20
CA VAL C 58 32.50 -25.73 -14.87
C VAL C 58 32.13 -25.58 -13.41
N LEU C 59 31.31 -26.51 -12.89
CA LEU C 59 30.93 -26.45 -11.48
C LEU C 59 32.15 -26.60 -10.59
N GLU C 60 33.06 -27.51 -10.93
CA GLU C 60 34.30 -27.63 -10.17
C GLU C 60 35.12 -26.34 -10.28
N TYR C 61 35.18 -25.72 -11.44
CA TYR C 61 35.98 -24.50 -11.58
C TYR C 61 35.47 -23.41 -10.66
N LEU C 62 34.19 -23.04 -10.78
CA LEU C 62 33.65 -21.98 -9.94
C LEU C 62 33.79 -22.33 -8.46
N THR C 63 33.51 -23.60 -8.11
CA THR C 63 33.68 -24.07 -6.74
C THR C 63 35.10 -23.81 -6.24
N ALA C 64 36.09 -24.18 -7.06
CA ALA C 64 37.49 -23.99 -6.71
C ALA C 64 37.83 -22.52 -6.52
N GLU C 65 37.31 -21.63 -7.39
CA GLU C 65 37.62 -20.21 -7.27
C GLU C 65 37.10 -19.65 -5.95
N ILE C 66 35.80 -19.84 -5.67
CA ILE C 66 35.29 -19.24 -4.44
C ILE C 66 35.94 -19.94 -3.25
N LEU C 67 36.37 -21.19 -3.41
CA LEU C 67 37.03 -21.88 -2.30
C LEU C 67 38.45 -21.36 -2.08
N GLU C 68 39.12 -20.89 -3.13
CA GLU C 68 40.40 -20.20 -2.94
C GLU C 68 40.20 -18.88 -2.21
N LEU C 69 39.31 -18.03 -2.73
CA LEU C 69 39.09 -16.73 -2.11
C LEU C 69 38.66 -16.88 -0.66
N ALA C 70 37.76 -17.84 -0.39
CA ALA C 70 37.34 -18.10 0.99
C ALA C 70 38.50 -18.64 1.82
N GLY C 71 39.27 -19.56 1.24
CA GLY C 71 40.45 -20.08 1.94
C GLY C 71 41.36 -18.98 2.43
N ASN C 72 41.74 -18.06 1.53
CA ASN C 72 42.62 -16.97 1.95
C ASN C 72 41.91 -16.00 2.88
N ALA C 73 40.59 -15.88 2.79
CA ALA C 73 39.85 -15.04 3.73
C ALA C 73 39.92 -15.60 5.15
N ALA C 74 39.63 -16.88 5.31
CA ALA C 74 39.71 -17.52 6.62
C ALA C 74 41.14 -17.52 7.14
N ARG C 75 42.09 -17.92 6.29
CA ARG C 75 43.49 -17.96 6.71
C ARG C 75 43.97 -16.59 7.14
N ASP C 76 43.57 -15.55 6.42
CA ASP C 76 43.95 -14.21 6.84
C ASP C 76 43.23 -13.81 8.13
N ASN C 77 42.06 -14.39 8.39
CA ASN C 77 41.41 -14.18 9.67
C ASN C 77 42.09 -14.95 10.80
N LYS C 78 43.14 -15.70 10.49
CA LYS C 78 43.90 -16.49 11.44
C LYS C 78 43.05 -17.65 12.00
N LYS C 79 41.84 -17.84 11.48
CA LYS C 79 41.10 -19.05 11.75
C LYS C 79 41.43 -20.05 10.65
N THR C 80 41.39 -21.34 10.98
CA THR C 80 41.84 -22.35 10.04
C THR C 80 40.69 -22.93 9.21
N ARG C 81 39.45 -22.73 9.62
CA ARG C 81 38.32 -23.43 9.04
C ARG C 81 37.37 -22.42 8.41
N ILE C 82 36.95 -22.70 7.19
CA ILE C 82 36.10 -21.77 6.44
C ILE C 82 34.72 -21.72 7.09
N ILE C 83 34.30 -20.52 7.47
CA ILE C 83 32.97 -20.30 8.04
C ILE C 83 32.17 -19.45 7.05
N PRO C 84 30.83 -19.48 7.10
CA PRO C 84 30.01 -18.68 6.18
C PRO C 84 30.50 -17.26 5.91
N ARG C 85 30.86 -16.53 6.98
CA ARG C 85 31.34 -15.17 6.82
C ARG C 85 32.50 -15.08 5.85
N HIS C 86 33.39 -16.07 5.89
CA HIS C 86 34.54 -16.08 4.98
C HIS C 86 34.09 -16.22 3.54
N LEU C 87 33.05 -17.02 3.29
CA LEU C 87 32.48 -17.10 1.95
C LEU C 87 31.83 -15.78 1.54
N GLN C 88 31.23 -15.07 2.50
CA GLN C 88 30.58 -13.80 2.17
C GLN C 88 31.61 -12.75 1.78
N LEU C 89 32.68 -12.61 2.58
CA LEU C 89 33.78 -11.72 2.20
C LEU C 89 34.39 -12.15 0.87
N ALA C 90 34.56 -13.46 0.66
CA ALA C 90 35.10 -13.95 -0.59
C ALA C 90 34.26 -13.50 -1.78
N ILE C 91 32.95 -13.69 -1.71
CA ILE C 91 32.10 -13.40 -2.85
C ILE C 91 31.94 -11.89 -3.05
N ARG C 92 31.60 -11.18 -1.99
CA ARG C 92 31.22 -9.77 -2.12
C ARG C 92 32.41 -8.86 -2.40
N ASN C 93 33.64 -9.36 -2.28
CA ASN C 93 34.82 -8.55 -2.56
C ASN C 93 35.42 -8.85 -3.92
N ASP C 94 34.80 -9.72 -4.70
CA ASP C 94 35.26 -10.09 -6.03
C ASP C 94 34.21 -9.65 -7.04
N GLU C 95 34.62 -8.81 -7.98
CA GLU C 95 33.68 -8.11 -8.86
C GLU C 95 32.79 -9.09 -9.62
N GLU C 96 33.39 -10.04 -10.33
CA GLU C 96 32.62 -10.97 -11.15
C GLU C 96 31.76 -11.88 -10.27
N LEU C 97 32.37 -12.47 -9.25
CA LEU C 97 31.63 -13.34 -8.34
C LEU C 97 30.48 -12.58 -7.68
N ASN C 98 30.70 -11.31 -7.33
CA ASN C 98 29.61 -10.53 -6.74
C ASN C 98 28.47 -10.38 -7.74
N LYS C 99 28.80 -10.20 -9.03
CA LYS C 99 27.72 -10.13 -10.01
C LYS C 99 26.99 -11.47 -10.14
N LEU C 100 27.75 -12.56 -10.30
CA LEU C 100 27.16 -13.88 -10.45
C LEU C 100 26.18 -14.20 -9.33
N LEU C 101 26.53 -13.84 -8.10
CA LEU C 101 25.74 -14.17 -6.92
C LEU C 101 25.05 -12.93 -6.35
N GLY C 102 24.50 -12.09 -7.23
CA GLY C 102 23.95 -10.82 -6.82
C GLY C 102 22.66 -10.90 -6.02
N ARG C 103 21.62 -11.49 -6.61
CA ARG C 103 20.35 -11.66 -5.90
C ARG C 103 20.36 -12.84 -4.93
N VAL C 104 21.55 -13.30 -4.54
CA VAL C 104 21.69 -14.42 -3.63
C VAL C 104 21.93 -13.88 -2.22
N THR C 105 21.61 -14.68 -1.22
CA THR C 105 21.77 -14.31 0.19
C THR C 105 22.54 -15.41 0.91
N ILE C 106 23.77 -15.10 1.32
CA ILE C 106 24.62 -16.04 2.05
C ILE C 106 24.18 -15.98 3.51
N ALA C 107 23.41 -16.97 3.95
CA ALA C 107 22.99 -17.04 5.34
C ALA C 107 24.19 -16.97 6.28
N GLN C 108 24.05 -16.22 7.37
CA GLN C 108 25.10 -16.06 8.37
C GLN C 108 26.36 -15.43 7.79
N GLY C 109 26.21 -14.59 6.78
CA GLY C 109 27.37 -14.04 6.11
C GLY C 109 27.65 -12.59 6.45
N GLY C 110 26.63 -11.88 6.93
CA GLY C 110 26.86 -10.48 7.23
C GLY C 110 27.05 -9.67 5.97
N VAL C 111 27.64 -8.50 6.13
CA VAL C 111 27.82 -7.56 5.03
C VAL C 111 29.27 -7.07 5.04
N LEU C 112 29.75 -6.69 3.87
CA LEU C 112 31.09 -6.12 3.77
C LEU C 112 31.15 -4.85 4.61
N PRO C 113 32.20 -4.65 5.40
CA PRO C 113 32.33 -3.38 6.12
C PRO C 113 32.39 -2.23 5.12
N ASN C 114 31.44 -1.31 5.26
CA ASN C 114 31.37 -0.17 4.35
C ASN C 114 30.56 0.92 5.03
N ILE C 115 31.20 2.07 5.22
CA ILE C 115 30.56 3.23 5.83
C ILE C 115 30.56 4.34 4.80
N GLN C 116 29.39 4.87 4.48
CA GLN C 116 29.30 5.99 3.56
C GLN C 116 30.20 7.13 4.03
N ALA C 117 31.06 7.60 3.11
CA ALA C 117 32.11 8.54 3.50
C ALA C 117 31.54 9.84 4.06
N VAL C 118 30.38 10.28 3.58
CA VAL C 118 29.77 11.52 4.07
C VAL C 118 29.43 11.42 5.55
N LEU C 119 29.33 10.20 6.08
CA LEU C 119 28.99 9.98 7.47
C LEU C 119 30.19 9.83 8.37
N LEU C 120 31.40 9.95 7.84
CA LEU C 120 32.54 9.79 8.72
C LEU C 120 32.70 11.08 9.54
N PRO C 121 33.47 11.05 10.64
CA PRO C 121 33.35 12.23 11.51
C PRO C 121 33.98 13.49 10.94
N SER D 36 16.06 -42.61 3.07
CA SER D 36 16.80 -41.96 4.15
C SER D 36 18.19 -41.54 3.69
N ARG D 37 18.56 -41.96 2.48
CA ARG D 37 19.84 -41.60 1.88
C ARG D 37 19.64 -40.34 1.03
N LYS D 38 20.21 -39.22 1.48
CA LYS D 38 20.08 -37.94 0.79
C LYS D 38 21.48 -37.49 0.37
N GLU D 39 21.72 -37.50 -0.95
CA GLU D 39 23.02 -37.16 -1.50
C GLU D 39 23.28 -35.65 -1.40
N SER D 40 24.54 -35.28 -1.59
CA SER D 40 24.95 -33.88 -1.67
C SER D 40 26.25 -33.80 -2.46
N TYR D 41 26.86 -32.62 -2.48
CA TYR D 41 28.13 -32.39 -3.15
C TYR D 41 29.29 -32.23 -2.16
N SER D 42 29.11 -32.70 -0.92
CA SER D 42 30.04 -32.33 0.14
C SER D 42 31.42 -32.92 -0.11
N ILE D 43 31.48 -34.18 -0.54
CA ILE D 43 32.76 -34.87 -0.70
C ILE D 43 33.60 -34.18 -1.77
N TYR D 44 32.96 -33.68 -2.82
CA TYR D 44 33.70 -33.08 -3.93
C TYR D 44 34.18 -31.68 -3.60
N VAL D 45 33.35 -30.88 -2.93
CA VAL D 45 33.83 -29.56 -2.54
C VAL D 45 34.93 -29.71 -1.50
N TYR D 46 34.90 -30.79 -0.72
CA TYR D 46 36.01 -31.03 0.19
C TYR D 46 37.27 -31.44 -0.56
N LYS D 47 37.14 -32.31 -1.56
CA LYS D 47 38.31 -32.71 -2.34
C LYS D 47 38.96 -31.50 -3.01
N VAL D 48 38.18 -30.69 -3.72
CA VAL D 48 38.74 -29.49 -4.35
C VAL D 48 39.29 -28.54 -3.29
N LEU D 49 38.60 -28.43 -2.15
CA LEU D 49 39.09 -27.54 -1.10
C LEU D 49 40.50 -27.94 -0.67
N LYS D 50 40.73 -29.24 -0.48
CA LYS D 50 42.09 -29.68 -0.17
C LYS D 50 43.03 -29.55 -1.36
N GLN D 51 42.49 -29.54 -2.58
CA GLN D 51 43.33 -29.23 -3.74
C GLN D 51 43.88 -27.81 -3.69
N VAL D 52 43.06 -26.87 -3.23
CA VAL D 52 43.41 -25.46 -3.29
C VAL D 52 44.04 -24.97 -2.00
N HIS D 53 43.54 -25.43 -0.85
CA HIS D 53 44.11 -25.08 0.45
C HIS D 53 44.18 -26.33 1.30
N PRO D 54 45.24 -27.12 1.17
CA PRO D 54 45.30 -28.41 1.88
C PRO D 54 45.23 -28.28 3.39
N ASP D 55 45.71 -27.16 3.95
CA ASP D 55 45.73 -27.04 5.41
C ASP D 55 44.37 -26.62 5.98
N THR D 56 43.62 -25.78 5.28
CA THR D 56 42.39 -25.25 5.85
C THR D 56 41.23 -26.24 5.69
N GLY D 57 40.21 -26.06 6.52
CA GLY D 57 39.05 -26.93 6.52
C GLY D 57 37.78 -26.15 6.24
N ILE D 58 36.62 -26.69 6.61
CA ILE D 58 35.35 -26.04 6.33
C ILE D 58 34.36 -26.41 7.42
N SER D 59 33.56 -25.44 7.82
CA SER D 59 32.46 -25.64 8.76
C SER D 59 31.25 -26.24 8.05
N SER D 60 30.36 -26.85 8.85
CA SER D 60 29.15 -27.47 8.31
C SER D 60 28.26 -26.43 7.63
N LYS D 61 28.06 -25.29 8.28
CA LYS D 61 27.23 -24.23 7.70
C LYS D 61 27.78 -23.80 6.34
N ALA D 62 29.07 -23.45 6.30
CA ALA D 62 29.72 -23.12 5.03
C ALA D 62 29.56 -24.24 4.02
N MET D 63 29.51 -25.49 4.49
CA MET D 63 29.27 -26.62 3.60
C MET D 63 27.88 -26.57 3.00
N GLY D 64 26.89 -26.16 3.81
CA GLY D 64 25.55 -26.02 3.28
C GLY D 64 25.43 -24.89 2.28
N ILE D 65 26.12 -23.78 2.53
CA ILE D 65 26.19 -22.72 1.54
C ILE D 65 26.83 -23.22 0.25
N MET D 66 27.92 -23.99 0.37
CA MET D 66 28.60 -24.50 -0.81
C MET D 66 27.68 -25.41 -1.63
N ASN D 67 26.95 -26.29 -0.94
CA ASN D 67 26.12 -27.26 -1.63
C ASN D 67 24.89 -26.60 -2.26
N SER D 68 24.27 -25.66 -1.55
CA SER D 68 23.21 -24.88 -2.15
C SER D 68 23.71 -24.09 -3.35
N PHE D 69 24.95 -23.57 -3.27
CA PHE D 69 25.53 -22.83 -4.38
C PHE D 69 25.71 -23.70 -5.62
N VAL D 70 26.33 -24.87 -5.45
CA VAL D 70 26.54 -25.75 -6.60
C VAL D 70 25.20 -26.21 -7.17
N ASN D 71 24.23 -26.49 -6.29
CA ASN D 71 22.90 -26.84 -6.75
C ASN D 71 22.30 -25.71 -7.58
N ASP D 72 22.42 -24.47 -7.09
CA ASP D 72 21.89 -23.31 -7.79
C ASP D 72 22.51 -23.16 -9.17
N ILE D 73 23.86 -23.11 -9.24
CA ILE D 73 24.53 -22.88 -10.52
C ILE D 73 24.23 -24.03 -11.48
N PHE D 74 24.11 -25.24 -10.96
CA PHE D 74 23.64 -26.36 -11.77
C PHE D 74 22.29 -26.04 -12.39
N GLU D 75 21.34 -25.60 -11.57
CA GLU D 75 19.99 -25.31 -12.08
C GLU D 75 20.03 -24.20 -13.12
N ARG D 76 20.94 -23.23 -12.97
CA ARG D 76 21.07 -22.17 -13.97
C ARG D 76 21.57 -22.72 -15.29
N ILE D 77 22.71 -23.41 -15.28
CA ILE D 77 23.34 -23.85 -16.52
C ILE D 77 22.45 -24.86 -17.24
N ALA D 78 21.92 -25.84 -16.49
CA ALA D 78 21.06 -26.84 -17.11
C ALA D 78 19.76 -26.23 -17.61
N GLY D 79 19.18 -25.30 -16.85
CA GLY D 79 17.99 -24.61 -17.32
C GLY D 79 18.21 -23.90 -18.63
N GLU D 80 19.21 -23.03 -18.67
CA GLU D 80 19.47 -22.28 -19.91
C GLU D 80 19.83 -23.22 -21.06
N ALA D 81 20.60 -24.27 -20.77
CA ALA D 81 20.95 -25.23 -21.81
C ALA D 81 19.70 -25.88 -22.39
N SER D 82 18.75 -26.22 -21.54
CA SER D 82 17.50 -26.82 -22.00
C SER D 82 16.71 -25.83 -22.85
N ARG D 83 16.66 -24.56 -22.41
CA ARG D 83 15.90 -23.56 -23.16
C ARG D 83 16.47 -23.32 -24.54
N LEU D 84 17.79 -23.16 -24.66
CA LEU D 84 18.32 -22.86 -25.98
C LEU D 84 18.44 -24.12 -26.84
N ALA D 85 18.46 -25.30 -26.22
CA ALA D 85 18.22 -26.51 -26.99
C ALA D 85 16.80 -26.52 -27.56
N HIS D 86 15.83 -26.08 -26.77
CA HIS D 86 14.44 -26.03 -27.24
C HIS D 86 14.24 -24.96 -28.29
N TYR D 87 15.08 -23.92 -28.29
CA TYR D 87 14.93 -22.84 -29.25
C TYR D 87 15.38 -23.25 -30.64
N ASN D 88 16.39 -24.11 -30.74
CA ASN D 88 16.92 -24.55 -32.03
C ASN D 88 16.37 -25.91 -32.45
N LYS D 89 15.24 -26.31 -31.89
CA LYS D 89 14.53 -27.54 -32.26
C LYS D 89 15.32 -28.80 -31.91
N ARG D 90 16.62 -28.66 -31.62
CA ARG D 90 17.42 -29.78 -31.18
C ARG D 90 16.84 -30.38 -29.90
N SER D 91 17.09 -31.68 -29.71
CA SER D 91 16.55 -32.41 -28.57
C SER D 91 17.64 -33.00 -27.68
N THR D 92 18.89 -32.63 -27.88
CA THR D 92 19.99 -33.16 -27.08
C THR D 92 20.74 -31.99 -26.46
N ILE D 93 20.98 -32.07 -25.16
CA ILE D 93 21.79 -31.09 -24.46
C ILE D 93 23.23 -31.61 -24.50
N THR D 94 24.05 -31.02 -25.37
CA THR D 94 25.44 -31.41 -25.52
C THR D 94 26.34 -30.33 -24.93
N SER D 95 27.66 -30.54 -25.03
CA SER D 95 28.63 -29.57 -24.51
C SER D 95 28.57 -28.23 -25.22
N ARG D 96 28.06 -28.17 -26.45
CA ARG D 96 27.92 -26.87 -27.11
C ARG D 96 26.83 -26.05 -26.44
N GLU D 97 25.69 -26.68 -26.14
CA GLU D 97 24.64 -25.98 -25.40
C GLU D 97 25.13 -25.56 -24.03
N ILE D 98 25.86 -26.44 -23.34
CA ILE D 98 26.40 -26.07 -22.02
C ILE D 98 27.33 -24.87 -22.13
N GLN D 99 28.13 -24.80 -23.19
CA GLN D 99 29.11 -23.73 -23.25
C GLN D 99 28.51 -22.40 -23.69
N THR D 100 27.53 -22.42 -24.60
CA THR D 100 26.88 -21.15 -24.90
C THR D 100 26.01 -20.70 -23.73
N ALA D 101 25.45 -21.65 -22.97
CA ALA D 101 24.73 -21.28 -21.76
C ALA D 101 25.66 -20.67 -20.73
N VAL D 102 26.85 -21.27 -20.53
CA VAL D 102 27.80 -20.72 -19.58
C VAL D 102 28.32 -19.37 -20.04
N ARG D 103 28.38 -19.14 -21.36
CA ARG D 103 28.69 -17.79 -21.84
C ARG D 103 27.55 -16.83 -21.55
N LEU D 104 26.31 -17.32 -21.56
CA LEU D 104 25.19 -16.45 -21.24
C LEU D 104 25.17 -16.07 -19.76
N LEU D 105 25.34 -17.05 -18.88
CA LEU D 105 25.17 -16.80 -17.45
C LEU D 105 26.43 -16.28 -16.77
N LEU D 106 27.61 -16.85 -17.08
CA LEU D 106 28.75 -16.41 -16.29
C LEU D 106 29.26 -15.06 -16.83
N PRO D 107 29.71 -14.16 -15.94
CA PRO D 107 30.19 -12.86 -16.42
C PRO D 107 31.68 -12.83 -16.72
N GLY D 108 32.03 -12.29 -17.89
CA GLY D 108 33.40 -12.01 -18.26
C GLY D 108 34.42 -13.13 -18.11
N GLU D 109 35.48 -12.84 -17.35
CA GLU D 109 36.61 -13.74 -17.27
C GLU D 109 36.23 -15.07 -16.63
N LEU D 110 35.28 -15.05 -15.69
CA LEU D 110 34.70 -16.29 -15.19
C LEU D 110 34.23 -17.15 -16.36
N ALA D 111 33.42 -16.55 -17.25
CA ALA D 111 32.89 -17.29 -18.39
C ALA D 111 34.01 -17.84 -19.28
N LYS D 112 35.03 -17.02 -19.55
CA LYS D 112 36.14 -17.47 -20.40
C LYS D 112 36.87 -18.66 -19.78
N HIS D 113 37.30 -18.51 -18.51
CA HIS D 113 38.01 -19.58 -17.85
C HIS D 113 37.16 -20.85 -17.76
N ALA D 114 35.87 -20.69 -17.44
CA ALA D 114 34.96 -21.82 -17.41
C ALA D 114 34.91 -22.54 -18.75
N VAL D 115 34.81 -21.77 -19.86
CA VAL D 115 34.69 -22.43 -21.15
C VAL D 115 35.97 -23.19 -21.45
N SER D 116 37.11 -22.66 -20.99
CA SER D 116 38.38 -23.37 -21.17
C SER D 116 38.38 -24.67 -20.38
N GLU D 117 38.09 -24.61 -19.08
CA GLU D 117 38.03 -25.81 -18.25
C GLU D 117 37.14 -26.87 -18.89
N GLY D 118 35.95 -26.47 -19.35
CA GLY D 118 35.02 -27.43 -19.89
C GLY D 118 35.58 -28.13 -21.13
N THR D 119 36.21 -27.35 -22.01
CA THR D 119 36.77 -27.97 -23.21
C THR D 119 37.94 -28.88 -22.86
N LYS D 120 38.76 -28.49 -21.87
CA LYS D 120 39.87 -29.32 -21.44
C LYS D 120 39.37 -30.67 -20.91
N ALA D 121 38.38 -30.64 -20.01
CA ALA D 121 37.84 -31.87 -19.47
C ALA D 121 37.27 -32.74 -20.57
N VAL D 122 36.53 -32.16 -21.52
CA VAL D 122 35.93 -32.95 -22.57
C VAL D 122 37.02 -33.61 -23.42
N THR D 123 38.09 -32.85 -23.73
CA THR D 123 39.14 -33.37 -24.59
C THR D 123 39.93 -34.49 -23.90
N LYS D 124 40.25 -34.34 -22.61
CA LYS D 124 40.93 -35.40 -21.90
C LYS D 124 40.05 -36.64 -21.78
N TYR D 125 38.75 -36.43 -21.57
CA TYR D 125 37.81 -37.55 -21.49
C TYR D 125 37.73 -38.31 -22.80
N THR D 126 37.76 -37.61 -23.93
CA THR D 126 37.60 -38.27 -25.22
C THR D 126 38.74 -39.25 -25.50
N SER D 127 39.98 -38.83 -25.25
CA SER D 127 41.13 -39.72 -25.43
C SER D 127 41.16 -40.90 -24.45
N PRO E 42 32.27 12.98 34.27
CA PRO E 42 31.02 12.62 33.60
C PRO E 42 31.19 12.49 32.09
N HIS E 43 32.05 11.55 31.67
CA HIS E 43 32.47 11.46 30.28
C HIS E 43 31.27 11.29 29.35
N ARG E 44 31.22 12.12 28.31
CA ARG E 44 30.17 12.06 27.30
C ARG E 44 30.81 12.04 25.92
N TYR E 45 30.34 11.13 25.06
CA TYR E 45 30.79 11.05 23.68
C TYR E 45 30.00 12.01 22.81
N ARG E 46 30.70 12.67 21.89
CA ARG E 46 30.04 13.57 20.96
C ARG E 46 28.91 12.85 20.23
N PRO E 47 27.72 13.45 20.13
CA PRO E 47 26.63 12.80 19.39
C PRO E 47 27.05 12.38 17.99
N GLY E 48 26.92 11.09 17.69
CA GLY E 48 27.37 10.51 16.45
C GLY E 48 28.49 9.50 16.59
N THR E 49 29.17 9.47 17.74
CA THR E 49 30.35 8.62 17.92
C THR E 49 29.97 7.15 18.13
N VAL E 50 29.20 6.86 19.17
CA VAL E 50 28.85 5.47 19.41
C VAL E 50 27.89 4.96 18.35
N ALA E 51 27.26 5.86 17.57
CA ALA E 51 26.42 5.40 16.48
C ALA E 51 27.23 4.65 15.43
N LEU E 52 28.19 5.33 14.80
CA LEU E 52 29.00 4.63 13.82
C LEU E 52 29.95 3.64 14.49
N ARG E 53 30.25 3.80 15.78
CA ARG E 53 30.89 2.71 16.51
C ARG E 53 30.04 1.44 16.43
N GLU E 54 28.73 1.59 16.60
CA GLU E 54 27.83 0.45 16.46
C GLU E 54 27.76 -0.06 15.03
N ILE E 55 27.82 0.84 14.04
CA ILE E 55 27.79 0.35 12.66
C ILE E 55 29.06 -0.44 12.32
N ARG E 56 30.21 -0.02 12.85
CA ARG E 56 31.43 -0.81 12.67
C ARG E 56 31.27 -2.18 13.31
N ARG E 57 30.88 -2.21 14.58
CA ARG E 57 30.59 -3.46 15.26
C ARG E 57 29.70 -4.37 14.42
N TYR E 58 28.48 -3.91 14.12
CA TYR E 58 27.46 -4.76 13.55
C TYR E 58 27.75 -5.11 12.08
N GLN E 59 28.53 -4.29 11.38
CA GLN E 59 28.93 -4.69 10.04
C GLN E 59 29.98 -5.79 10.09
N LYS E 60 30.89 -5.75 11.08
CA LYS E 60 31.80 -6.90 11.17
C LYS E 60 31.12 -8.14 11.73
N SER E 61 30.03 -7.97 12.49
CA SER E 61 29.31 -9.12 13.04
C SER E 61 28.66 -9.93 11.92
N THR E 62 28.20 -11.12 12.27
CA THR E 62 27.59 -12.02 11.29
C THR E 62 26.44 -12.82 11.91
N GLU E 63 25.71 -12.21 12.85
CA GLU E 63 24.67 -12.89 13.56
C GLU E 63 23.32 -12.23 13.32
N LEU E 64 22.25 -12.98 13.60
CA LEU E 64 20.90 -12.43 13.53
C LEU E 64 20.74 -11.30 14.54
N LEU E 65 20.02 -10.26 14.14
CA LEU E 65 19.95 -9.02 14.90
C LEU E 65 18.61 -8.78 15.59
N ILE E 66 17.62 -9.63 15.37
CA ILE E 66 16.32 -9.54 16.02
C ILE E 66 16.19 -10.68 17.01
N ARG E 67 15.57 -10.40 18.16
CA ARG E 67 15.30 -11.45 19.13
C ARG E 67 14.48 -12.53 18.46
N LYS E 68 14.98 -13.78 18.51
CA LYS E 68 14.41 -14.85 17.70
C LYS E 68 13.02 -15.28 18.16
N LEU E 69 12.67 -15.04 19.41
CA LEU E 69 11.38 -15.52 19.90
C LEU E 69 10.25 -14.53 19.61
N PRO E 70 10.43 -13.21 19.80
CA PRO E 70 9.43 -12.27 19.26
C PRO E 70 9.25 -12.43 17.77
N PHE E 71 10.34 -12.62 17.03
CA PHE E 71 10.24 -12.84 15.59
C PHE E 71 9.46 -14.12 15.30
N GLN E 72 9.72 -15.18 16.07
CA GLN E 72 8.96 -16.41 15.88
C GLN E 72 7.47 -16.18 16.13
N ARG E 73 7.14 -15.41 17.17
CA ARG E 73 5.73 -15.14 17.44
C ARG E 73 5.10 -14.36 16.29
N LEU E 74 5.88 -13.44 15.69
CA LEU E 74 5.40 -12.74 14.51
C LEU E 74 5.10 -13.72 13.39
N VAL E 75 6.06 -14.60 13.09
CA VAL E 75 5.89 -15.58 12.01
C VAL E 75 4.66 -16.45 12.27
N ARG E 76 4.45 -16.84 13.53
CA ARG E 76 3.34 -17.73 13.83
C ARG E 76 2.00 -17.02 13.67
N GLU E 77 1.86 -15.81 14.22
CA GLU E 77 0.59 -15.09 14.09
C GLU E 77 0.30 -14.74 12.64
N ILE E 78 1.31 -14.24 11.92
CA ILE E 78 1.12 -13.87 10.52
C ILE E 78 0.73 -15.09 9.69
N ALA E 79 1.37 -16.23 9.95
CA ALA E 79 1.02 -17.45 9.22
C ALA E 79 -0.36 -17.96 9.61
N GLN E 80 -0.81 -17.64 10.83
CA GLN E 80 -2.08 -18.18 11.32
C GLN E 80 -3.28 -17.77 10.47
N ASP E 81 -3.19 -16.65 9.75
CA ASP E 81 -4.30 -16.24 8.88
C ASP E 81 -4.41 -17.16 7.67
N PHE E 82 -3.28 -17.58 7.11
CA PHE E 82 -3.30 -18.30 5.85
C PHE E 82 -3.65 -19.77 6.01
N LYS E 83 -3.34 -20.36 7.17
CA LYS E 83 -3.72 -21.74 7.45
C LYS E 83 -3.64 -21.96 8.96
N THR E 84 -4.51 -22.82 9.46
CA THR E 84 -4.68 -23.01 10.90
C THR E 84 -3.75 -24.07 11.45
N ASP E 85 -3.22 -23.80 12.65
CA ASP E 85 -2.33 -24.68 13.41
C ASP E 85 -1.24 -25.32 12.54
N LEU E 86 -0.35 -24.50 12.02
CA LEU E 86 0.85 -24.98 11.34
C LEU E 86 1.95 -25.29 12.34
N ARG E 87 2.72 -26.31 12.03
CA ARG E 87 3.97 -26.53 12.73
C ARG E 87 5.08 -25.96 11.86
N PHE E 88 6.18 -25.57 12.51
CA PHE E 88 7.33 -24.99 11.84
C PHE E 88 8.56 -25.74 12.32
N GLN E 89 9.31 -26.34 11.40
CA GLN E 89 10.64 -26.79 11.79
C GLN E 89 11.51 -25.56 12.00
N SER E 90 12.37 -25.62 13.02
CA SER E 90 13.13 -24.45 13.44
C SER E 90 14.02 -23.91 12.31
N SER E 91 14.65 -24.82 11.57
CA SER E 91 15.43 -24.43 10.39
C SER E 91 14.64 -23.50 9.47
N ALA E 92 13.33 -23.74 9.35
CA ALA E 92 12.53 -22.90 8.47
C ALA E 92 12.37 -21.50 9.05
N VAL E 93 12.02 -21.41 10.34
CA VAL E 93 11.85 -20.09 10.94
C VAL E 93 13.15 -19.31 10.89
N MET E 94 14.29 -20.01 10.99
CA MET E 94 15.57 -19.34 10.90
C MET E 94 15.90 -18.94 9.47
N ALA E 95 15.47 -19.72 8.49
CA ALA E 95 15.53 -19.30 7.11
C ALA E 95 14.77 -17.98 6.91
N LEU E 96 13.56 -17.90 7.48
CA LEU E 96 12.78 -16.69 7.33
C LEU E 96 13.41 -15.50 8.04
N GLN E 97 14.11 -15.73 9.15
CA GLN E 97 14.77 -14.61 9.82
C GLN E 97 16.01 -14.16 9.07
N GLU E 98 16.79 -15.11 8.55
CA GLU E 98 17.95 -14.74 7.75
C GLU E 98 17.54 -13.93 6.53
N ALA E 99 16.48 -14.40 5.84
CA ALA E 99 15.94 -13.66 4.69
C ALA E 99 15.47 -12.28 5.10
N CYS E 100 14.63 -12.20 6.13
CA CYS E 100 14.09 -10.93 6.60
C CYS E 100 15.20 -9.93 6.91
N GLU E 101 16.16 -10.33 7.74
CA GLU E 101 17.20 -9.40 8.15
C GLU E 101 18.05 -8.97 6.96
N ALA E 102 18.40 -9.91 6.07
CA ALA E 102 19.15 -9.53 4.87
C ALA E 102 18.39 -8.48 4.06
N TYR E 103 17.12 -8.76 3.77
CA TYR E 103 16.27 -7.82 3.04
C TYR E 103 16.25 -6.45 3.70
N LEU E 104 16.12 -6.41 5.02
CA LEU E 104 16.00 -5.13 5.72
C LEU E 104 17.32 -4.36 5.72
N VAL E 105 18.46 -5.06 5.80
CA VAL E 105 19.72 -4.31 5.78
C VAL E 105 20.00 -3.78 4.38
N GLY E 106 19.66 -4.55 3.34
CA GLY E 106 19.82 -4.04 1.99
C GLY E 106 18.93 -2.84 1.72
N LEU E 107 17.66 -2.96 2.12
CA LEU E 107 16.77 -1.82 2.03
C LEU E 107 17.33 -0.63 2.79
N PHE E 108 17.94 -0.87 3.95
CA PHE E 108 18.43 0.25 4.75
C PHE E 108 19.61 0.93 4.08
N GLU E 109 20.48 0.18 3.39
CA GLU E 109 21.54 0.87 2.68
C GLU E 109 20.98 1.69 1.52
N ASP E 110 19.99 1.15 0.80
CA ASP E 110 19.38 1.92 -0.29
C ASP E 110 18.71 3.21 0.22
N THR E 111 17.91 3.08 1.28
CA THR E 111 17.27 4.25 1.89
C THR E 111 18.29 5.26 2.40
N ASN E 112 19.39 4.77 2.98
CA ASN E 112 20.44 5.67 3.44
C ASN E 112 21.03 6.43 2.26
N LEU E 113 21.17 5.76 1.12
CA LEU E 113 21.65 6.42 -0.08
C LEU E 113 20.70 7.51 -0.55
N CYS E 114 19.39 7.23 -0.52
CA CYS E 114 18.41 8.27 -0.85
C CYS E 114 18.52 9.44 0.11
N ALA E 115 18.62 9.16 1.41
CA ALA E 115 18.75 10.23 2.40
C ALA E 115 19.94 11.13 2.12
N ILE E 116 21.14 10.55 1.94
CA ILE E 116 22.30 11.39 1.67
C ILE E 116 22.15 12.11 0.33
N HIS E 117 21.46 11.50 -0.64
CA HIS E 117 21.28 12.16 -1.93
C HIS E 117 20.48 13.46 -1.79
N ALA E 118 19.56 13.51 -0.83
CA ALA E 118 18.84 14.73 -0.51
C ALA E 118 19.62 15.63 0.44
N LYS E 119 20.90 15.30 0.67
CA LYS E 119 21.84 16.14 1.42
C LYS E 119 21.43 16.29 2.89
N ARG E 120 20.89 15.24 3.47
CA ARG E 120 20.79 15.10 4.92
C ARG E 120 21.45 13.78 5.30
N VAL E 121 21.46 13.49 6.61
CA VAL E 121 22.07 12.27 7.13
C VAL E 121 21.08 11.45 7.93
N THR E 122 19.87 11.95 8.16
CA THR E 122 18.87 11.22 8.93
C THR E 122 17.94 10.54 7.95
N ILE E 123 17.83 9.22 8.05
CA ILE E 123 16.91 8.49 7.20
C ILE E 123 15.50 8.63 7.77
N MET E 124 14.55 8.87 6.89
CA MET E 124 13.15 9.09 7.26
C MET E 124 12.28 8.45 6.19
N PRO E 125 10.99 8.19 6.50
CA PRO E 125 10.18 7.37 5.59
C PRO E 125 10.12 7.81 4.13
N LYS E 126 10.32 9.08 3.83
CA LYS E 126 10.46 9.49 2.44
C LYS E 126 11.53 8.66 1.73
N ASP E 127 12.66 8.43 2.42
CA ASP E 127 13.75 7.66 1.85
C ASP E 127 13.34 6.23 1.59
N ILE E 128 12.67 5.60 2.57
CA ILE E 128 12.25 4.21 2.42
C ILE E 128 11.29 4.05 1.25
N GLN E 129 10.33 4.99 1.15
CA GLN E 129 9.34 4.90 0.08
C GLN E 129 9.95 5.16 -1.28
N LEU E 130 10.89 6.10 -1.38
CA LEU E 130 11.58 6.30 -2.65
C LEU E 130 12.39 5.07 -3.02
N ALA E 131 13.11 4.49 -2.05
CA ALA E 131 13.94 3.33 -2.33
C ALA E 131 13.11 2.15 -2.82
N ARG E 132 11.99 1.88 -2.15
CA ARG E 132 11.17 0.74 -2.57
C ARG E 132 10.46 1.04 -3.88
N ARG E 133 10.09 2.29 -4.12
CA ARG E 133 9.48 2.62 -5.40
C ARG E 133 10.47 2.44 -6.54
N ILE E 134 11.77 2.64 -6.29
CA ILE E 134 12.73 2.49 -7.38
C ILE E 134 13.12 1.03 -7.58
N ARG E 135 13.29 0.26 -6.49
CA ARG E 135 13.57 -1.17 -6.66
C ARG E 135 12.38 -1.92 -7.25
N GLY E 136 11.22 -1.28 -7.39
CA GLY E 136 10.04 -1.94 -7.93
C GLY E 136 9.15 -2.66 -6.94
N GLU E 137 9.17 -2.25 -5.67
CA GLU E 137 8.34 -2.86 -4.66
C GLU E 137 7.00 -2.15 -4.48
N ARG E 138 6.87 -0.93 -5.00
CA ARG E 138 5.62 -0.18 -4.88
C ARG E 138 5.23 0.48 -6.20
N ARG F 27 -2.77 -11.83 20.02
CA ARG F 27 -1.79 -11.61 18.97
C ARG F 27 -1.22 -10.19 19.03
N ASP F 28 -1.24 -9.50 17.89
CA ASP F 28 -0.65 -8.17 17.76
C ASP F 28 0.85 -8.22 18.07
N ASN F 29 1.58 -8.92 17.22
CA ASN F 29 2.97 -9.23 17.49
C ASN F 29 3.96 -8.28 16.84
N ILE F 30 3.52 -7.53 15.82
CA ILE F 30 4.45 -6.70 15.05
C ILE F 30 5.25 -5.81 15.99
N GLN F 31 4.56 -5.08 16.87
CA GLN F 31 5.25 -4.18 17.79
C GLN F 31 6.28 -4.90 18.66
N GLY F 32 6.23 -6.23 18.71
CA GLY F 32 7.23 -6.98 19.45
C GLY F 32 8.62 -6.92 18.86
N ILE F 33 8.75 -6.54 17.59
CA ILE F 33 10.07 -6.32 17.01
C ILE F 33 10.57 -4.97 17.53
N THR F 34 11.35 -5.02 18.61
CA THR F 34 11.72 -3.84 19.37
C THR F 34 12.37 -2.78 18.49
N LYS F 35 12.27 -1.54 18.95
CA LYS F 35 12.98 -0.43 18.31
C LYS F 35 14.49 -0.61 18.32
N PRO F 36 15.14 -1.07 19.39
CA PRO F 36 16.59 -1.32 19.30
C PRO F 36 16.96 -2.29 18.20
N ALA F 37 16.18 -3.34 18.00
CA ALA F 37 16.46 -4.27 16.91
C ALA F 37 16.48 -3.56 15.56
N ILE F 38 15.40 -2.86 15.23
CA ILE F 38 15.34 -2.08 13.99
C ILE F 38 16.57 -1.20 13.88
N ARG F 39 16.93 -0.55 14.99
CA ARG F 39 18.13 0.28 15.01
C ARG F 39 19.36 -0.54 14.62
N ARG F 40 19.48 -1.77 15.13
CA ARG F 40 20.61 -2.63 14.77
C ARG F 40 20.65 -2.95 13.28
N LEU F 41 19.53 -3.46 12.73
CA LEU F 41 19.47 -3.69 11.29
C LEU F 41 19.94 -2.45 10.53
N ALA F 42 19.45 -1.29 10.95
CA ALA F 42 19.88 -0.05 10.31
C ALA F 42 21.39 0.14 10.43
N ARG F 43 21.95 -0.14 11.61
CA ARG F 43 23.38 0.05 11.81
C ARG F 43 24.19 -0.84 10.88
N ARG F 44 23.76 -2.09 10.71
CA ARG F 44 24.44 -2.96 9.75
C ARG F 44 24.34 -2.41 8.34
N GLY F 45 23.21 -1.78 8.00
CA GLY F 45 23.07 -1.13 6.71
C GLY F 45 23.85 0.15 6.53
N GLY F 46 24.57 0.59 7.56
CA GLY F 46 25.48 1.70 7.46
C GLY F 46 24.92 3.07 7.75
N VAL F 47 23.69 3.18 8.26
CA VAL F 47 23.11 4.49 8.53
C VAL F 47 23.49 4.93 9.93
N LYS F 48 23.77 6.22 10.07
CA LYS F 48 24.25 6.84 11.30
C LYS F 48 23.11 7.42 12.13
N ARG F 49 22.30 8.28 11.54
CA ARG F 49 21.22 8.96 12.23
C ARG F 49 19.88 8.54 11.61
N ILE F 50 18.92 8.18 12.45
CA ILE F 50 17.66 7.61 11.98
C ILE F 50 16.50 8.36 12.63
N SER F 51 15.58 8.86 11.81
CA SER F 51 14.39 9.51 12.33
C SER F 51 13.47 8.50 12.99
N GLY F 52 12.59 9.01 13.88
CA GLY F 52 11.78 8.13 14.69
C GLY F 52 10.64 7.48 13.95
N LEU F 53 10.04 8.19 12.98
CA LEU F 53 8.91 7.62 12.27
C LEU F 53 9.32 6.49 11.33
N ILE F 54 10.61 6.15 11.28
CA ILE F 54 11.02 4.94 10.58
C ILE F 54 10.61 3.70 11.35
N TYR F 55 10.66 3.75 12.69
CA TYR F 55 10.42 2.53 13.46
C TYR F 55 9.05 1.96 13.16
N GLU F 56 8.05 2.80 12.94
CA GLU F 56 6.76 2.29 12.50
C GLU F 56 6.82 1.89 11.03
N GLU F 57 7.36 2.78 10.20
CA GLU F 57 7.44 2.53 8.76
C GLU F 57 8.07 1.17 8.48
N THR F 58 9.26 0.94 9.03
CA THR F 58 9.97 -0.32 8.83
C THR F 58 9.10 -1.51 9.21
N ARG F 59 8.42 -1.44 10.36
CA ARG F 59 7.54 -2.53 10.75
C ARG F 59 6.58 -2.87 9.63
N GLY F 60 5.88 -1.84 9.12
CA GLY F 60 5.01 -2.07 7.97
C GLY F 60 5.77 -2.74 6.85
N VAL F 61 6.91 -2.15 6.47
CA VAL F 61 7.72 -2.69 5.38
C VAL F 61 8.01 -4.16 5.63
N LEU F 62 8.38 -4.50 6.86
CA LEU F 62 8.66 -5.90 7.17
C LEU F 62 7.42 -6.74 7.00
N LYS F 63 6.32 -6.30 7.62
CA LYS F 63 5.11 -7.12 7.69
C LYS F 63 4.71 -7.63 6.32
N VAL F 64 4.42 -6.71 5.40
CA VAL F 64 3.98 -7.13 4.06
C VAL F 64 5.02 -8.03 3.42
N PHE F 65 6.31 -7.67 3.51
CA PHE F 65 7.35 -8.55 3.00
C PHE F 65 7.17 -9.96 3.53
N LEU F 66 7.12 -10.09 4.87
CA LEU F 66 6.98 -11.41 5.46
C LEU F 66 5.69 -12.06 4.98
N GLU F 67 4.60 -11.27 4.98
CA GLU F 67 3.30 -11.80 4.56
C GLU F 67 3.40 -12.45 3.20
N ASN F 68 4.28 -11.95 2.33
CA ASN F 68 4.35 -12.54 1.01
C ASN F 68 5.09 -13.87 1.07
N VAL F 69 6.31 -13.88 1.60
CA VAL F 69 7.11 -15.10 1.55
C VAL F 69 6.42 -16.23 2.31
N ILE F 70 5.94 -15.93 3.52
CA ILE F 70 5.22 -16.92 4.30
C ILE F 70 4.01 -17.43 3.53
N ARG F 71 3.26 -16.53 2.89
CA ARG F 71 2.10 -16.96 2.13
C ARG F 71 2.52 -17.98 1.08
N ASP F 72 3.60 -17.69 0.34
CA ASP F 72 4.10 -18.69 -0.60
C ASP F 72 4.43 -19.99 0.11
N ALA F 73 5.23 -19.91 1.18
CA ALA F 73 5.70 -21.12 1.87
C ALA F 73 4.55 -22.04 2.23
N VAL F 74 3.51 -21.50 2.86
CA VAL F 74 2.43 -22.35 3.33
C VAL F 74 1.71 -23.00 2.15
N THR F 75 1.57 -22.26 1.04
CA THR F 75 0.94 -22.87 -0.13
C THR F 75 1.80 -24.00 -0.65
N TYR F 76 3.14 -23.82 -0.63
CA TYR F 76 4.04 -24.92 -0.97
C TYR F 76 3.77 -26.11 -0.05
N THR F 77 3.53 -25.85 1.23
CA THR F 77 3.18 -26.92 2.17
C THR F 77 1.86 -27.57 1.78
N GLU F 78 0.87 -26.75 1.40
CA GLU F 78 -0.48 -27.29 1.19
C GLU F 78 -0.53 -28.15 -0.06
N HIS F 79 0.24 -27.80 -1.08
CA HIS F 79 0.34 -28.66 -2.25
C HIS F 79 0.97 -29.99 -1.90
N ALA F 80 1.96 -29.98 -1.02
CA ALA F 80 2.63 -31.20 -0.54
C ALA F 80 1.82 -31.97 0.49
N LYS F 81 0.61 -31.53 0.82
CA LYS F 81 -0.28 -32.26 1.73
C LYS F 81 0.38 -32.49 3.09
N ARG F 82 1.14 -31.52 3.57
CA ARG F 82 1.72 -31.59 4.90
C ARG F 82 1.08 -30.52 5.78
N LYS F 83 1.50 -30.49 7.04
CA LYS F 83 1.01 -29.51 7.99
C LYS F 83 2.12 -28.78 8.71
N THR F 84 3.38 -29.15 8.48
CA THR F 84 4.51 -28.39 8.96
C THR F 84 5.17 -27.73 7.75
N VAL F 85 5.42 -26.44 7.84
CA VAL F 85 6.20 -25.72 6.84
C VAL F 85 7.67 -26.05 7.05
N THR F 86 8.30 -26.58 6.02
CA THR F 86 9.71 -26.95 6.08
C THR F 86 10.58 -25.80 5.58
N ALA F 87 11.88 -25.94 5.81
CA ALA F 87 12.82 -24.93 5.33
C ALA F 87 12.83 -24.89 3.81
N MET F 88 12.56 -26.03 3.15
CA MET F 88 12.50 -26.05 1.70
C MET F 88 11.35 -25.23 1.17
N ASP F 89 10.24 -25.15 1.90
CA ASP F 89 9.15 -24.28 1.48
C ASP F 89 9.55 -22.82 1.57
N VAL F 90 10.31 -22.46 2.61
CA VAL F 90 10.79 -21.09 2.73
C VAL F 90 11.75 -20.76 1.60
N VAL F 91 12.75 -21.63 1.36
CA VAL F 91 13.75 -21.32 0.34
C VAL F 91 13.13 -21.32 -1.06
N TYR F 92 12.13 -22.18 -1.29
CA TYR F 92 11.42 -22.16 -2.57
C TYR F 92 10.64 -20.86 -2.72
N ALA F 93 9.96 -20.44 -1.65
CA ALA F 93 9.23 -19.17 -1.66
C ALA F 93 10.15 -18.01 -2.01
N LEU F 94 11.32 -17.95 -1.36
CA LEU F 94 12.30 -16.89 -1.61
C LEU F 94 12.85 -16.97 -3.03
N LYS F 95 13.11 -18.17 -3.53
CA LYS F 95 13.64 -18.30 -4.88
C LYS F 95 12.64 -17.84 -5.93
N ARG F 96 11.37 -18.21 -5.76
CA ARG F 96 10.34 -17.78 -6.71
C ARG F 96 9.99 -16.31 -6.56
N GLN F 97 10.54 -15.62 -5.57
CA GLN F 97 10.40 -14.18 -5.43
C GLN F 97 11.70 -13.44 -5.73
N GLY F 98 12.63 -14.09 -6.43
CA GLY F 98 13.85 -13.42 -6.84
C GLY F 98 14.84 -13.16 -5.73
N ARG F 99 14.77 -13.94 -4.64
CA ARG F 99 15.66 -13.76 -3.49
C ARG F 99 16.20 -15.12 -3.06
N THR F 100 17.12 -15.66 -3.86
CA THR F 100 17.69 -16.97 -3.58
C THR F 100 18.48 -16.96 -2.26
N LEU F 101 18.35 -18.03 -1.49
CA LEU F 101 18.92 -18.13 -0.15
C LEU F 101 19.77 -19.39 -0.04
N TYR F 102 21.02 -19.24 0.36
CA TYR F 102 21.96 -20.35 0.51
C TYR F 102 22.10 -20.74 1.98
N GLY F 103 22.19 -22.04 2.22
CA GLY F 103 22.50 -22.53 3.56
C GLY F 103 21.46 -23.44 4.17
N PHE F 104 20.35 -23.74 3.49
CA PHE F 104 19.31 -24.57 4.09
C PHE F 104 18.90 -25.74 3.22
N GLY F 105 19.52 -25.92 2.05
CA GLY F 105 19.23 -27.07 1.20
C GLY F 105 18.91 -26.72 -0.23
N LYS G 13 -17.66 -51.97 -36.11
CA LYS G 13 -16.66 -51.46 -35.17
C LYS G 13 -16.05 -50.16 -35.69
N ALA G 14 -16.81 -49.45 -36.52
CA ALA G 14 -16.38 -48.16 -37.01
C ALA G 14 -16.14 -47.19 -35.83
N ARG G 15 -15.31 -46.19 -36.09
CA ARG G 15 -14.96 -45.23 -35.05
C ARG G 15 -16.19 -44.40 -34.65
N ALA G 16 -16.03 -43.63 -33.59
CA ALA G 16 -16.93 -42.53 -33.32
C ALA G 16 -16.38 -41.27 -33.96
N LYS G 17 -17.26 -40.32 -34.24
CA LYS G 17 -16.81 -39.03 -34.76
C LYS G 17 -15.82 -38.40 -33.81
N ALA G 18 -14.68 -37.98 -34.34
CA ALA G 18 -13.66 -37.31 -33.53
C ALA G 18 -14.19 -35.96 -33.07
N LYS G 19 -14.28 -35.78 -31.76
CA LYS G 19 -14.57 -34.49 -31.14
C LYS G 19 -13.37 -34.09 -30.31
N THR G 20 -13.08 -32.79 -30.28
CA THR G 20 -11.89 -32.29 -29.62
C THR G 20 -12.11 -32.11 -28.13
N ARG G 21 -11.08 -32.44 -27.33
CA ARG G 21 -11.17 -32.27 -25.89
C ARG G 21 -11.43 -30.82 -25.51
N SER G 22 -10.88 -29.87 -26.28
CA SER G 22 -11.14 -28.47 -26.04
C SER G 22 -12.63 -28.16 -26.05
N SER G 23 -13.40 -28.87 -26.88
CA SER G 23 -14.85 -28.68 -26.88
C SER G 23 -15.50 -29.37 -25.69
N ARG G 24 -15.00 -30.56 -25.33
CA ARG G 24 -15.52 -31.27 -24.16
C ARG G 24 -15.36 -30.43 -22.90
N ALA G 25 -14.27 -29.66 -22.80
CA ALA G 25 -14.04 -28.79 -21.66
C ALA G 25 -14.86 -27.51 -21.73
N GLY G 26 -15.26 -27.09 -22.92
CA GLY G 26 -16.03 -25.87 -23.06
C GLY G 26 -15.13 -24.65 -23.20
N LEU G 27 -14.10 -24.79 -24.02
CA LEU G 27 -13.06 -23.78 -24.15
C LEU G 27 -12.80 -23.47 -25.62
N GLN G 28 -12.37 -22.23 -25.88
CA GLN G 28 -11.91 -21.86 -27.23
C GLN G 28 -10.46 -22.27 -27.43
N PHE G 29 -9.64 -22.13 -26.39
CA PHE G 29 -8.21 -22.39 -26.50
C PHE G 29 -7.95 -23.88 -26.74
N PRO G 30 -6.83 -24.21 -27.39
CA PRO G 30 -6.62 -25.60 -27.84
C PRO G 30 -6.03 -26.52 -26.78
N VAL G 31 -6.89 -27.30 -26.11
CA VAL G 31 -6.40 -28.28 -25.14
C VAL G 31 -5.37 -29.21 -25.77
N GLY G 32 -5.57 -29.59 -27.04
CA GLY G 32 -4.65 -30.50 -27.69
C GLY G 32 -3.27 -29.88 -27.86
N ARG G 33 -3.22 -28.65 -28.37
CA ARG G 33 -1.94 -27.96 -28.49
C ARG G 33 -1.28 -27.79 -27.12
N VAL G 34 -2.03 -27.29 -26.14
CA VAL G 34 -1.49 -27.07 -24.80
C VAL G 34 -0.89 -28.37 -24.26
N HIS G 35 -1.59 -29.49 -24.46
CA HIS G 35 -1.08 -30.79 -24.03
C HIS G 35 0.24 -31.10 -24.72
N ARG G 36 0.28 -30.95 -26.05
CA ARG G 36 1.51 -31.23 -26.79
C ARG G 36 2.67 -30.38 -26.28
N LEU G 37 2.41 -29.08 -26.07
CA LEU G 37 3.43 -28.19 -25.56
C LEU G 37 3.91 -28.65 -24.18
N LEU G 38 2.97 -29.05 -23.31
CA LEU G 38 3.37 -29.56 -22.00
C LEU G 38 4.32 -30.73 -22.14
N ARG G 39 3.94 -31.74 -22.94
CA ARG G 39 4.79 -32.92 -23.06
C ARG G 39 6.13 -32.58 -23.70
N LYS G 40 6.11 -31.81 -24.79
CA LYS G 40 7.34 -31.51 -25.50
C LYS G 40 8.22 -30.50 -24.76
N GLY G 41 7.65 -29.71 -23.85
CA GLY G 41 8.44 -28.68 -23.21
C GLY G 41 9.43 -29.17 -22.20
N ASN G 42 9.58 -30.49 -22.04
CA ASN G 42 10.50 -31.08 -21.07
C ASN G 42 10.20 -30.54 -19.67
N TYR G 43 8.91 -30.41 -19.36
CA TYR G 43 8.52 -30.04 -18.01
C TYR G 43 8.37 -31.26 -17.11
N SER G 44 7.84 -32.36 -17.65
CA SER G 44 7.69 -33.59 -16.88
C SER G 44 7.95 -34.79 -17.78
N GLU G 45 8.03 -35.96 -17.15
CA GLU G 45 7.93 -37.22 -17.88
C GLU G 45 6.50 -37.46 -18.34
N ARG G 46 5.54 -37.08 -17.51
CA ARG G 46 4.13 -37.42 -17.73
C ARG G 46 3.26 -36.20 -17.48
N VAL G 47 2.29 -35.99 -18.36
CA VAL G 47 1.33 -34.90 -18.23
C VAL G 47 -0.04 -35.52 -18.00
N GLY G 48 -0.67 -35.16 -16.89
CA GLY G 48 -2.00 -35.67 -16.60
C GLY G 48 -3.01 -35.28 -17.67
N ALA G 49 -4.13 -36.00 -17.68
CA ALA G 49 -5.09 -35.81 -18.77
C ALA G 49 -5.96 -34.59 -18.56
N GLY G 50 -6.16 -34.17 -17.31
CA GLY G 50 -6.91 -32.97 -16.98
C GLY G 50 -6.09 -31.71 -16.91
N ALA G 51 -4.76 -31.84 -16.89
CA ALA G 51 -3.88 -30.68 -16.85
C ALA G 51 -4.09 -29.73 -18.02
N PRO G 52 -4.01 -30.17 -19.28
CA PRO G 52 -4.13 -29.20 -20.38
C PRO G 52 -5.48 -28.50 -20.45
N VAL G 53 -6.56 -29.13 -19.99
CA VAL G 53 -7.85 -28.41 -20.03
C VAL G 53 -7.85 -27.33 -18.96
N TYR G 54 -7.20 -27.58 -17.82
CA TYR G 54 -7.03 -26.56 -16.79
C TYR G 54 -6.21 -25.38 -17.32
N LEU G 55 -5.01 -25.67 -17.84
CA LEU G 55 -4.13 -24.63 -18.33
C LEU G 55 -4.78 -23.83 -19.46
N ALA G 56 -5.34 -24.52 -20.44
CA ALA G 56 -6.10 -23.85 -21.50
C ALA G 56 -7.20 -22.97 -20.92
N ALA G 57 -7.93 -23.48 -19.93
CA ALA G 57 -9.01 -22.72 -19.32
C ALA G 57 -8.50 -21.42 -18.71
N VAL G 58 -7.35 -21.47 -18.03
CA VAL G 58 -6.83 -20.26 -17.40
C VAL G 58 -6.29 -19.28 -18.44
N LEU G 59 -5.59 -19.79 -19.46
CA LEU G 59 -5.07 -18.91 -20.50
C LEU G 59 -6.21 -18.18 -21.20
N GLU G 60 -7.28 -18.91 -21.51
CA GLU G 60 -8.47 -18.28 -22.08
C GLU G 60 -9.06 -17.25 -21.13
N TYR G 61 -9.07 -17.55 -19.82
CA TYR G 61 -9.62 -16.61 -18.86
C TYR G 61 -8.87 -15.27 -18.88
N LEU G 62 -7.55 -15.31 -18.65
CA LEU G 62 -6.77 -14.08 -18.63
C LEU G 62 -6.88 -13.34 -19.96
N THR G 63 -6.85 -14.08 -21.07
CA THR G 63 -7.07 -13.47 -22.38
C THR G 63 -8.38 -12.68 -22.38
N ALA G 64 -9.45 -13.29 -21.86
CA ALA G 64 -10.74 -12.60 -21.79
C ALA G 64 -10.68 -11.34 -20.94
N GLU G 65 -9.99 -11.40 -19.78
CA GLU G 65 -9.92 -10.23 -18.91
C GLU G 65 -9.24 -9.05 -19.60
N ILE G 66 -8.00 -9.24 -20.04
CA ILE G 66 -7.31 -8.11 -20.65
C ILE G 66 -8.00 -7.71 -21.94
N LEU G 67 -8.64 -8.66 -22.62
CA LEU G 67 -9.24 -8.36 -23.90
C LEU G 67 -10.53 -7.55 -23.76
N GLU G 68 -11.31 -7.78 -22.70
CA GLU G 68 -12.44 -6.88 -22.43
C GLU G 68 -11.96 -5.50 -22.02
N LEU G 69 -11.05 -5.43 -21.04
CA LEU G 69 -10.58 -4.12 -20.57
C LEU G 69 -10.02 -3.30 -21.73
N ALA G 70 -9.23 -3.95 -22.59
CA ALA G 70 -8.69 -3.28 -23.76
C ALA G 70 -9.79 -2.92 -24.75
N GLY G 71 -10.72 -3.83 -24.99
CA GLY G 71 -11.83 -3.57 -25.89
C GLY G 71 -12.64 -2.33 -25.56
N ASN G 72 -13.19 -2.25 -24.35
CA ASN G 72 -13.94 -1.05 -24.00
C ASN G 72 -13.03 0.15 -23.80
N ALA G 73 -11.76 -0.07 -23.48
CA ALA G 73 -10.83 1.07 -23.45
C ALA G 73 -10.74 1.70 -24.84
N ALA G 74 -10.58 0.86 -25.86
CA ALA G 74 -10.56 1.35 -27.23
C ALA G 74 -11.90 1.97 -27.61
N ARG G 75 -13.01 1.44 -27.07
CA ARG G 75 -14.32 1.98 -27.44
C ARG G 75 -14.54 3.36 -26.82
N ASP G 76 -13.88 3.63 -25.68
CA ASP G 76 -13.89 4.98 -25.14
C ASP G 76 -13.13 5.94 -26.04
N ASN G 77 -12.08 5.45 -26.71
CA ASN G 77 -11.30 6.24 -27.65
C ASN G 77 -11.95 6.31 -29.03
N LYS G 78 -13.19 5.82 -29.15
CA LYS G 78 -13.97 5.85 -30.39
C LYS G 78 -13.17 5.28 -31.56
N LYS G 79 -12.88 3.99 -31.46
CA LYS G 79 -12.16 3.28 -32.51
C LYS G 79 -12.70 1.87 -32.60
N THR G 80 -12.64 1.29 -33.80
CA THR G 80 -13.20 -0.03 -34.07
C THR G 80 -12.22 -1.17 -33.90
N ARG G 81 -10.92 -0.88 -33.84
CA ARG G 81 -9.90 -1.90 -33.62
C ARG G 81 -9.28 -1.73 -32.25
N ILE G 82 -8.68 -2.82 -31.77
CA ILE G 82 -7.82 -2.77 -30.58
C ILE G 82 -6.38 -2.66 -31.08
N ILE G 83 -5.70 -1.60 -30.66
CA ILE G 83 -4.29 -1.41 -31.02
C ILE G 83 -3.46 -1.53 -29.75
N PRO G 84 -2.15 -1.83 -29.86
CA PRO G 84 -1.30 -2.00 -28.66
C PRO G 84 -1.57 -1.01 -27.54
N ARG G 85 -1.70 0.27 -27.88
CA ARG G 85 -1.93 1.30 -26.87
C ARG G 85 -3.15 0.99 -26.02
N HIS G 86 -4.23 0.49 -26.65
CA HIS G 86 -5.45 0.22 -25.89
C HIS G 86 -5.25 -0.90 -24.87
N LEU G 87 -4.56 -1.98 -25.25
CA LEU G 87 -4.31 -3.03 -24.29
C LEU G 87 -3.32 -2.61 -23.21
N GLN G 88 -2.36 -1.73 -23.51
CA GLN G 88 -1.51 -1.29 -22.41
C GLN G 88 -2.29 -0.42 -21.44
N LEU G 89 -3.11 0.50 -21.93
CA LEU G 89 -4.01 1.22 -21.04
C LEU G 89 -4.85 0.26 -20.21
N ALA G 90 -5.31 -0.84 -20.83
CA ALA G 90 -6.03 -1.88 -20.10
C ALA G 90 -5.19 -2.44 -18.96
N ILE G 91 -3.93 -2.78 -19.24
CA ILE G 91 -3.09 -3.48 -18.26
C ILE G 91 -2.67 -2.54 -17.13
N ARG G 92 -2.12 -1.38 -17.48
CA ARG G 92 -1.47 -0.52 -16.48
C ARG G 92 -2.46 0.19 -15.57
N ASN G 93 -3.75 0.17 -15.90
CA ASN G 93 -4.77 0.79 -15.07
C ASN G 93 -5.53 -0.21 -14.22
N ASP G 94 -5.14 -1.47 -14.27
CA ASP G 94 -5.76 -2.52 -13.46
C ASP G 94 -4.69 -2.99 -12.48
N GLU G 95 -4.97 -2.84 -11.19
CA GLU G 95 -3.97 -3.09 -10.15
C GLU G 95 -3.41 -4.50 -10.26
N GLU G 96 -4.29 -5.49 -10.34
CA GLU G 96 -3.85 -6.88 -10.38
C GLU G 96 -3.13 -7.21 -11.68
N LEU G 97 -3.75 -6.89 -12.81
CA LEU G 97 -3.11 -7.16 -14.10
C LEU G 97 -1.82 -6.38 -14.27
N ASN G 98 -1.78 -5.12 -13.83
CA ASN G 98 -0.54 -4.36 -13.90
C ASN G 98 0.54 -5.00 -13.03
N LYS G 99 0.15 -5.50 -11.85
CA LYS G 99 1.07 -6.22 -11.00
C LYS G 99 1.61 -7.47 -11.68
N LEU G 100 0.73 -8.22 -12.36
CA LEU G 100 1.15 -9.44 -13.02
C LEU G 100 2.15 -9.14 -14.13
N LEU G 101 1.94 -8.08 -14.89
CA LEU G 101 2.77 -7.73 -16.03
C LEU G 101 3.66 -6.52 -15.74
N GLY G 102 4.22 -6.45 -14.53
CA GLY G 102 5.02 -5.30 -14.16
C GLY G 102 6.39 -5.28 -14.81
N ARG G 103 6.86 -6.43 -15.29
CA ARG G 103 8.18 -6.57 -15.88
C ARG G 103 8.14 -6.68 -17.40
N VAL G 104 7.00 -6.39 -18.02
CA VAL G 104 6.90 -6.48 -19.48
C VAL G 104 6.63 -5.09 -20.04
N THR G 105 6.95 -4.92 -21.32
CA THR G 105 6.75 -3.65 -22.02
C THR G 105 6.01 -3.94 -23.30
N ILE G 106 4.80 -3.40 -23.43
CA ILE G 106 3.99 -3.61 -24.62
C ILE G 106 4.53 -2.70 -25.71
N ALA G 107 5.27 -3.29 -26.65
CA ALA G 107 5.81 -2.55 -27.77
C ALA G 107 4.71 -1.74 -28.45
N GLN G 108 5.05 -0.52 -28.86
CA GLN G 108 4.11 0.41 -29.49
C GLN G 108 2.97 0.78 -28.55
N GLY G 109 3.23 0.76 -27.25
CA GLY G 109 2.18 0.98 -26.26
C GLY G 109 2.19 2.29 -25.50
N GLY G 110 3.35 2.95 -25.42
CA GLY G 110 3.39 4.19 -24.67
C GLY G 110 3.30 3.99 -23.15
N VAL G 111 2.97 5.09 -22.47
CA VAL G 111 2.96 5.14 -21.01
C VAL G 111 1.69 5.85 -20.55
N LEU G 112 1.23 5.51 -19.35
CA LEU G 112 0.07 6.18 -18.77
C LEU G 112 0.36 7.66 -18.58
N PRO G 113 -0.54 8.55 -18.99
CA PRO G 113 -0.36 9.98 -18.70
C PRO G 113 -0.35 10.27 -17.21
N ASN G 114 0.75 10.83 -16.72
CA ASN G 114 0.86 11.22 -15.32
C ASN G 114 2.00 12.21 -15.20
N ILE G 115 1.72 13.39 -14.65
CA ILE G 115 2.70 14.43 -14.42
C ILE G 115 2.81 14.61 -12.92
N GLN G 116 4.02 14.49 -12.38
CA GLN G 116 4.24 14.69 -10.96
C GLN G 116 3.65 16.03 -10.51
N ALA G 117 2.83 15.97 -9.45
CA ALA G 117 1.99 17.11 -9.09
C ALA G 117 2.79 18.36 -8.77
N VAL G 118 3.98 18.21 -8.19
CA VAL G 118 4.79 19.38 -7.86
C VAL G 118 5.21 20.13 -9.11
N LEU G 119 5.12 19.50 -10.28
CA LEU G 119 5.56 20.13 -11.51
C LEU G 119 4.44 20.85 -12.23
N LEU G 120 3.22 20.78 -11.72
CA LEU G 120 2.12 21.46 -12.36
C LEU G 120 2.07 22.92 -11.92
N PRO G 121 1.40 23.80 -12.70
CA PRO G 121 1.37 25.21 -12.33
C PRO G 121 0.44 25.46 -11.16
N LYS H 38 3.54 -22.74 -39.46
CA LYS H 38 4.06 -21.71 -38.57
C LYS H 38 2.93 -21.17 -37.70
N GLU H 39 2.68 -21.85 -36.58
CA GLU H 39 1.48 -21.70 -35.78
C GLU H 39 1.65 -20.62 -34.71
N SER H 40 0.51 -20.19 -34.17
CA SER H 40 0.44 -19.26 -33.05
C SER H 40 -0.89 -19.47 -32.34
N TYR H 41 -1.26 -18.54 -31.46
CA TYR H 41 -2.52 -18.60 -30.73
C TYR H 41 -3.57 -17.63 -31.29
N SER H 42 -3.41 -17.19 -32.54
CA SER H 42 -4.17 -16.05 -33.05
C SER H 42 -5.66 -16.34 -33.14
N ILE H 43 -6.03 -17.50 -33.69
CA ILE H 43 -7.45 -17.78 -33.92
C ILE H 43 -8.21 -17.87 -32.60
N TYR H 44 -7.56 -18.36 -31.55
CA TYR H 44 -8.26 -18.53 -30.29
C TYR H 44 -8.48 -17.20 -29.59
N VAL H 45 -7.49 -16.30 -29.64
CA VAL H 45 -7.71 -14.98 -29.05
C VAL H 45 -8.71 -14.18 -29.87
N TYR H 46 -8.79 -14.44 -31.18
CA TYR H 46 -9.87 -13.80 -31.95
C TYR H 46 -11.23 -14.35 -31.55
N LYS H 47 -11.32 -15.66 -31.34
CA LYS H 47 -12.58 -16.27 -30.91
C LYS H 47 -13.05 -15.71 -29.56
N VAL H 48 -12.13 -15.62 -28.59
CA VAL H 48 -12.46 -15.02 -27.31
C VAL H 48 -12.86 -13.56 -27.47
N LEU H 49 -12.13 -12.84 -28.35
CA LEU H 49 -12.43 -11.43 -28.60
C LEU H 49 -13.85 -11.26 -29.09
N LYS H 50 -14.18 -11.87 -30.24
CA LYS H 50 -15.53 -11.80 -30.76
C LYS H 50 -16.57 -12.36 -29.79
N GLN H 51 -16.14 -13.18 -28.81
CA GLN H 51 -17.09 -13.60 -27.79
C GLN H 51 -17.43 -12.47 -26.83
N VAL H 52 -16.46 -11.65 -26.45
CA VAL H 52 -16.69 -10.64 -25.42
C VAL H 52 -17.02 -9.28 -26.01
N HIS H 53 -16.36 -8.88 -27.10
CA HIS H 53 -16.62 -7.60 -27.77
C HIS H 53 -16.69 -7.85 -29.28
N PRO H 54 -17.85 -8.27 -29.79
CA PRO H 54 -17.94 -8.67 -31.21
C PRO H 54 -17.66 -7.56 -32.21
N ASP H 55 -17.91 -6.29 -31.86
CA ASP H 55 -17.75 -5.24 -32.86
C ASP H 55 -16.28 -4.88 -33.06
N THR H 56 -15.48 -4.92 -32.01
CA THR H 56 -14.09 -4.49 -32.14
C THR H 56 -13.24 -5.60 -32.73
N GLY H 57 -12.14 -5.20 -33.35
CA GLY H 57 -11.21 -6.12 -33.97
C GLY H 57 -9.85 -5.92 -33.35
N ILE H 58 -8.80 -6.36 -34.05
CA ILE H 58 -7.43 -6.27 -33.53
C ILE H 58 -6.49 -6.05 -34.70
N SER H 59 -5.51 -5.18 -34.51
CA SER H 59 -4.44 -5.01 -35.48
C SER H 59 -3.41 -6.12 -35.30
N SER H 60 -2.58 -6.31 -36.34
CA SER H 60 -1.58 -7.36 -36.32
C SER H 60 -0.64 -7.19 -35.13
N LYS H 61 -0.18 -5.96 -34.89
CA LYS H 61 0.72 -5.70 -33.77
C LYS H 61 0.09 -6.10 -32.45
N ALA H 62 -1.12 -5.61 -32.17
CA ALA H 62 -1.85 -6.01 -30.96
C ALA H 62 -2.04 -7.52 -30.91
N MET H 63 -2.19 -8.18 -32.06
CA MET H 63 -2.32 -9.62 -32.08
C MET H 63 -1.03 -10.29 -31.62
N GLY H 64 0.11 -9.74 -32.03
CA GLY H 64 1.39 -10.26 -31.57
C GLY H 64 1.64 -10.01 -30.10
N ILE H 65 1.17 -8.86 -29.60
CA ILE H 65 1.21 -8.60 -28.16
C ILE H 65 0.39 -9.64 -27.41
N MET H 66 -0.82 -9.94 -27.92
CA MET H 66 -1.71 -10.89 -27.26
C MET H 66 -1.13 -12.29 -27.20
N ASN H 67 -0.69 -12.82 -28.34
CA ASN H 67 -0.22 -14.21 -28.30
C ASN H 67 1.14 -14.29 -27.63
N SER H 68 1.98 -13.26 -27.77
CA SER H 68 3.19 -13.21 -26.97
C SER H 68 2.87 -13.27 -25.47
N PHE H 69 1.80 -12.57 -25.06
CA PHE H 69 1.37 -12.59 -23.66
C PHE H 69 0.94 -14.00 -23.24
N VAL H 70 0.11 -14.65 -24.04
CA VAL H 70 -0.35 -15.99 -23.67
C VAL H 70 0.82 -16.97 -23.63
N ASN H 71 1.78 -16.82 -24.54
CA ASN H 71 2.97 -17.66 -24.53
C ASN H 71 3.75 -17.48 -23.23
N ASP H 72 3.96 -16.23 -22.83
CA ASP H 72 4.69 -15.96 -21.59
C ASP H 72 3.99 -16.58 -20.39
N ILE H 73 2.71 -16.27 -20.21
CA ILE H 73 1.98 -16.77 -19.05
C ILE H 73 1.90 -18.28 -19.05
N PHE H 74 1.80 -18.90 -20.24
CA PHE H 74 1.93 -20.35 -20.34
C PHE H 74 3.25 -20.82 -19.73
N GLU H 75 4.37 -20.25 -20.20
CA GLU H 75 5.66 -20.70 -19.68
C GLU H 75 5.78 -20.47 -18.17
N ARG H 76 5.12 -19.43 -17.64
CA ARG H 76 5.11 -19.24 -16.19
C ARG H 76 4.38 -20.39 -15.49
N ILE H 77 3.14 -20.67 -15.91
CA ILE H 77 2.35 -21.68 -15.22
C ILE H 77 3.00 -23.04 -15.33
N ALA H 78 3.44 -23.41 -16.53
CA ALA H 78 4.09 -24.70 -16.73
C ALA H 78 5.41 -24.78 -15.96
N GLY H 79 6.15 -23.68 -15.90
CA GLY H 79 7.37 -23.64 -15.11
C GLY H 79 7.13 -23.95 -13.65
N GLU H 80 6.22 -23.21 -13.00
CA GLU H 80 5.97 -23.48 -11.58
C GLU H 80 5.39 -24.88 -11.38
N ALA H 81 4.52 -25.32 -12.28
CA ALA H 81 3.95 -26.66 -12.14
C ALA H 81 5.05 -27.72 -12.20
N SER H 82 5.99 -27.56 -13.13
CA SER H 82 7.08 -28.52 -13.23
C SER H 82 7.98 -28.46 -12.01
N ARG H 83 8.26 -27.25 -11.51
CA ARG H 83 9.14 -27.14 -10.35
C ARG H 83 8.53 -27.79 -9.11
N LEU H 84 7.25 -27.54 -8.84
CA LEU H 84 6.71 -28.11 -7.60
C LEU H 84 6.28 -29.57 -7.76
N ALA H 85 6.05 -30.03 -8.99
CA ALA H 85 5.99 -31.47 -9.22
C ALA H 85 7.35 -32.11 -8.93
N HIS H 86 8.44 -31.44 -9.31
CA HIS H 86 9.77 -31.97 -9.06
C HIS H 86 10.11 -31.93 -7.58
N TYR H 87 9.65 -30.88 -6.87
CA TYR H 87 9.94 -30.76 -5.45
C TYR H 87 9.33 -31.90 -4.65
N ASN H 88 8.08 -32.24 -4.94
CA ASN H 88 7.41 -33.36 -4.28
C ASN H 88 7.64 -34.67 -5.02
N LYS H 89 8.74 -34.79 -5.75
CA LYS H 89 9.24 -36.07 -6.27
C LYS H 89 8.16 -36.88 -6.98
N ARG H 90 7.33 -36.19 -7.77
CA ARG H 90 6.34 -36.84 -8.62
C ARG H 90 6.68 -36.55 -10.08
N SER H 91 6.45 -37.53 -10.94
CA SER H 91 6.81 -37.44 -12.35
C SER H 91 5.63 -37.07 -13.23
N THR H 92 4.51 -36.64 -12.65
CA THR H 92 3.31 -36.30 -13.41
C THR H 92 2.89 -34.87 -13.07
N ILE H 93 2.70 -34.05 -14.11
CA ILE H 93 2.11 -32.73 -13.95
C ILE H 93 0.62 -32.90 -14.19
N THR H 94 -0.16 -32.87 -13.13
CA THR H 94 -1.61 -33.03 -13.25
C THR H 94 -2.29 -31.68 -13.01
N SER H 95 -3.62 -31.70 -13.05
CA SER H 95 -4.41 -30.50 -12.78
C SER H 95 -4.20 -29.97 -11.37
N ARG H 96 -3.68 -30.80 -10.45
CA ARG H 96 -3.40 -30.33 -9.10
C ARG H 96 -2.20 -29.39 -9.04
N GLU H 97 -1.11 -29.76 -9.71
CA GLU H 97 0.07 -28.89 -9.77
C GLU H 97 -0.22 -27.58 -10.50
N ILE H 98 -0.95 -27.67 -11.62
CA ILE H 98 -1.26 -26.49 -12.43
C ILE H 98 -2.01 -25.47 -11.58
N GLN H 99 -2.85 -25.94 -10.66
CA GLN H 99 -3.66 -25.02 -9.87
C GLN H 99 -2.83 -24.37 -8.78
N THR H 100 -1.89 -25.08 -8.18
CA THR H 100 -1.01 -24.46 -7.20
C THR H 100 -0.06 -23.47 -7.88
N ALA H 101 0.34 -23.76 -9.12
CA ALA H 101 1.11 -22.79 -9.89
C ALA H 101 0.29 -21.53 -10.14
N VAL H 102 -0.98 -21.69 -10.50
CA VAL H 102 -1.85 -20.54 -10.72
C VAL H 102 -2.04 -19.76 -9.42
N ARG H 103 -2.08 -20.45 -8.28
CA ARG H 103 -2.21 -19.76 -7.00
C ARG H 103 -0.94 -19.00 -6.63
N LEU H 104 0.23 -19.53 -7.02
CA LEU H 104 1.48 -18.85 -6.70
C LEU H 104 1.69 -17.61 -7.58
N LEU H 105 1.43 -17.74 -8.90
CA LEU H 105 1.76 -16.67 -9.84
C LEU H 105 0.69 -15.58 -9.90
N LEU H 106 -0.59 -15.97 -9.91
CA LEU H 106 -1.64 -14.99 -10.18
C LEU H 106 -1.96 -14.19 -8.92
N PRO H 107 -2.27 -12.90 -9.07
CA PRO H 107 -2.62 -12.09 -7.90
C PRO H 107 -4.10 -12.02 -7.58
N GLY H 108 -4.42 -12.22 -6.30
CA GLY H 108 -5.76 -11.99 -5.77
C GLY H 108 -6.85 -12.62 -6.61
N GLU H 109 -7.85 -11.80 -6.96
CA GLU H 109 -9.07 -12.32 -7.56
C GLU H 109 -8.81 -13.01 -8.88
N LEU H 110 -7.81 -12.56 -9.63
CA LEU H 110 -7.41 -13.29 -10.84
C LEU H 110 -7.22 -14.76 -10.52
N ALA H 111 -6.36 -15.05 -9.54
CA ALA H 111 -6.09 -16.42 -9.15
C ALA H 111 -7.36 -17.12 -8.70
N LYS H 112 -8.31 -16.38 -8.12
CA LYS H 112 -9.56 -17.01 -7.74
C LYS H 112 -10.40 -17.26 -8.98
N HIS H 113 -10.60 -16.25 -9.84
CA HIS H 113 -11.50 -16.46 -10.97
C HIS H 113 -10.93 -17.51 -11.91
N ALA H 114 -9.62 -17.43 -12.19
CA ALA H 114 -8.98 -18.46 -13.00
C ALA H 114 -9.23 -19.84 -12.41
N VAL H 115 -9.08 -19.98 -11.10
CA VAL H 115 -9.18 -21.32 -10.53
C VAL H 115 -10.58 -21.85 -10.77
N SER H 116 -11.58 -20.96 -10.71
CA SER H 116 -12.94 -21.41 -10.96
C SER H 116 -13.05 -21.96 -12.37
N GLU H 117 -12.67 -21.14 -13.36
CA GLU H 117 -12.73 -21.61 -14.74
C GLU H 117 -12.07 -22.96 -14.85
N GLY H 118 -10.85 -23.07 -14.30
CA GLY H 118 -10.08 -24.28 -14.52
C GLY H 118 -10.81 -25.49 -13.96
N THR H 119 -11.27 -25.38 -12.71
CA THR H 119 -11.91 -26.54 -12.13
C THR H 119 -13.20 -26.84 -12.85
N LYS H 120 -13.97 -25.80 -13.17
CA LYS H 120 -15.22 -26.04 -13.86
C LYS H 120 -14.93 -26.71 -15.20
N ALA H 121 -13.91 -26.23 -15.93
CA ALA H 121 -13.61 -26.85 -17.21
C ALA H 121 -13.32 -28.32 -17.02
N VAL H 122 -12.51 -28.65 -16.00
CA VAL H 122 -12.12 -30.04 -15.79
C VAL H 122 -13.35 -30.87 -15.52
N THR H 123 -14.28 -30.36 -14.73
CA THR H 123 -15.48 -31.14 -14.45
C THR H 123 -16.29 -31.31 -15.73
N LYS H 124 -16.49 -30.22 -16.48
CA LYS H 124 -17.19 -30.33 -17.76
C LYS H 124 -16.49 -31.31 -18.68
N TYR H 125 -15.19 -31.51 -18.47
CA TYR H 125 -14.43 -32.46 -19.28
C TYR H 125 -14.58 -33.88 -18.76
N THR H 126 -14.55 -34.07 -17.44
CA THR H 126 -14.61 -35.43 -16.89
C THR H 126 -15.96 -36.08 -17.13
N SER H 127 -17.06 -35.36 -16.90
CA SER H 127 -18.38 -35.90 -17.19
C SER H 127 -18.63 -36.10 -18.67
N ALA H 128 -17.90 -35.40 -19.54
CA ALA H 128 -18.08 -35.54 -20.98
C ALA H 128 -16.98 -36.42 -21.59
N1 5CM I 27 25.50 -51.21 -0.16
C2 5CM I 27 26.52 -50.26 -0.47
N3 5CM I 27 27.83 -50.62 -0.47
C4 5CM I 27 28.19 -51.88 -0.20
C5 5CM I 27 27.14 -52.88 0.12
C5A 5CM I 27 27.53 -54.31 0.44
C6 5CM I 27 25.80 -52.48 0.12
O2 5CM I 27 26.21 -49.08 -0.73
N4 5CM I 27 29.50 -52.22 -0.20
C1' 5CM I 27 24.11 -50.74 -0.18
C2' 5CM I 27 23.07 -51.82 -0.38
C3' 5CM I 27 21.82 -51.16 0.15
C4' 5CM I 27 22.32 -50.17 1.20
O4' 5CM I 27 23.74 -50.10 1.06
O3' 5CM I 27 21.28 -50.53 -1.01
C5' 5CM I 27 21.93 -50.54 2.60
O5' 5CM I 27 22.09 -51.98 2.75
P 5CM I 27 22.55 -52.60 4.16
OP1 5CM I 27 21.45 -52.14 5.14
OP2 5CM I 27 22.86 -54.05 4.02
N1 5CM I 130 -12.07 -0.29 -46.10
C2 5CM I 130 -10.69 -0.59 -46.01
N3 5CM I 130 -9.91 -0.63 -47.12
C4 5CM I 130 -10.44 -0.38 -48.33
C5 5CM I 130 -11.88 -0.06 -48.44
C5A 5CM I 130 -12.47 0.23 -49.81
C6 5CM I 130 -12.65 -0.02 -47.29
O2 5CM I 130 -10.19 -0.83 -44.89
N4 5CM I 130 -9.67 -0.42 -49.43
C1' 5CM I 130 -12.84 -0.27 -44.86
C2' 5CM I 130 -13.81 0.89 -44.75
C3' 5CM I 130 -14.98 0.31 -43.98
C4' 5CM I 130 -14.83 -1.20 -44.04
O4' 5CM I 130 -13.61 -1.48 -44.72
O3' 5CM I 130 -14.93 0.75 -42.61
C5' 5CM I 130 -16.01 -1.88 -44.72
O5' 5CM I 130 -16.31 -1.22 -45.96
P 5CM I 130 -16.96 -2.05 -47.19
OP1 5CM I 130 -18.16 -2.74 -46.53
OP2 5CM I 130 -17.22 -1.15 -48.35
N1 5CM J 222 29.62 -54.13 -7.55
C2 5CM J 222 28.82 -53.09 -8.10
N3 5CM J 222 27.47 -53.18 -8.08
C4 5CM J 222 26.87 -54.26 -7.53
C5 5CM J 222 27.69 -55.34 -6.95
C5A 5CM J 222 27.02 -56.55 -6.34
C6 5CM J 222 29.08 -55.22 -6.99
O2 5CM J 222 29.36 -52.10 -8.60
N4 5CM J 222 25.52 -54.35 -7.51
C1' 5CM J 222 31.07 -53.93 -7.61
C2' 5CM J 222 31.85 -54.63 -6.50
C3' 5CM J 222 33.23 -54.75 -7.13
C4' 5CM J 222 32.97 -54.78 -8.63
O4' 5CM J 222 31.60 -54.41 -8.85
O3' 5CM J 222 33.93 -53.55 -6.79
C5' 5CM J 222 33.22 -56.14 -9.23
O5' 5CM J 222 32.43 -57.15 -8.59
P 5CM J 222 32.20 -58.55 -9.32
OP1 5CM J 222 33.60 -59.01 -9.72
OP2 5CM J 222 31.37 -59.43 -8.42
N ALA K 51 -5.12 -6.22 46.76
CA ALA K 51 -4.35 -6.92 45.73
C ALA K 51 -4.08 -6.04 44.53
N LEU K 52 -3.08 -5.18 44.63
CA LEU K 52 -2.68 -4.33 43.53
C LEU K 52 -2.06 -5.15 42.40
N ARG K 53 -1.66 -6.38 42.71
CA ARG K 53 -1.24 -7.34 41.69
C ARG K 53 -2.27 -7.54 40.59
N GLU K 54 -3.56 -7.41 40.89
CA GLU K 54 -4.56 -7.60 39.85
C GLU K 54 -4.33 -6.63 38.68
N ILE K 55 -3.87 -5.42 38.99
CA ILE K 55 -3.46 -4.47 37.94
C ILE K 55 -2.22 -4.98 37.22
N ARG K 56 -1.27 -5.53 37.97
CA ARG K 56 -0.01 -6.04 37.41
C ARG K 56 -0.32 -7.11 36.37
N ARG K 57 -0.79 -8.26 36.85
CA ARG K 57 -1.28 -9.38 36.07
C ARG K 57 -2.11 -8.97 34.86
N TYR K 58 -3.27 -8.34 35.10
CA TYR K 58 -4.20 -8.12 34.00
C TYR K 58 -3.77 -6.99 33.07
N GLN K 59 -2.96 -6.06 33.56
CA GLN K 59 -2.39 -5.03 32.69
C GLN K 59 -1.31 -5.60 31.79
N LYS K 60 -0.54 -6.58 32.28
CA LYS K 60 0.46 -7.24 31.42
C LYS K 60 -0.17 -8.17 30.41
N SER K 61 -1.35 -8.71 30.70
CA SER K 61 -2.00 -9.71 29.84
C SER K 61 -2.46 -9.09 28.51
N THR K 62 -2.90 -9.99 27.62
CA THR K 62 -3.38 -9.64 26.29
C THR K 62 -4.57 -10.51 25.89
N GLU K 63 -5.31 -11.04 26.85
CA GLU K 63 -6.31 -12.08 26.63
C GLU K 63 -7.67 -11.61 27.16
N LEU K 64 -8.73 -12.09 26.51
CA LEU K 64 -10.09 -11.68 26.80
C LEU K 64 -10.44 -11.83 28.29
N LEU K 65 -11.17 -10.85 28.83
CA LEU K 65 -11.48 -10.86 30.26
C LEU K 65 -12.95 -11.11 30.58
N ILE K 66 -13.84 -11.13 29.58
CA ILE K 66 -15.24 -11.50 29.80
C ILE K 66 -15.49 -12.84 29.14
N ARG K 67 -16.29 -13.68 29.80
CA ARG K 67 -16.49 -15.05 29.34
C ARG K 67 -17.25 -15.07 28.02
N LYS K 68 -16.71 -15.81 27.04
CA LYS K 68 -17.03 -15.64 25.63
C LYS K 68 -18.52 -15.77 25.34
N LEU K 69 -19.09 -16.93 25.65
CA LEU K 69 -20.44 -17.23 25.16
C LEU K 69 -21.54 -16.48 25.92
N PRO K 70 -21.41 -16.20 27.23
CA PRO K 70 -22.36 -15.25 27.84
C PRO K 70 -22.42 -13.95 27.07
N PHE K 71 -21.25 -13.44 26.66
CA PHE K 71 -21.22 -12.28 25.80
C PHE K 71 -21.92 -12.56 24.48
N GLN K 72 -21.77 -13.80 23.97
CA GLN K 72 -22.44 -14.18 22.72
C GLN K 72 -23.96 -14.03 22.84
N ARG K 73 -24.55 -14.52 23.94
CA ARG K 73 -25.98 -14.32 24.08
C ARG K 73 -26.31 -12.84 24.27
N LEU K 74 -25.43 -12.07 24.92
CA LEU K 74 -25.67 -10.63 25.03
C LEU K 74 -25.79 -9.98 23.65
N VAL K 75 -24.77 -10.18 22.80
CA VAL K 75 -24.80 -9.59 21.47
C VAL K 75 -26.01 -10.08 20.69
N ARG K 76 -26.39 -11.35 20.86
CA ARG K 76 -27.50 -11.89 20.10
C ARG K 76 -28.82 -11.24 20.52
N GLU K 77 -29.04 -11.12 21.83
CA GLU K 77 -30.24 -10.46 22.32
C GLU K 77 -30.30 -9.02 21.86
N ILE K 78 -29.18 -8.31 21.94
CA ILE K 78 -29.14 -6.91 21.50
C ILE K 78 -29.50 -6.83 20.02
N ALA K 79 -28.99 -7.78 19.24
CA ALA K 79 -29.27 -7.80 17.80
C ALA K 79 -30.74 -8.08 17.50
N GLN K 80 -31.48 -8.74 18.39
CA GLN K 80 -32.87 -9.06 18.04
C GLN K 80 -33.72 -7.82 17.82
N ASP K 81 -33.33 -6.68 18.40
CA ASP K 81 -34.14 -5.47 18.19
C ASP K 81 -34.07 -5.00 16.75
N PHE K 82 -32.89 -5.06 16.15
CA PHE K 82 -32.67 -4.52 14.82
C PHE K 82 -32.99 -5.48 13.69
N LYS K 83 -32.90 -6.80 13.92
CA LYS K 83 -33.23 -7.75 12.86
C LYS K 83 -33.53 -9.11 13.44
N THR K 84 -34.52 -9.79 12.84
CA THR K 84 -34.99 -11.08 13.30
C THR K 84 -34.25 -12.20 12.55
N ASP K 85 -33.90 -13.26 13.29
CA ASP K 85 -33.10 -14.37 12.78
C ASP K 85 -31.83 -13.84 12.12
N LEU K 86 -31.03 -13.14 12.92
CA LEU K 86 -29.67 -12.86 12.52
C LEU K 86 -28.79 -14.05 12.88
N ARG K 87 -27.91 -14.41 11.97
CA ARG K 87 -26.83 -15.33 12.27
C ARG K 87 -25.55 -14.51 12.37
N PHE K 88 -24.59 -15.03 13.13
CA PHE K 88 -23.32 -14.36 13.31
C PHE K 88 -22.20 -15.36 13.08
N GLN K 89 -21.30 -15.07 12.14
CA GLN K 89 -20.08 -15.84 12.09
C GLN K 89 -19.20 -15.47 13.29
N SER K 90 -18.50 -16.48 13.81
CA SER K 90 -17.77 -16.32 15.07
C SER K 90 -16.76 -15.18 15.00
N SER K 91 -16.07 -15.03 13.86
CA SER K 91 -15.13 -13.93 13.68
C SER K 91 -15.75 -12.58 14.08
N ALA K 92 -17.04 -12.38 13.76
CA ALA K 92 -17.67 -11.11 14.08
C ALA K 92 -17.85 -10.94 15.57
N VAL K 93 -18.41 -11.97 16.25
CA VAL K 93 -18.62 -11.86 17.68
C VAL K 93 -17.31 -11.65 18.42
N MET K 94 -16.22 -12.24 17.90
CA MET K 94 -14.94 -12.03 18.57
C MET K 94 -14.38 -10.63 18.30
N ALA K 95 -14.62 -10.11 17.09
CA ALA K 95 -14.26 -8.72 16.81
C ALA K 95 -14.98 -7.74 17.73
N LEU K 96 -16.31 -7.86 17.85
CA LEU K 96 -17.01 -6.91 18.72
C LEU K 96 -16.72 -7.16 20.20
N GLN K 97 -16.36 -8.38 20.58
CA GLN K 97 -15.97 -8.56 21.99
C GLN K 97 -14.63 -7.89 22.27
N GLU K 98 -13.68 -8.01 21.35
CA GLU K 98 -12.42 -7.29 21.49
C GLU K 98 -12.63 -5.78 21.52
N ALA K 99 -13.50 -5.27 20.64
CA ALA K 99 -13.87 -3.86 20.67
C ALA K 99 -14.43 -3.47 22.03
N CYS K 100 -15.38 -4.26 22.52
CA CYS K 100 -15.98 -4.01 23.84
C CYS K 100 -14.91 -3.88 24.90
N GLU K 101 -13.98 -4.84 24.94
CA GLU K 101 -12.96 -4.84 25.98
C GLU K 101 -12.08 -3.59 25.87
N ALA K 102 -11.66 -3.24 24.66
CA ALA K 102 -10.85 -2.03 24.48
C ALA K 102 -11.59 -0.80 24.99
N TYR K 103 -12.82 -0.58 24.50
CA TYR K 103 -13.61 0.56 24.92
C TYR K 103 -13.75 0.63 26.44
N LEU K 104 -14.03 -0.52 27.06
CA LEU K 104 -14.27 -0.51 28.50
C LEU K 104 -12.99 -0.21 29.27
N VAL K 105 -11.83 -0.69 28.80
CA VAL K 105 -10.61 -0.38 29.55
C VAL K 105 -10.24 1.08 29.40
N GLY K 106 -10.44 1.67 28.22
CA GLY K 106 -10.16 3.10 28.06
C GLY K 106 -11.08 3.95 28.92
N LEU K 107 -12.37 3.65 28.89
CA LEU K 107 -13.30 4.33 29.78
C LEU K 107 -12.87 4.17 31.23
N PHE K 108 -12.37 2.99 31.60
CA PHE K 108 -11.99 2.78 32.98
C PHE K 108 -10.74 3.59 33.36
N GLU K 109 -9.81 3.78 32.43
CA GLU K 109 -8.67 4.64 32.76
C GLU K 109 -9.12 6.07 32.96
N ASP K 110 -9.97 6.57 32.06
CA ASP K 110 -10.48 7.92 32.24
C ASP K 110 -11.23 8.05 33.56
N THR K 111 -12.06 7.06 33.89
CA THR K 111 -12.80 7.06 35.14
C THR K 111 -11.87 7.14 36.34
N ASN K 112 -10.77 6.37 36.31
CA ASN K 112 -9.82 6.43 37.41
C ASN K 112 -9.14 7.81 37.48
N LEU K 113 -8.92 8.44 36.33
CA LEU K 113 -8.36 9.80 36.36
C LEU K 113 -9.31 10.77 37.05
N CYS K 114 -10.61 10.66 36.78
CA CYS K 114 -11.58 11.50 37.46
C CYS K 114 -11.57 11.24 38.96
N ALA K 115 -11.63 9.97 39.36
CA ALA K 115 -11.61 9.62 40.78
C ALA K 115 -10.37 10.18 41.47
N ILE K 116 -9.19 9.95 40.89
CA ILE K 116 -7.95 10.47 41.49
C ILE K 116 -8.01 11.98 41.56
N HIS K 117 -8.62 12.62 40.56
CA HIS K 117 -8.73 14.08 40.56
C HIS K 117 -9.64 14.57 41.68
N ALA K 118 -10.64 13.79 42.07
CA ALA K 118 -11.49 14.12 43.21
C ALA K 118 -10.90 13.70 44.55
N LYS K 119 -9.62 13.33 44.59
CA LYS K 119 -8.94 12.93 45.83
C LYS K 119 -9.61 11.73 46.50
N ARG K 120 -10.05 10.78 45.69
CA ARG K 120 -10.51 9.47 46.12
C ARG K 120 -9.69 8.41 45.39
N VAL K 121 -9.95 7.14 45.70
CA VAL K 121 -9.20 6.06 45.06
C VAL K 121 -10.17 5.03 44.48
N THR K 122 -11.44 5.11 44.88
CA THR K 122 -12.46 4.16 44.45
C THR K 122 -13.33 4.77 43.36
N ILE K 123 -13.54 3.99 42.29
CA ILE K 123 -14.34 4.43 41.15
C ILE K 123 -15.81 4.44 41.51
N MET K 124 -16.52 5.49 41.09
CA MET K 124 -17.93 5.68 41.38
C MET K 124 -18.62 6.20 40.13
N PRO K 125 -19.94 6.03 40.05
CA PRO K 125 -20.66 6.45 38.82
C PRO K 125 -20.44 7.93 38.50
N LYS K 126 -20.19 8.75 39.51
CA LYS K 126 -19.77 10.13 39.29
C LYS K 126 -18.65 10.19 38.25
N ASP K 127 -17.65 9.32 38.40
CA ASP K 127 -16.46 9.41 37.56
C ASP K 127 -16.75 8.93 36.14
N ILE K 128 -17.46 7.80 36.00
CA ILE K 128 -17.75 7.30 34.67
C ILE K 128 -18.63 8.29 33.91
N GLN K 129 -19.61 8.89 34.59
CA GLN K 129 -20.47 9.86 33.92
C GLN K 129 -19.71 11.12 33.58
N LEU K 130 -18.81 11.58 34.46
CA LEU K 130 -17.99 12.74 34.12
C LEU K 130 -17.11 12.45 32.91
N ALA K 131 -16.51 11.26 32.86
CA ALA K 131 -15.66 10.91 31.74
C ALA K 131 -16.46 10.90 30.45
N ARG K 132 -17.66 10.31 30.48
CA ARG K 132 -18.46 10.23 29.26
C ARG K 132 -19.11 11.56 28.89
N ARG K 133 -19.25 12.50 29.82
CA ARG K 133 -19.81 13.80 29.49
C ARG K 133 -18.75 14.79 29.02
N ILE K 134 -17.47 14.45 29.10
CA ILE K 134 -16.43 15.26 28.46
C ILE K 134 -15.83 14.54 27.27
N ARG K 135 -15.85 13.21 27.23
CA ARG K 135 -15.47 12.48 26.03
C ARG K 135 -16.39 12.73 24.85
N GLY K 136 -17.55 13.35 25.04
CA GLY K 136 -18.51 13.55 23.97
C GLY K 136 -19.50 12.42 23.79
N GLU K 137 -19.75 11.65 24.86
CA GLU K 137 -20.72 10.56 24.83
C GLU K 137 -22.06 10.99 25.42
N ARG K 138 -23.06 10.13 25.29
CA ARG K 138 -24.41 10.39 25.81
C ARG K 138 -24.46 10.27 27.32
N ASN L 29 -30.23 -10.54 30.22
CA ASN L 29 -28.93 -11.11 29.88
C ASN L 29 -27.82 -10.07 30.05
N ILE L 30 -28.20 -8.80 30.24
CA ILE L 30 -27.21 -7.76 30.51
C ILE L 30 -26.41 -8.12 31.77
N GLN L 31 -27.06 -8.78 32.72
CA GLN L 31 -26.39 -9.23 33.94
C GLN L 31 -25.55 -10.48 33.70
N GLY L 32 -25.44 -10.95 32.46
CA GLY L 32 -24.49 -12.02 32.17
C GLY L 32 -23.05 -11.56 32.33
N ILE L 33 -22.76 -10.34 31.88
CA ILE L 33 -21.47 -9.71 32.14
C ILE L 33 -21.32 -9.60 33.66
N THR L 34 -20.39 -10.37 34.21
CA THR L 34 -20.38 -10.65 35.64
C THR L 34 -19.44 -9.72 36.39
N LYS L 35 -19.65 -9.65 37.71
CA LYS L 35 -18.85 -8.75 38.55
C LYS L 35 -17.36 -9.07 38.50
N PRO L 36 -16.91 -10.33 38.64
CA PRO L 36 -15.47 -10.60 38.45
C PRO L 36 -14.95 -10.14 37.10
N ALA L 37 -15.79 -10.10 36.06
CA ALA L 37 -15.33 -9.68 34.75
C ALA L 37 -15.18 -8.16 34.67
N ILE L 38 -16.19 -7.42 35.11
CA ILE L 38 -16.09 -5.97 35.23
C ILE L 38 -14.87 -5.60 36.06
N ARG L 39 -14.65 -6.34 37.15
CA ARG L 39 -13.44 -6.20 37.96
C ARG L 39 -12.20 -6.36 37.11
N ARG L 40 -12.10 -7.50 36.41
CA ARG L 40 -10.94 -7.78 35.56
C ARG L 40 -10.69 -6.62 34.59
N LEU L 41 -11.76 -5.99 34.10
CA LEU L 41 -11.61 -4.85 33.21
C LEU L 41 -11.08 -3.63 33.95
N ALA L 42 -11.71 -3.25 35.06
CA ALA L 42 -11.26 -2.07 35.79
C ALA L 42 -9.81 -2.22 36.23
N ARG L 43 -9.38 -3.44 36.56
CA ARG L 43 -7.99 -3.66 36.91
C ARG L 43 -7.11 -3.57 35.68
N ARG L 44 -7.54 -4.18 34.57
CA ARG L 44 -6.87 -3.96 33.29
C ARG L 44 -6.78 -2.47 32.97
N GLY L 45 -7.81 -1.72 33.34
CA GLY L 45 -7.80 -0.27 33.27
C GLY L 45 -7.15 0.42 34.45
N GLY L 46 -6.46 -0.32 35.33
CA GLY L 46 -5.68 0.31 36.39
C GLY L 46 -6.50 0.96 37.49
N VAL L 47 -7.43 0.23 38.08
CA VAL L 47 -8.28 0.73 39.14
C VAL L 47 -8.00 -0.04 40.43
N LYS L 48 -7.77 0.71 41.51
CA LYS L 48 -7.48 0.08 42.80
C LYS L 48 -8.75 -0.39 43.50
N ARG L 49 -9.67 0.52 43.79
CA ARG L 49 -10.90 0.18 44.47
C ARG L 49 -12.10 0.60 43.62
N ILE L 50 -13.21 -0.09 43.83
CA ILE L 50 -14.38 0.00 42.95
C ILE L 50 -15.63 0.09 43.83
N SER L 51 -16.30 1.23 43.81
CA SER L 51 -17.60 1.33 44.48
C SER L 51 -18.57 0.34 43.86
N GLY L 52 -19.40 -0.27 44.72
CA GLY L 52 -20.27 -1.35 44.29
C GLY L 52 -21.34 -0.95 43.31
N LEU L 53 -21.68 0.34 43.24
CA LEU L 53 -22.68 0.82 42.28
C LEU L 53 -22.14 0.88 40.86
N ILE L 54 -20.85 0.61 40.65
CA ILE L 54 -20.26 0.70 39.32
C ILE L 54 -20.88 -0.32 38.37
N TYR L 55 -21.04 -1.56 38.85
CA TYR L 55 -21.28 -2.69 37.96
C TYR L 55 -22.50 -2.45 37.07
N GLU L 56 -23.68 -2.33 37.66
CA GLU L 56 -24.87 -1.99 36.87
C GLU L 56 -24.57 -0.82 35.94
N GLU L 57 -24.05 0.28 36.49
CA GLU L 57 -23.64 1.43 35.69
C GLU L 57 -22.83 1.02 34.48
N THR L 58 -21.68 0.37 34.69
CA THR L 58 -20.86 0.03 33.53
C THR L 58 -21.59 -0.93 32.61
N ARG L 59 -22.38 -1.85 33.17
CA ARG L 59 -23.24 -2.68 32.34
C ARG L 59 -24.04 -1.81 31.38
N GLY L 60 -24.77 -0.83 31.93
CA GLY L 60 -25.51 0.09 31.10
C GLY L 60 -24.65 0.66 29.98
N VAL L 61 -23.48 1.20 30.35
CA VAL L 61 -22.58 1.76 29.35
C VAL L 61 -22.32 0.72 28.25
N LEU L 62 -21.86 -0.47 28.65
CA LEU L 62 -21.60 -1.54 27.69
C LEU L 62 -22.77 -1.66 26.72
N LYS L 63 -23.99 -1.76 27.26
CA LYS L 63 -25.17 -1.95 26.43
C LYS L 63 -25.18 -0.93 25.30
N VAL L 64 -25.16 0.37 25.66
CA VAL L 64 -25.34 1.39 24.64
C VAL L 64 -24.26 1.26 23.58
N PHE L 65 -23.01 1.02 24.00
CA PHE L 65 -21.94 0.86 23.03
C PHE L 65 -22.31 -0.25 22.06
N LEU L 66 -22.56 -1.44 22.60
CA LEU L 66 -23.01 -2.55 21.77
C LEU L 66 -24.23 -2.14 20.95
N GLU L 67 -25.24 -1.58 21.64
CA GLU L 67 -26.49 -1.23 20.95
C GLU L 67 -26.22 -0.38 19.73
N ASN L 68 -25.21 0.49 19.80
CA ASN L 68 -24.87 1.30 18.65
C ASN L 68 -24.15 0.47 17.60
N VAL L 69 -22.99 -0.11 17.97
CA VAL L 69 -22.13 -0.73 16.97
C VAL L 69 -22.88 -1.84 16.25
N ILE L 70 -23.47 -2.76 17.01
CA ILE L 70 -24.26 -3.86 16.49
C ILE L 70 -25.24 -3.34 15.46
N ARG L 71 -25.99 -2.29 15.84
CA ARG L 71 -26.99 -1.76 14.93
C ARG L 71 -26.38 -1.42 13.57
N ASP L 72 -25.31 -0.62 13.57
CA ASP L 72 -24.68 -0.26 12.31
C ASP L 72 -24.27 -1.52 11.54
N ALA L 73 -23.70 -2.48 12.28
CA ALA L 73 -23.29 -3.74 11.68
C ALA L 73 -24.42 -4.37 10.90
N VAL L 74 -25.61 -4.43 11.51
CA VAL L 74 -26.68 -5.15 10.84
C VAL L 74 -27.21 -4.34 9.66
N THR L 75 -27.12 -3.01 9.71
CA THR L 75 -27.54 -2.25 8.53
C THR L 75 -26.52 -2.38 7.42
N TYR L 76 -25.33 -2.90 7.71
CA TYR L 76 -24.41 -3.27 6.65
C TYR L 76 -24.74 -4.66 6.09
N THR L 77 -25.41 -5.49 6.88
CA THR L 77 -25.88 -6.77 6.37
C THR L 77 -27.17 -6.59 5.57
N GLU L 78 -28.10 -5.78 6.11
CA GLU L 78 -29.35 -5.52 5.42
C GLU L 78 -29.10 -4.90 4.05
N HIS L 79 -28.13 -4.00 3.95
CA HIS L 79 -27.77 -3.42 2.67
C HIS L 79 -27.12 -4.44 1.73
N ALA L 80 -26.49 -5.48 2.28
CA ALA L 80 -25.81 -6.50 1.48
C ALA L 80 -26.70 -7.69 1.16
N LYS L 81 -28.02 -7.54 1.30
CA LYS L 81 -28.95 -8.64 1.02
C LYS L 81 -28.56 -9.91 1.77
N ARG L 82 -28.10 -9.75 3.00
CA ARG L 82 -27.59 -10.86 3.79
C ARG L 82 -28.41 -11.04 5.06
N LYS L 83 -28.25 -12.21 5.68
CA LYS L 83 -28.89 -12.51 6.95
C LYS L 83 -27.90 -12.92 8.04
N THR L 84 -26.62 -13.05 7.72
CA THR L 84 -25.57 -13.25 8.72
C THR L 84 -24.69 -12.01 8.78
N VAL L 85 -24.25 -11.65 9.98
CA VAL L 85 -23.40 -10.49 10.18
C VAL L 85 -21.96 -10.94 10.04
N THR L 86 -21.29 -10.50 8.97
CA THR L 86 -19.90 -10.87 8.81
C THR L 86 -19.01 -9.92 9.60
N ALA L 87 -17.75 -10.31 9.76
CA ALA L 87 -16.84 -9.52 10.59
C ALA L 87 -16.45 -8.21 9.92
N MET L 88 -16.37 -8.20 8.58
CA MET L 88 -16.21 -6.95 7.86
C MET L 88 -17.28 -5.95 8.29
N ASP L 89 -18.53 -6.41 8.41
CA ASP L 89 -19.60 -5.50 8.79
C ASP L 89 -19.36 -4.89 10.15
N VAL L 90 -18.69 -5.60 11.05
CA VAL L 90 -18.45 -5.03 12.37
C VAL L 90 -17.21 -4.13 12.35
N VAL L 91 -16.28 -4.36 11.42
CA VAL L 91 -15.14 -3.43 11.38
C VAL L 91 -15.55 -2.12 10.69
N TYR L 92 -16.43 -2.19 9.68
CA TYR L 92 -16.98 -0.97 9.09
C TYR L 92 -17.91 -0.27 10.08
N ALA L 93 -18.75 -1.04 10.78
CA ALA L 93 -19.57 -0.45 11.83
C ALA L 93 -18.73 0.16 12.94
N LEU L 94 -17.52 -0.36 13.15
CA LEU L 94 -16.65 0.16 14.21
C LEU L 94 -15.94 1.43 13.78
N LYS L 95 -15.45 1.49 12.53
CA LYS L 95 -14.77 2.70 12.08
C LYS L 95 -15.73 3.87 11.90
N ARG L 96 -17.04 3.59 11.84
CA ARG L 96 -18.04 4.65 11.89
C ARG L 96 -18.12 5.31 13.25
N GLN L 97 -17.30 4.87 14.21
CA GLN L 97 -17.29 5.43 15.55
C GLN L 97 -16.04 6.25 15.82
N ALA M 16 -40.95 18.53 -25.94
CA ALA M 16 -41.76 19.69 -25.54
C ALA M 16 -40.95 20.63 -24.65
N LYS M 17 -41.65 21.52 -23.95
CA LYS M 17 -40.98 22.48 -23.09
C LYS M 17 -40.48 21.80 -21.82
N ALA M 18 -39.22 22.07 -21.48
CA ALA M 18 -38.52 21.30 -20.46
C ALA M 18 -38.95 21.69 -19.06
N LYS M 19 -39.03 20.68 -18.18
CA LYS M 19 -39.25 20.88 -16.76
C LYS M 19 -38.01 20.46 -16.00
N THR M 20 -37.80 21.06 -14.84
CA THR M 20 -36.69 20.67 -13.98
C THR M 20 -37.03 19.41 -13.21
N ARG M 21 -36.03 18.55 -13.02
CA ARG M 21 -36.22 17.30 -12.29
C ARG M 21 -36.73 17.56 -10.87
N SER M 22 -36.24 18.64 -10.24
CA SER M 22 -36.70 19.02 -8.92
C SER M 22 -38.22 19.21 -8.87
N SER M 23 -38.83 19.70 -9.96
CA SER M 23 -40.27 19.89 -9.97
C SER M 23 -41.02 18.57 -10.14
N ARG M 24 -40.53 17.68 -11.00
CA ARG M 24 -41.14 16.36 -11.09
C ARG M 24 -41.06 15.65 -9.75
N ALA M 25 -39.98 15.89 -9.00
CA ALA M 25 -39.82 15.28 -7.69
C ALA M 25 -40.67 15.96 -6.62
N GLY M 26 -41.01 17.22 -6.81
CA GLY M 26 -41.81 17.91 -5.82
C GLY M 26 -40.89 18.49 -4.77
N LEU M 27 -39.77 19.05 -5.21
CA LEU M 27 -38.73 19.50 -4.32
C LEU M 27 -38.31 20.92 -4.66
N GLN M 28 -37.87 21.65 -3.63
CA GLN M 28 -37.26 22.96 -3.84
C GLN M 28 -35.80 22.82 -4.21
N PHE M 29 -35.09 21.89 -3.58
CA PHE M 29 -33.66 21.73 -3.78
C PHE M 29 -33.37 21.21 -5.18
N PRO M 30 -32.19 21.51 -5.73
CA PRO M 30 -31.93 21.20 -7.15
C PRO M 30 -31.45 19.78 -7.40
N VAL M 31 -32.36 18.90 -7.81
CA VAL M 31 -31.99 17.53 -8.17
C VAL M 31 -30.89 17.50 -9.21
N GLY M 32 -30.94 18.42 -10.18
CA GLY M 32 -29.93 18.44 -11.23
C GLY M 32 -28.55 18.77 -10.67
N ARG M 33 -28.49 19.78 -9.81
CA ARG M 33 -27.23 20.11 -9.15
C ARG M 33 -26.69 18.93 -8.35
N VAL M 34 -27.54 18.33 -7.50
CA VAL M 34 -27.10 17.19 -6.70
C VAL M 34 -26.52 16.10 -7.57
N HIS M 35 -27.17 15.82 -8.71
CA HIS M 35 -26.62 14.82 -9.62
C HIS M 35 -25.24 15.23 -10.12
N ARG M 36 -25.11 16.48 -10.60
CA ARG M 36 -23.81 16.93 -11.10
C ARG M 36 -22.73 16.81 -10.04
N LEU M 37 -23.02 17.25 -8.82
CA LEU M 37 -22.05 17.17 -7.74
C LEU M 37 -21.68 15.72 -7.44
N LEU M 38 -22.67 14.83 -7.40
CA LEU M 38 -22.36 13.41 -7.19
C LEU M 38 -21.39 12.90 -8.24
N ARG M 39 -21.66 13.18 -9.52
CA ARG M 39 -20.81 12.68 -10.58
C ARG M 39 -19.41 13.30 -10.51
N LYS M 40 -19.33 14.62 -10.41
CA LYS M 40 -18.04 15.30 -10.46
C LYS M 40 -17.18 14.94 -9.25
N GLY M 41 -17.79 14.73 -8.09
CA GLY M 41 -16.98 14.43 -6.93
C GLY M 41 -16.37 13.05 -6.91
N ASN M 42 -16.60 12.25 -7.95
CA ASN M 42 -16.04 10.91 -8.07
C ASN M 42 -16.33 10.04 -6.85
N TYR M 43 -17.59 10.07 -6.42
CA TYR M 43 -18.03 9.14 -5.38
C TYR M 43 -18.27 7.75 -5.96
N SER M 44 -18.71 7.69 -7.22
CA SER M 44 -18.90 6.42 -7.88
C SER M 44 -18.41 6.53 -9.32
N GLU M 45 -18.31 5.37 -9.96
CA GLU M 45 -18.17 5.36 -11.41
C GLU M 45 -19.46 5.86 -12.06
N ARG M 46 -20.61 5.48 -11.49
CA ARG M 46 -21.90 5.67 -12.13
C ARG M 46 -22.94 5.96 -11.06
N VAL M 47 -23.78 6.96 -11.31
CA VAL M 47 -24.82 7.36 -10.38
C VAL M 47 -26.21 7.10 -10.99
N GLY M 48 -27.01 6.29 -10.29
CA GLY M 48 -28.37 6.03 -10.68
C GLY M 48 -29.25 7.28 -10.70
N ALA M 49 -30.41 7.14 -11.34
CA ALA M 49 -31.28 8.29 -11.56
C ALA M 49 -32.09 8.67 -10.33
N GLY M 50 -32.32 7.74 -9.41
CA GLY M 50 -33.05 8.04 -8.20
C GLY M 50 -32.21 8.56 -7.06
N ALA M 51 -30.89 8.41 -7.17
CA ALA M 51 -29.99 8.91 -6.13
C ALA M 51 -30.11 10.41 -5.93
N PRO M 52 -29.91 11.26 -6.94
CA PRO M 52 -29.94 12.71 -6.68
C PRO M 52 -31.30 13.21 -6.23
N VAL M 53 -32.40 12.59 -6.69
CA VAL M 53 -33.72 13.02 -6.23
C VAL M 53 -33.97 12.61 -4.79
N TYR M 54 -33.51 11.43 -4.40
CA TYR M 54 -33.55 11.04 -2.99
C TYR M 54 -32.73 11.97 -2.12
N LEU M 55 -31.44 12.13 -2.45
CA LEU M 55 -30.53 12.92 -1.64
C LEU M 55 -31.01 14.36 -1.55
N ALA M 56 -31.44 14.94 -2.67
CA ALA M 56 -32.06 16.26 -2.62
C ALA M 56 -33.24 16.26 -1.66
N ALA M 57 -34.08 15.21 -1.71
CA ALA M 57 -35.23 15.17 -0.81
C ALA M 57 -34.79 15.22 0.66
N VAL M 58 -33.74 14.47 1.02
CA VAL M 58 -33.33 14.46 2.42
C VAL M 58 -32.71 15.81 2.82
N LEU M 59 -31.92 16.41 1.92
CA LEU M 59 -31.36 17.72 2.23
C LEU M 59 -32.45 18.75 2.44
N GLU M 60 -33.49 18.71 1.61
CA GLU M 60 -34.64 19.59 1.84
C GLU M 60 -35.31 19.29 3.17
N TYR M 61 -35.42 18.00 3.53
CA TYR M 61 -36.07 17.67 4.80
C TYR M 61 -35.32 18.28 5.97
N LEU M 62 -34.02 17.96 6.11
CA LEU M 62 -33.25 18.49 7.22
C LEU M 62 -33.23 20.01 7.20
N THR M 63 -33.08 20.61 6.01
CA THR M 63 -33.12 22.06 5.89
C THR M 63 -34.43 22.61 6.46
N ALA M 64 -35.55 22.01 6.09
CA ALA M 64 -36.85 22.43 6.59
C ALA M 64 -36.93 22.29 8.11
N GLU M 65 -36.39 21.20 8.65
CA GLU M 65 -36.42 20.99 10.09
C GLU M 65 -35.72 22.12 10.81
N ILE M 66 -34.46 22.38 10.44
CA ILE M 66 -33.69 23.43 11.12
C ILE M 66 -34.34 24.79 10.89
N LEU M 67 -34.94 24.99 9.72
CA LEU M 67 -35.50 26.28 9.39
C LEU M 67 -36.81 26.56 10.11
N GLU M 68 -37.61 25.52 10.38
CA GLU M 68 -38.77 25.72 11.25
C GLU M 68 -38.32 26.04 12.66
N LEU M 69 -37.45 25.19 13.23
CA LEU M 69 -37.05 25.41 14.62
C LEU M 69 -36.42 26.79 14.80
N ALA M 70 -35.56 27.20 13.86
CA ALA M 70 -34.97 28.52 13.93
C ALA M 70 -36.02 29.60 13.74
N GLY M 71 -36.93 29.39 12.80
CA GLY M 71 -38.04 30.32 12.62
C GLY M 71 -38.77 30.59 13.93
N ASN M 72 -39.14 29.52 14.64
CA ASN M 72 -39.84 29.69 15.91
C ASN M 72 -38.92 30.31 16.96
N ALA M 73 -37.61 30.10 16.84
CA ALA M 73 -36.69 30.76 17.76
C ALA M 73 -36.71 32.28 17.58
N ALA M 74 -36.60 32.73 16.32
CA ALA M 74 -36.65 34.17 16.03
C ALA M 74 -38.01 34.76 16.37
N ARG M 75 -39.09 34.06 16.02
CA ARG M 75 -40.43 34.51 16.38
C ARG M 75 -40.57 34.67 17.88
N ASP M 76 -40.18 33.64 18.63
CA ASP M 76 -40.20 33.70 20.09
C ASP M 76 -39.40 34.89 20.62
N ASN M 77 -38.37 35.30 19.89
CA ASN M 77 -37.51 36.41 20.29
C ASN M 77 -37.89 37.69 19.55
N LYS M 78 -39.18 37.97 19.37
CA LYS M 78 -39.68 39.26 18.87
C LYS M 78 -38.98 39.72 17.58
N LYS M 79 -38.52 38.79 16.74
CA LYS M 79 -37.80 39.18 15.53
C LYS M 79 -38.35 38.43 14.34
N THR M 80 -38.31 39.07 13.17
CA THR M 80 -38.81 38.47 11.95
C THR M 80 -37.71 37.81 11.12
N ARG M 81 -36.45 37.92 11.54
CA ARG M 81 -35.33 37.44 10.73
C ARG M 81 -34.53 36.39 11.49
N ILE M 82 -34.22 35.29 10.82
CA ILE M 82 -33.41 34.23 11.41
C ILE M 82 -31.96 34.70 11.44
N ILE M 83 -31.38 34.75 12.64
CA ILE M 83 -29.99 35.14 12.85
C ILE M 83 -29.26 33.89 13.34
N PRO M 84 -27.91 33.79 13.19
CA PRO M 84 -27.19 32.60 13.69
C PRO M 84 -27.60 32.09 15.06
N ARG M 85 -27.75 33.01 16.03
CA ARG M 85 -28.17 32.57 17.37
C ARG M 85 -29.45 31.77 17.31
N HIS M 86 -30.40 32.17 16.46
CA HIS M 86 -31.66 31.43 16.37
C HIS M 86 -31.43 30.00 15.89
N LEU M 87 -30.51 29.82 14.94
CA LEU M 87 -30.18 28.48 14.47
C LEU M 87 -29.50 27.67 15.57
N GLN M 88 -28.66 28.32 16.39
CA GLN M 88 -27.97 27.60 17.45
C GLN M 88 -28.94 27.17 18.54
N LEU M 89 -29.82 28.08 18.97
CA LEU M 89 -30.87 27.69 19.89
C LEU M 89 -31.73 26.58 19.32
N ALA M 90 -32.03 26.66 18.02
CA ALA M 90 -32.83 25.61 17.37
C ALA M 90 -32.18 24.24 17.49
N ILE M 91 -30.90 24.14 17.11
CA ILE M 91 -30.26 22.82 17.09
C ILE M 91 -29.94 22.33 18.50
N ARG M 92 -29.37 23.20 19.35
CA ARG M 92 -28.84 22.75 20.63
C ARG M 92 -29.95 22.35 21.61
N ASN M 93 -31.20 22.68 21.32
CA ASN M 93 -32.31 22.29 22.17
C ASN M 93 -33.08 21.10 21.61
N ASP M 94 -32.64 20.56 20.48
CA ASP M 94 -33.26 19.41 19.83
C ASP M 94 -32.26 18.27 19.88
N GLU M 95 -32.61 17.20 20.59
CA GLU M 95 -31.64 16.12 20.84
C GLU M 95 -31.11 15.53 19.55
N GLU M 96 -32.01 15.24 18.59
CA GLU M 96 -31.59 14.58 17.37
C GLU M 96 -30.66 15.46 16.55
N LEU M 97 -31.05 16.70 16.28
CA LEU M 97 -30.17 17.61 15.56
C LEU M 97 -28.86 17.87 16.32
N ASN M 98 -28.95 18.05 17.64
CA ASN M 98 -27.74 18.29 18.43
C ASN M 98 -26.80 17.10 18.39
N LYS M 99 -27.34 15.88 18.22
CA LYS M 99 -26.49 14.73 17.97
C LYS M 99 -25.90 14.79 16.56
N LEU M 100 -26.76 15.00 15.56
CA LEU M 100 -26.32 15.12 14.18
C LEU M 100 -25.24 16.18 14.02
N LEU M 101 -25.42 17.31 14.70
CA LEU M 101 -24.52 18.46 14.60
C LEU M 101 -23.71 18.59 15.89
N GLY M 102 -23.27 17.47 16.44
CA GLY M 102 -22.63 17.48 17.74
C GLY M 102 -21.21 18.04 17.72
N ARG M 103 -20.44 17.69 16.69
CA ARG M 103 -19.06 18.15 16.57
C ARG M 103 -18.93 19.30 15.56
N VAL M 104 -19.95 20.15 15.47
CA VAL M 104 -19.93 21.32 14.62
C VAL M 104 -20.08 22.56 15.51
N THR M 105 -19.63 23.70 14.98
CA THR M 105 -19.67 24.98 15.69
C THR M 105 -20.33 26.02 14.80
N ILE M 106 -21.49 26.51 15.24
CA ILE M 106 -22.28 27.52 14.52
C ILE M 106 -21.65 28.88 14.79
N ALA M 107 -20.90 29.40 13.81
CA ALA M 107 -20.29 30.72 13.93
C ALA M 107 -21.32 31.77 14.30
N GLN M 108 -20.95 32.66 15.22
CA GLN M 108 -21.81 33.74 15.69
C GLN M 108 -23.08 33.21 16.35
N GLY M 109 -23.00 32.01 16.92
CA GLY M 109 -24.18 31.37 17.46
C GLY M 109 -24.25 31.35 18.98
N GLY M 110 -23.10 31.48 19.64
CA GLY M 110 -23.11 31.45 21.08
C GLY M 110 -23.41 30.06 21.63
N VAL M 111 -23.79 30.05 22.91
CA VAL M 111 -24.04 28.82 23.64
C VAL M 111 -25.35 28.95 24.40
N LEU M 112 -25.99 27.81 24.64
CA LEU M 112 -27.22 27.80 25.39
C LEU M 112 -26.98 28.33 26.81
N PRO M 113 -27.84 29.20 27.32
CA PRO M 113 -27.73 29.65 28.71
C PRO M 113 -27.80 28.47 29.66
N ASN M 114 -26.77 28.32 30.49
CA ASN M 114 -26.71 27.22 31.43
C ASN M 114 -25.73 27.55 32.55
N ILE M 115 -26.24 27.60 33.79
CA ILE M 115 -25.42 27.80 34.97
C ILE M 115 -25.57 26.58 35.86
N GLN M 116 -24.46 25.92 36.16
CA GLN M 116 -24.45 24.78 37.07
C GLN M 116 -25.05 25.16 38.43
N ALA M 117 -25.95 24.33 38.94
CA ALA M 117 -26.72 24.69 40.13
C ALA M 117 -25.82 24.98 41.33
N VAL M 118 -24.69 24.27 41.42
CA VAL M 118 -23.75 24.48 42.51
C VAL M 118 -23.18 25.89 42.53
N LEU M 119 -23.26 26.61 41.41
CA LEU M 119 -22.68 27.95 41.31
C LEU M 119 -23.68 29.05 41.65
N LEU M 120 -24.93 28.70 41.94
CA LEU M 120 -25.97 29.65 42.30
C LEU M 120 -25.89 29.96 43.79
N PRO M 121 -26.65 30.98 44.29
CA PRO M 121 -26.34 31.37 45.67
C PRO M 121 -26.88 30.40 46.73
N SER N 36 -17.39 34.88 -13.05
CA SER N 36 -17.74 35.75 -11.95
C SER N 36 -18.78 35.11 -11.03
N ARG N 37 -19.36 34.01 -11.49
CA ARG N 37 -20.48 33.37 -10.80
C ARG N 37 -19.97 32.26 -9.89
N LYS N 38 -20.48 32.22 -8.67
CA LYS N 38 -20.22 31.15 -7.72
C LYS N 38 -21.55 30.68 -7.14
N GLU N 39 -21.72 29.37 -7.06
CA GLU N 39 -23.00 28.79 -6.74
C GLU N 39 -23.16 28.63 -5.23
N SER N 40 -24.40 28.46 -4.79
CA SER N 40 -24.70 28.14 -3.39
C SER N 40 -26.08 27.49 -3.35
N TYR N 41 -26.59 27.27 -2.13
CA TYR N 41 -27.93 26.75 -1.93
C TYR N 41 -28.87 27.82 -1.37
N SER N 42 -28.53 29.09 -1.53
CA SER N 42 -29.23 30.14 -0.79
C SER N 42 -30.67 30.26 -1.23
N ILE N 43 -30.92 30.27 -2.54
CA ILE N 43 -32.28 30.46 -3.05
C ILE N 43 -33.18 29.31 -2.63
N TYR N 44 -32.65 28.10 -2.51
CA TYR N 44 -33.48 26.95 -2.14
C TYR N 44 -33.79 26.94 -0.65
N VAL N 45 -32.84 27.30 0.21
CA VAL N 45 -33.19 27.39 1.61
C VAL N 45 -34.12 28.57 1.84
N TYR N 46 -34.07 29.59 0.97
CA TYR N 46 -35.07 30.65 1.03
C TYR N 46 -36.44 30.13 0.60
N LYS N 47 -36.46 29.29 -0.45
CA LYS N 47 -37.72 28.70 -0.91
C LYS N 47 -38.36 27.86 0.19
N VAL N 48 -37.56 26.96 0.80
CA VAL N 48 -38.06 26.14 1.90
C VAL N 48 -38.47 27.01 3.08
N LEU N 49 -37.68 28.05 3.37
CA LEU N 49 -37.98 28.93 4.48
C LEU N 49 -39.34 29.60 4.30
N LYS N 50 -39.58 30.18 3.13
CA LYS N 50 -40.88 30.77 2.84
C LYS N 50 -41.97 29.72 2.70
N GLN N 51 -41.59 28.46 2.50
CA GLN N 51 -42.58 27.38 2.52
C GLN N 51 -43.06 27.09 3.94
N VAL N 52 -42.14 27.11 4.90
CA VAL N 52 -42.45 26.72 6.27
C VAL N 52 -42.78 27.92 7.15
N HIS N 53 -42.12 29.05 6.92
CA HIS N 53 -42.36 30.29 7.65
C HIS N 53 -42.47 31.44 6.64
N PRO N 54 -43.65 31.67 6.08
CA PRO N 54 -43.75 32.72 5.04
C PRO N 54 -43.39 34.11 5.55
N ASP N 55 -43.57 34.37 6.85
CA ASP N 55 -43.34 35.72 7.37
C ASP N 55 -41.86 36.01 7.64
N THR N 56 -41.10 35.02 8.12
CA THR N 56 -39.73 35.31 8.55
C THR N 56 -38.75 35.31 7.38
N GLY N 57 -37.62 35.98 7.61
CA GLY N 57 -36.56 36.09 6.63
C GLY N 57 -35.25 35.58 7.20
N ILE N 58 -34.12 35.93 6.60
CA ILE N 58 -32.83 35.40 7.06
C ILE N 58 -31.72 36.39 6.73
N SER N 59 -30.77 36.53 7.67
CA SER N 59 -29.55 37.31 7.50
C SER N 59 -28.50 36.54 6.70
N SER N 60 -27.50 37.28 6.21
CA SER N 60 -26.43 36.70 5.38
C SER N 60 -25.67 35.61 6.10
N LYS N 61 -25.20 35.87 7.33
CA LYS N 61 -24.47 34.86 8.07
C LYS N 61 -25.30 33.60 8.29
N ALA N 62 -26.53 33.74 8.78
CA ALA N 62 -27.40 32.59 8.92
C ALA N 62 -27.54 31.84 7.60
N MET N 63 -27.53 32.57 6.48
CA MET N 63 -27.56 31.93 5.18
C MET N 63 -26.30 31.12 4.93
N GLY N 64 -25.15 31.63 5.37
CA GLY N 64 -23.91 30.88 5.23
C GLY N 64 -23.87 29.65 6.10
N ILE N 65 -24.45 29.74 7.30
CA ILE N 65 -24.60 28.57 8.17
C ILE N 65 -25.44 27.50 7.47
N MET N 66 -26.57 27.92 6.89
CA MET N 66 -27.44 26.97 6.22
C MET N 66 -26.72 26.31 5.05
N ASN N 67 -25.95 27.10 4.30
CA ASN N 67 -25.27 26.56 3.12
C ASN N 67 -24.15 25.61 3.50
N SER N 68 -23.40 25.96 4.55
CA SER N 68 -22.40 25.04 5.10
C SER N 68 -23.04 23.77 5.61
N PHE N 69 -24.22 23.86 6.22
CA PHE N 69 -24.92 22.67 6.69
C PHE N 69 -25.28 21.77 5.52
N VAL N 70 -25.84 22.35 4.45
CA VAL N 70 -26.24 21.54 3.30
C VAL N 70 -25.03 20.87 2.67
N ASN N 71 -23.94 21.62 2.50
CA ASN N 71 -22.73 21.03 1.93
C ASN N 71 -22.16 19.92 2.81
N ASP N 72 -22.11 20.16 4.12
CA ASP N 72 -21.58 19.15 5.03
C ASP N 72 -22.40 17.86 4.95
N ILE N 73 -23.72 17.96 5.17
CA ILE N 73 -24.51 16.73 5.17
C ILE N 73 -24.48 16.06 3.81
N PHE N 74 -24.42 16.84 2.73
CA PHE N 74 -24.21 16.26 1.42
C PHE N 74 -22.94 15.39 1.39
N GLU N 75 -21.80 15.96 1.80
CA GLU N 75 -20.55 15.19 1.75
C GLU N 75 -20.58 13.97 2.67
N ARG N 76 -21.26 14.05 3.81
CA ARG N 76 -21.37 12.87 4.65
C ARG N 76 -22.15 11.77 3.94
N ILE N 77 -23.34 12.10 3.43
CA ILE N 77 -24.21 11.10 2.81
C ILE N 77 -23.55 10.52 1.56
N ALA N 78 -22.98 11.37 0.72
CA ALA N 78 -22.33 10.89 -0.50
C ALA N 78 -21.08 10.07 -0.18
N GLY N 79 -20.32 10.48 0.83
CA GLY N 79 -19.17 9.71 1.27
C GLY N 79 -19.55 8.31 1.70
N GLU N 80 -20.49 8.21 2.65
CA GLU N 80 -20.91 6.90 3.12
C GLU N 80 -21.51 6.08 1.99
N ALA N 81 -22.24 6.72 1.08
CA ALA N 81 -22.81 6.02 -0.05
C ALA N 81 -21.72 5.44 -0.95
N SER N 82 -20.65 6.21 -1.20
CA SER N 82 -19.57 5.73 -2.05
C SER N 82 -18.83 4.56 -1.40
N ARG N 83 -18.51 4.70 -0.11
CA ARG N 83 -17.83 3.63 0.59
C ARG N 83 -18.71 2.39 0.67
N LEU N 84 -20.00 2.58 0.83
CA LEU N 84 -20.94 1.49 0.98
C LEU N 84 -21.23 0.81 -0.34
N ALA N 85 -21.07 1.52 -1.46
CA ALA N 85 -20.99 0.88 -2.76
C ALA N 85 -19.71 0.08 -2.92
N HIS N 86 -18.59 0.61 -2.41
CA HIS N 86 -17.30 -0.05 -2.59
C HIS N 86 -17.21 -1.36 -1.80
N TYR N 87 -17.64 -1.34 -0.53
CA TYR N 87 -17.63 -2.55 0.28
C TYR N 87 -18.37 -3.68 -0.39
N ASN N 88 -19.41 -3.37 -1.15
CA ASN N 88 -20.23 -4.37 -1.81
C ASN N 88 -19.83 -4.56 -3.27
N LYS N 89 -18.67 -4.04 -3.66
CA LYS N 89 -18.04 -4.29 -4.96
C LYS N 89 -18.95 -3.94 -6.13
N ARG N 90 -19.92 -3.06 -5.89
CA ARG N 90 -20.87 -2.60 -6.89
C ARG N 90 -20.49 -1.19 -7.33
N SER N 91 -20.52 -0.97 -8.65
CA SER N 91 -19.94 0.22 -9.27
C SER N 91 -20.93 1.37 -9.45
N THR N 92 -22.14 1.26 -8.88
CA THR N 92 -23.17 2.29 -9.05
C THR N 92 -23.72 2.74 -7.71
N ILE N 93 -23.84 4.05 -7.53
CA ILE N 93 -24.52 4.65 -6.39
C ILE N 93 -26.00 4.78 -6.72
N THR N 94 -26.82 3.96 -6.07
CA THR N 94 -28.26 3.94 -6.30
C THR N 94 -28.95 4.67 -5.14
N SER N 95 -30.28 4.78 -5.23
CA SER N 95 -31.05 5.34 -4.12
C SER N 95 -30.99 4.43 -2.90
N ARG N 96 -30.68 3.15 -3.10
CA ARG N 96 -30.54 2.24 -1.98
C ARG N 96 -29.28 2.57 -1.17
N GLU N 97 -28.18 2.88 -1.85
CA GLU N 97 -26.97 3.30 -1.15
C GLU N 97 -27.23 4.59 -0.38
N ILE N 98 -27.91 5.56 -1.00
CA ILE N 98 -28.24 6.81 -0.31
C ILE N 98 -29.11 6.53 0.91
N GLN N 99 -30.03 5.57 0.81
CA GLN N 99 -30.93 5.40 1.95
C GLN N 99 -30.28 4.61 3.08
N THR N 100 -29.42 3.63 2.78
CA THR N 100 -28.69 2.97 3.86
C THR N 100 -27.63 3.90 4.47
N ALA N 101 -27.02 4.77 3.66
CA ALA N 101 -26.14 5.78 4.21
C ALA N 101 -26.91 6.74 5.11
N VAL N 102 -28.11 7.14 4.68
CA VAL N 102 -28.94 8.04 5.47
C VAL N 102 -29.34 7.36 6.77
N ARG N 103 -29.62 6.06 6.73
CA ARG N 103 -29.88 5.31 7.97
C ARG N 103 -28.65 5.28 8.86
N LEU N 104 -27.45 5.30 8.27
CA LEU N 104 -26.22 5.26 9.06
C LEU N 104 -25.90 6.60 9.73
N LEU N 105 -26.04 7.70 9.00
CA LEU N 105 -25.59 8.99 9.53
C LEU N 105 -26.65 9.64 10.41
N LEU N 106 -27.90 9.62 9.99
CA LEU N 106 -28.88 10.36 10.76
C LEU N 106 -29.30 9.57 12.00
N PRO N 107 -29.53 10.26 13.11
CA PRO N 107 -29.94 9.57 14.33
C PRO N 107 -31.45 9.44 14.46
N GLY N 108 -31.87 8.23 14.80
CA GLY N 108 -33.24 7.96 15.20
C GLY N 108 -34.31 8.50 14.27
N GLU N 109 -35.24 9.26 14.86
CA GLU N 109 -36.48 9.59 14.16
C GLU N 109 -36.24 10.42 12.90
N LEU N 110 -35.23 11.29 12.89
CA LEU N 110 -34.86 11.98 11.66
C LEU N 110 -34.69 11.00 10.51
N ALA N 111 -33.89 9.96 10.74
CA ALA N 111 -33.61 8.97 9.71
C ALA N 111 -34.89 8.32 9.18
N LYS N 112 -35.95 8.31 9.98
CA LYS N 112 -37.24 7.83 9.47
C LYS N 112 -37.84 8.85 8.51
N HIS N 113 -38.01 10.09 8.95
CA HIS N 113 -38.61 11.08 8.05
C HIS N 113 -37.76 11.26 6.80
N ALA N 114 -36.44 11.33 6.98
CA ALA N 114 -35.55 11.39 5.82
C ALA N 114 -35.78 10.20 4.89
N VAL N 115 -35.90 9.00 5.46
CA VAL N 115 -36.10 7.85 4.58
C VAL N 115 -37.47 7.93 3.94
N SER N 116 -38.46 8.51 4.63
CA SER N 116 -39.79 8.64 4.06
C SER N 116 -39.79 9.65 2.90
N GLU N 117 -39.42 10.90 3.19
CA GLU N 117 -39.40 11.93 2.16
C GLU N 117 -38.63 11.44 0.95
N GLY N 118 -37.43 10.92 1.19
CA GLY N 118 -36.57 10.53 0.10
C GLY N 118 -37.22 9.49 -0.79
N THR N 119 -37.87 8.50 -0.18
CA THR N 119 -38.52 7.50 -1.02
C THR N 119 -39.78 8.05 -1.67
N LYS N 120 -40.56 8.86 -0.94
CA LYS N 120 -41.79 9.37 -1.54
C LYS N 120 -41.45 10.21 -2.76
N ALA N 121 -40.47 11.10 -2.62
CA ALA N 121 -40.07 11.92 -3.75
C ALA N 121 -39.65 11.05 -4.93
N VAL N 122 -38.91 9.97 -4.67
CA VAL N 122 -38.41 9.18 -5.80
C VAL N 122 -39.60 8.61 -6.59
N THR N 123 -40.63 8.16 -5.88
CA THR N 123 -41.79 7.64 -6.60
C THR N 123 -42.52 8.77 -7.32
N LYS N 124 -42.65 9.92 -6.66
CA LYS N 124 -43.23 11.08 -7.33
C LYS N 124 -42.42 11.48 -8.55
N TYR N 125 -41.16 11.02 -8.64
CA TYR N 125 -40.34 11.24 -9.82
C TYR N 125 -40.44 10.08 -10.80
N THR N 126 -40.59 8.84 -10.31
CA THR N 126 -40.59 7.68 -11.20
C THR N 126 -41.74 7.76 -12.20
N SER N 127 -42.94 8.07 -11.72
CA SER N 127 -44.05 8.37 -12.60
C SER N 127 -43.74 9.73 -13.24
N ALA N 128 -42.96 9.67 -14.31
CA ALA N 128 -42.34 10.86 -14.93
C ALA N 128 -43.33 12.00 -15.16
N HIS O 43 -20.96 50.86 48.39
CA HIS O 43 -21.91 49.76 48.20
C HIS O 43 -21.25 48.66 47.36
N ARG O 44 -20.41 47.85 48.01
CA ARG O 44 -19.78 46.75 47.31
C ARG O 44 -20.78 45.62 47.07
N TYR O 45 -20.47 44.80 46.07
CA TYR O 45 -21.27 43.63 45.75
C TYR O 45 -20.57 42.41 46.31
N ARG O 46 -21.34 41.51 46.93
CA ARG O 46 -20.78 40.33 47.58
C ARG O 46 -19.97 39.51 46.56
N PRO O 47 -18.80 38.95 46.95
CA PRO O 47 -18.01 38.15 46.01
C PRO O 47 -18.81 37.00 45.43
N GLY O 48 -18.90 36.94 44.11
CA GLY O 48 -19.57 35.85 43.44
C GLY O 48 -20.92 36.16 42.84
N THR O 49 -21.40 37.41 42.94
CA THR O 49 -22.66 37.78 42.31
C THR O 49 -22.49 38.57 41.02
N VAL O 50 -21.56 39.53 41.00
CA VAL O 50 -21.19 40.17 39.73
C VAL O 50 -20.66 39.11 38.77
N ALA O 51 -20.03 38.05 39.30
CA ALA O 51 -19.47 37.00 38.47
C ALA O 51 -20.55 36.30 37.67
N LEU O 52 -21.52 35.68 38.35
CA LEU O 52 -22.56 34.99 37.59
C LEU O 52 -23.49 35.98 36.89
N ARG O 53 -23.55 37.24 37.32
CA ARG O 53 -24.16 38.26 36.47
C ARG O 53 -23.48 38.29 35.11
N GLU O 54 -22.14 38.24 35.13
CA GLU O 54 -21.38 38.21 33.89
C GLU O 54 -21.60 36.91 33.13
N ILE O 55 -21.83 35.81 33.83
CA ILE O 55 -22.14 34.55 33.16
C ILE O 55 -23.44 34.67 32.38
N ARG O 56 -24.48 35.22 33.03
CA ARG O 56 -25.74 35.43 32.33
C ARG O 56 -25.55 36.35 31.12
N ARG O 57 -24.83 37.47 31.32
CA ARG O 57 -24.65 38.44 30.26
C ARG O 57 -23.93 37.83 29.05
N TYR O 58 -22.82 37.14 29.28
CA TYR O 58 -22.03 36.64 28.17
C TYR O 58 -22.59 35.36 27.56
N GLN O 59 -23.38 34.60 28.33
CA GLN O 59 -24.09 33.48 27.71
C GLN O 59 -25.24 33.97 26.85
N LYS O 60 -25.89 35.06 27.25
CA LYS O 60 -26.94 35.64 26.41
C LYS O 60 -26.36 36.35 25.19
N SER O 61 -25.15 36.89 25.31
CA SER O 61 -24.48 37.56 24.21
C SER O 61 -24.00 36.53 23.19
N THR O 62 -23.49 37.04 22.06
CA THR O 62 -22.99 36.18 20.99
C THR O 62 -21.74 36.71 20.32
N GLU O 63 -21.27 37.91 20.66
CA GLU O 63 -20.14 38.50 19.98
C GLU O 63 -18.82 37.84 20.39
N LEU O 64 -17.80 38.07 19.57
CA LEU O 64 -16.45 37.61 19.91
C LEU O 64 -15.98 38.33 21.16
N LEU O 65 -15.29 37.61 22.04
CA LEU O 65 -14.95 38.16 23.34
C LEU O 65 -13.48 38.52 23.51
N ILE O 66 -12.62 38.20 22.54
CA ILE O 66 -11.24 38.65 22.57
C ILE O 66 -11.08 39.69 21.47
N ARG O 67 -10.28 40.71 21.74
CA ARG O 67 -10.25 41.89 20.87
C ARG O 67 -9.63 41.55 19.52
N LYS O 68 -10.12 42.22 18.47
CA LYS O 68 -9.88 41.79 17.10
C LYS O 68 -8.40 41.91 16.71
N LEU O 69 -7.83 43.10 16.89
CA LEU O 69 -6.48 43.35 16.39
C LEU O 69 -5.40 42.53 17.12
N PRO O 70 -5.47 42.38 18.45
CA PRO O 70 -4.53 41.46 19.11
C PRO O 70 -4.59 40.04 18.56
N PHE O 71 -5.79 39.49 18.36
CA PHE O 71 -5.88 38.13 17.81
C PHE O 71 -5.32 38.09 16.39
N GLN O 72 -5.57 39.14 15.61
CA GLN O 72 -5.04 39.21 14.25
C GLN O 72 -3.52 39.16 14.23
N ARG O 73 -2.88 39.97 15.08
CA ARG O 73 -1.42 39.96 15.12
C ARG O 73 -0.89 38.65 15.68
N LEU O 74 -1.62 38.03 16.61
CA LEU O 74 -1.24 36.70 17.08
C LEU O 74 -1.21 35.71 15.93
N VAL O 75 -2.29 35.68 15.13
CA VAL O 75 -2.37 34.76 14.00
C VAL O 75 -1.22 35.01 13.02
N ARG O 76 -0.88 36.29 12.81
CA ARG O 76 0.19 36.59 11.86
C ARG O 76 1.55 36.10 12.38
N GLU O 77 1.82 36.37 13.66
CA GLU O 77 3.09 35.93 14.24
C GLU O 77 3.21 34.41 14.22
N ILE O 78 2.14 33.70 14.61
CA ILE O 78 2.16 32.24 14.57
C ILE O 78 2.37 31.74 13.14
N ALA O 79 1.68 32.36 12.17
CA ALA O 79 1.77 31.90 10.79
C ALA O 79 3.15 32.12 10.18
N GLN O 80 3.90 33.11 10.68
CA GLN O 80 5.24 33.36 10.12
C GLN O 80 6.18 32.17 10.24
N ASP O 81 5.92 31.23 11.17
CA ASP O 81 6.79 30.08 11.33
C ASP O 81 6.74 29.13 10.13
N PHE O 82 5.53 28.88 9.60
CA PHE O 82 5.39 27.88 8.55
C PHE O 82 5.67 28.47 7.17
N LYS O 83 5.42 29.77 6.99
CA LYS O 83 5.75 30.52 5.80
C LYS O 83 5.74 31.99 6.20
N THR O 84 6.68 32.78 5.66
CA THR O 84 6.82 34.15 6.13
C THR O 84 5.96 35.14 5.34
N ASP O 85 5.87 34.96 4.03
CA ASP O 85 5.20 35.91 3.16
C ASP O 85 3.69 35.67 3.08
N LEU O 86 3.04 35.24 4.16
CA LEU O 86 1.64 34.85 4.08
C LEU O 86 0.71 36.02 4.39
N ARG O 87 -0.31 36.19 3.56
CA ARG O 87 -1.44 37.05 3.85
C ARG O 87 -2.66 36.21 4.18
N PHE O 88 -3.62 36.85 4.83
CA PHE O 88 -4.84 36.21 5.28
C PHE O 88 -6.02 37.02 4.79
N GLN O 89 -6.96 36.35 4.11
CA GLN O 89 -8.24 37.00 3.86
C GLN O 89 -8.93 37.25 5.19
N SER O 90 -9.60 38.39 5.32
CA SER O 90 -10.19 38.76 6.59
C SER O 90 -11.19 37.68 7.04
N SER O 91 -11.98 37.16 6.10
CA SER O 91 -12.85 36.03 6.37
C SER O 91 -12.07 34.87 7.01
N ALA O 92 -10.81 34.68 6.61
CA ALA O 92 -10.04 33.55 7.13
C ALA O 92 -9.69 33.77 8.61
N VAL O 93 -9.15 34.95 8.94
CA VAL O 93 -8.83 35.22 10.34
C VAL O 93 -10.10 35.19 11.17
N MET O 94 -11.24 35.55 10.57
CA MET O 94 -12.48 35.53 11.35
C MET O 94 -12.95 34.10 11.58
N ALA O 95 -12.75 33.23 10.59
CA ALA O 95 -12.95 31.79 10.80
C ALA O 95 -12.07 31.28 11.92
N LEU O 96 -10.79 31.67 11.91
CA LEU O 96 -9.86 31.19 12.92
C LEU O 96 -10.22 31.70 14.31
N GLN O 97 -10.78 32.91 14.39
CA GLN O 97 -11.19 33.42 15.70
C GLN O 97 -12.47 32.75 16.19
N GLU O 98 -13.43 32.53 15.30
CA GLU O 98 -14.64 31.82 15.71
C GLU O 98 -14.29 30.42 16.20
N ALA O 99 -13.40 29.73 15.48
CA ALA O 99 -12.92 28.43 15.94
C ALA O 99 -12.25 28.53 17.30
N CYS O 100 -11.28 29.44 17.44
CA CYS O 100 -10.55 29.59 18.70
C CYS O 100 -11.49 29.82 19.88
N GLU O 101 -12.37 30.83 19.78
CA GLU O 101 -13.25 31.15 20.90
C GLU O 101 -14.19 30.00 21.20
N ALA O 102 -14.75 29.36 20.16
CA ALA O 102 -15.62 28.21 20.39
C ALA O 102 -14.89 27.11 21.15
N TYR O 103 -13.70 26.73 20.66
CA TYR O 103 -12.89 25.72 21.34
C TYR O 103 -12.64 26.09 22.80
N LEU O 104 -12.31 27.36 23.05
CA LEU O 104 -11.99 27.78 24.42
C LEU O 104 -13.21 27.77 25.33
N VAL O 105 -14.40 28.11 24.82
CA VAL O 105 -15.58 28.07 25.69
C VAL O 105 -15.97 26.62 25.97
N GLY O 106 -15.80 25.73 24.98
CA GLY O 106 -16.06 24.33 25.25
C GLY O 106 -15.10 23.75 26.27
N LEU O 107 -13.81 24.06 26.12
CA LEU O 107 -12.81 23.68 27.11
C LEU O 107 -13.16 24.25 28.49
N PHE O 108 -13.65 25.48 28.53
CA PHE O 108 -13.94 26.10 29.82
C PHE O 108 -15.15 25.47 30.50
N GLU O 109 -16.16 25.06 29.72
CA GLU O 109 -17.29 24.38 30.33
C GLU O 109 -16.91 22.98 30.82
N ASP O 110 -16.12 22.23 30.04
CA ASP O 110 -15.65 20.93 30.52
C ASP O 110 -14.80 21.09 31.78
N THR O 111 -13.89 22.06 31.76
CA THR O 111 -13.06 22.37 32.93
C THR O 111 -13.91 22.72 34.13
N ASN O 112 -14.99 23.47 33.91
CA ASN O 112 -15.92 23.78 34.98
C ASN O 112 -16.54 22.51 35.55
N LEU O 113 -16.81 21.54 34.67
CA LEU O 113 -17.33 20.26 35.13
C LEU O 113 -16.34 19.53 36.01
N CYS O 114 -15.06 19.49 35.61
CA CYS O 114 -14.04 18.86 36.44
C CYS O 114 -13.90 19.56 37.79
N ALA O 115 -13.82 20.89 37.77
CA ALA O 115 -13.71 21.65 39.01
C ALA O 115 -14.84 21.29 39.97
N ILE O 116 -16.08 21.31 39.47
CA ILE O 116 -17.19 20.91 40.34
C ILE O 116 -17.03 19.46 40.78
N HIS O 117 -16.46 18.61 39.93
CA HIS O 117 -16.29 17.20 40.29
C HIS O 117 -15.33 17.04 41.47
N ALA O 118 -14.33 17.90 41.58
CA ALA O 118 -13.45 17.90 42.74
C ALA O 118 -14.01 18.70 43.91
N LYS O 119 -15.33 18.85 43.98
CA LYS O 119 -16.02 19.54 45.08
C LYS O 119 -15.52 20.97 45.25
N ARG O 120 -15.39 21.69 44.13
CA ARG O 120 -14.88 23.05 44.14
C ARG O 120 -15.77 23.96 43.29
N VAL O 121 -15.45 25.25 43.33
CA VAL O 121 -16.20 26.27 42.60
C VAL O 121 -15.19 27.09 41.80
N THR O 122 -13.91 26.89 42.11
CA THR O 122 -12.82 27.61 41.48
C THR O 122 -12.21 26.73 40.40
N ILE O 123 -12.19 27.24 39.18
CA ILE O 123 -11.59 26.53 38.06
C ILE O 123 -10.08 26.80 38.11
N MET O 124 -9.27 25.75 38.00
CA MET O 124 -7.83 25.86 38.13
C MET O 124 -7.17 24.85 37.20
N PRO O 125 -5.87 25.02 36.89
CA PRO O 125 -5.24 24.20 35.83
C PRO O 125 -5.35 22.69 36.00
N LYS O 126 -5.48 22.18 37.23
CA LYS O 126 -5.80 20.77 37.43
C LYS O 126 -6.93 20.35 36.51
N ASP O 127 -8.01 21.15 36.52
CA ASP O 127 -9.23 20.80 35.81
C ASP O 127 -9.03 20.83 34.31
N ILE O 128 -8.40 21.88 33.78
CA ILE O 128 -8.21 21.98 32.33
C ILE O 128 -7.31 20.86 31.84
N GLN O 129 -6.27 20.52 32.60
CA GLN O 129 -5.38 19.46 32.16
C GLN O 129 -6.07 18.10 32.19
N LEU O 130 -6.92 17.87 33.21
CA LEU O 130 -7.71 16.64 33.19
C LEU O 130 -8.65 16.62 31.98
N ALA O 131 -9.30 17.74 31.70
CA ALA O 131 -10.27 17.81 30.61
C ALA O 131 -9.60 17.52 29.26
N ARG O 132 -8.47 18.16 28.99
CA ARG O 132 -7.80 17.90 27.72
C ARG O 132 -7.10 16.54 27.74
N ARG O 133 -6.90 15.95 28.92
CA ARG O 133 -6.39 14.59 28.97
C ARG O 133 -7.44 13.59 28.50
N ILE O 134 -8.65 13.67 29.05
CA ILE O 134 -9.69 12.71 28.65
C ILE O 134 -10.17 12.97 27.22
N ARG O 135 -10.22 14.24 26.82
CA ARG O 135 -10.58 14.57 25.44
C ARG O 135 -9.60 14.01 24.42
N GLY O 136 -8.44 13.55 24.85
CA GLY O 136 -7.42 13.05 23.96
C GLY O 136 -6.61 14.13 23.29
N GLU O 137 -6.75 15.37 23.75
CA GLU O 137 -6.04 16.51 23.19
C GLU O 137 -4.59 16.51 23.66
N ARG O 138 -4.21 15.50 24.45
CA ARG O 138 -2.85 15.35 24.94
C ARG O 138 -2.48 16.50 25.89
N VAL P 25 6.09 41.34 10.96
CA VAL P 25 7.25 41.36 11.84
C VAL P 25 6.80 41.55 13.30
N LEU P 26 6.37 40.47 13.93
CA LEU P 26 5.77 40.53 15.26
C LEU P 26 6.28 39.37 16.13
N ARG P 27 6.39 39.63 17.43
CA ARG P 27 6.72 38.61 18.41
C ARG P 27 6.00 38.91 19.72
N ASP P 28 5.98 37.89 20.59
CA ASP P 28 5.45 37.94 21.98
C ASP P 28 3.97 38.32 22.06
N ASN P 29 3.17 37.97 21.05
CA ASN P 29 1.76 38.37 21.02
C ASN P 29 0.83 37.44 21.79
N ILE P 30 1.33 36.34 22.37
CA ILE P 30 0.43 35.49 23.14
C ILE P 30 -0.05 36.19 24.41
N GLN P 31 0.73 37.14 24.93
CA GLN P 31 0.25 37.98 26.02
C GLN P 31 -0.82 38.95 25.57
N GLY P 32 -0.94 39.18 24.26
CA GLY P 32 -1.98 40.03 23.73
C GLY P 32 -3.37 39.48 23.90
N ILE P 33 -3.50 38.18 24.15
CA ILE P 33 -4.80 37.63 24.49
C ILE P 33 -5.03 38.03 25.94
N THR P 34 -5.65 39.18 26.12
CA THR P 34 -5.76 39.83 27.42
C THR P 34 -6.46 38.93 28.45
N LYS P 35 -6.15 39.19 29.72
CA LYS P 35 -6.80 38.47 30.81
C LYS P 35 -8.30 38.70 30.87
N PRO P 36 -8.84 39.91 30.72
CA PRO P 36 -10.31 40.05 30.64
C PRO P 36 -10.94 39.22 29.55
N ALA P 37 -10.33 39.13 28.37
CA ALA P 37 -10.87 38.30 27.30
C ALA P 37 -11.02 36.86 27.76
N ILE P 38 -9.93 36.25 28.24
CA ILE P 38 -9.98 34.88 28.76
C ILE P 38 -11.06 34.76 29.84
N ARG P 39 -11.11 35.74 30.74
CA ARG P 39 -12.13 35.75 31.78
C ARG P 39 -13.53 35.68 31.19
N ARG P 40 -13.79 36.48 30.15
CA ARG P 40 -15.09 36.45 29.49
C ARG P 40 -15.37 35.07 28.89
N LEU P 41 -14.41 34.55 28.12
CA LEU P 41 -14.55 33.20 27.58
C LEU P 41 -14.98 32.22 28.66
N ALA P 42 -14.31 32.25 29.81
CA ALA P 42 -14.70 31.39 30.92
C ALA P 42 -16.13 31.69 31.38
N ARG P 43 -16.51 32.96 31.42
CA ARG P 43 -17.85 33.32 31.88
C ARG P 43 -18.93 32.75 30.96
N ARG P 44 -18.70 32.84 29.65
CA ARG P 44 -19.64 32.24 28.69
C ARG P 44 -19.67 30.73 28.87
N GLY P 45 -18.52 30.13 29.16
CA GLY P 45 -18.43 28.71 29.48
C GLY P 45 -19.02 28.34 30.83
N GLY P 46 -19.56 29.30 31.57
CA GLY P 46 -20.25 29.00 32.80
C GLY P 46 -19.40 28.99 34.04
N VAL P 47 -18.18 29.51 33.97
CA VAL P 47 -17.27 29.48 35.10
C VAL P 47 -17.51 30.69 36.00
N LYS P 48 -17.53 30.45 37.31
CA LYS P 48 -17.83 31.48 38.30
C LYS P 48 -16.57 32.09 38.91
N ARG P 49 -15.71 31.25 39.47
CA ARG P 49 -14.46 31.68 40.07
C ARG P 49 -13.33 31.02 39.30
N ILE P 50 -12.32 31.79 38.91
CA ILE P 50 -11.28 31.30 38.04
C ILE P 50 -9.94 31.60 38.70
N SER P 51 -9.12 30.57 38.86
CA SER P 51 -7.83 30.73 39.49
C SER P 51 -6.91 31.58 38.62
N GLY P 52 -5.91 32.18 39.27
CA GLY P 52 -5.07 33.15 38.59
C GLY P 52 -4.04 32.54 37.66
N LEU P 53 -3.49 31.38 38.01
CA LEU P 53 -2.49 30.80 37.11
C LEU P 53 -3.10 30.12 35.89
N ILE P 54 -4.42 30.15 35.74
CA ILE P 54 -5.06 29.68 34.51
C ILE P 54 -4.82 30.61 33.34
N TYR P 55 -4.82 31.93 33.58
CA TYR P 55 -4.76 32.88 32.47
C TYR P 55 -3.54 32.63 31.59
N GLU P 56 -2.42 32.27 32.21
CA GLU P 56 -1.26 31.89 31.42
C GLU P 56 -1.45 30.52 30.81
N GLU P 57 -1.91 29.55 31.63
CA GLU P 57 -2.17 28.19 31.16
C GLU P 57 -3.02 28.20 29.90
N THR P 58 -4.17 28.90 29.97
CA THR P 58 -5.05 28.98 28.81
C THR P 58 -4.30 29.47 27.59
N ARG P 59 -3.52 30.53 27.75
CA ARG P 59 -2.73 31.04 26.61
C ARG P 59 -1.92 29.94 25.98
N GLY P 60 -1.20 29.16 26.79
CA GLY P 60 -0.44 28.04 26.27
C GLY P 60 -1.32 27.17 25.41
N VAL P 61 -2.43 26.69 25.99
CA VAL P 61 -3.33 25.82 25.25
C VAL P 61 -3.73 26.49 23.95
N LEU P 62 -4.11 27.77 24.03
CA LEU P 62 -4.58 28.45 22.84
C LEU P 62 -3.52 28.40 21.76
N LYS P 63 -2.30 28.78 22.11
CA LYS P 63 -1.22 28.82 21.13
C LYS P 63 -1.17 27.51 20.36
N VAL P 64 -1.07 26.38 21.08
CA VAL P 64 -0.83 25.12 20.36
C VAL P 64 -2.01 24.82 19.46
N PHE P 65 -3.24 25.00 19.97
CA PHE P 65 -4.41 24.82 19.13
C PHE P 65 -4.26 25.63 17.84
N LEU P 66 -4.03 26.94 18.00
CA LEU P 66 -3.92 27.80 16.83
C LEU P 66 -2.77 27.34 15.95
N GLU P 67 -1.63 27.01 16.56
CA GLU P 67 -0.45 26.59 15.81
C GLU P 67 -0.79 25.44 14.88
N ASN P 68 -1.68 24.54 15.32
CA ASN P 68 -2.03 23.43 14.47
C ASN P 68 -2.99 23.85 13.37
N VAL P 69 -4.05 24.57 13.75
CA VAL P 69 -5.06 24.92 12.75
C VAL P 69 -4.41 25.72 11.62
N ILE P 70 -3.56 26.67 11.99
CA ILE P 70 -2.85 27.45 10.98
C ILE P 70 -1.94 26.54 10.15
N ARG P 71 -1.15 25.68 10.81
CA ARG P 71 -0.20 24.86 10.04
C ARG P 71 -0.94 24.01 9.02
N ASP P 72 -1.99 23.31 9.44
CA ASP P 72 -2.82 22.55 8.52
C ASP P 72 -3.27 23.44 7.38
N ALA P 73 -3.84 24.61 7.73
CA ALA P 73 -4.34 25.53 6.72
C ALA P 73 -3.28 25.81 5.67
N VAL P 74 -2.04 26.07 6.11
CA VAL P 74 -1.02 26.52 5.17
C VAL P 74 -0.76 25.43 4.14
N THR P 75 -0.78 24.16 4.56
CA THR P 75 -0.53 23.09 3.62
C THR P 75 -1.63 23.03 2.57
N TYR P 76 -2.88 23.28 2.98
CA TYR P 76 -3.94 23.43 2.00
C TYR P 76 -3.66 24.61 1.08
N THR P 77 -3.28 25.74 1.66
CA THR P 77 -2.98 26.92 0.84
C THR P 77 -1.80 26.65 -0.08
N GLU P 78 -0.70 26.15 0.48
CA GLU P 78 0.44 25.75 -0.34
C GLU P 78 0.04 24.76 -1.41
N HIS P 79 -0.98 23.93 -1.15
CA HIS P 79 -1.38 22.98 -2.18
C HIS P 79 -2.13 23.69 -3.30
N ALA P 80 -2.93 24.70 -2.96
CA ALA P 80 -3.54 25.53 -3.98
C ALA P 80 -2.56 26.53 -4.57
N LYS P 81 -1.30 26.48 -4.15
CA LYS P 81 -0.21 27.25 -4.77
C LYS P 81 -0.48 28.74 -4.74
N ARG P 82 -1.00 29.24 -3.63
CA ARG P 82 -1.27 30.66 -3.44
C ARG P 82 -0.31 31.25 -2.41
N LYS P 83 -0.53 32.53 -2.10
CA LYS P 83 0.22 33.25 -1.09
C LYS P 83 -0.69 33.86 -0.04
N THR P 84 -2.00 33.83 -0.24
CA THR P 84 -2.97 34.16 0.80
C THR P 84 -3.71 32.89 1.18
N VAL P 85 -3.81 32.62 2.47
CA VAL P 85 -4.66 31.54 2.95
C VAL P 85 -6.09 32.04 2.97
N THR P 86 -6.98 31.31 2.30
CA THR P 86 -8.38 31.69 2.29
C THR P 86 -9.12 31.02 3.44
N ALA P 87 -10.36 31.47 3.67
CA ALA P 87 -11.17 30.90 4.74
C ALA P 87 -11.43 29.42 4.51
N MET P 88 -11.45 28.98 3.25
CA MET P 88 -11.64 27.56 2.95
C MET P 88 -10.48 26.71 3.44
N ASP P 89 -9.28 27.25 3.50
CA ASP P 89 -8.17 26.52 4.09
C ASP P 89 -8.38 26.34 5.58
N VAL P 90 -8.91 27.37 6.25
CA VAL P 90 -9.25 27.25 7.66
C VAL P 90 -10.32 26.20 7.87
N VAL P 91 -11.37 26.25 7.06
CA VAL P 91 -12.50 25.34 7.24
C VAL P 91 -12.10 23.90 6.93
N TYR P 92 -11.25 23.71 5.91
CA TYR P 92 -10.74 22.38 5.62
C TYR P 92 -9.83 21.89 6.73
N ALA P 93 -8.93 22.75 7.20
CA ALA P 93 -8.04 22.39 8.29
C ALA P 93 -8.83 21.93 9.51
N LEU P 94 -9.86 22.69 9.88
CA LEU P 94 -10.69 22.33 11.02
C LEU P 94 -11.48 21.05 10.76
N LYS P 95 -11.99 20.88 9.54
CA LYS P 95 -12.77 19.69 9.23
C LYS P 95 -11.91 18.45 9.36
N ARG P 96 -10.63 18.53 8.99
CA ARG P 96 -9.73 17.40 9.18
C ARG P 96 -9.50 17.16 10.68
N GLN P 97 -9.44 18.23 11.46
CA GLN P 97 -9.25 18.09 12.91
C GLN P 97 -10.54 17.79 13.64
N GLY P 98 -11.58 17.36 12.93
CA GLY P 98 -12.80 16.97 13.58
C GLY P 98 -13.60 18.11 14.18
N ARG P 99 -13.42 19.35 13.68
CA ARG P 99 -14.13 20.52 14.22
C ARG P 99 -14.67 21.34 13.04
N THR P 100 -15.69 20.81 12.37
CA THR P 100 -16.27 21.49 11.22
C THR P 100 -16.92 22.81 11.63
N LEU P 101 -16.78 23.83 10.77
CA LEU P 101 -17.20 25.19 11.07
C LEU P 101 -18.15 25.68 10.00
N TYR P 102 -19.32 26.17 10.42
CA TYR P 102 -20.34 26.66 9.50
C TYR P 102 -20.30 28.17 9.43
N GLY P 103 -20.43 28.72 8.22
CA GLY P 103 -20.61 30.15 8.05
C GLY P 103 -19.58 30.86 7.20
N PHE P 104 -18.57 30.18 6.67
CA PHE P 104 -17.51 30.82 5.90
C PHE P 104 -17.34 30.11 4.56
N GLY P 105 -16.91 30.88 3.57
CA GLY P 105 -16.74 30.36 2.22
C GLY P 105 -18.04 29.99 1.52
#